data_1SGL
# 
_entry.id   1SGL 
# 
_audit_conform.dict_name       mmcif_pdbx.dic 
_audit_conform.dict_version    5.398 
_audit_conform.dict_location   http://mmcif.pdb.org/dictionaries/ascii/mmcif_pdbx.dic 
# 
loop_
_database_2.database_id 
_database_2.database_code 
_database_2.pdbx_database_accession 
_database_2.pdbx_DOI 
PDB   1SGL         pdb_00001sgl 10.2210/pdb1sgl/pdb 
RCSB  RCSB021691   ?            ?                   
WWPDB D_1000021691 ?            ?                   
# 
loop_
_pdbx_audit_revision_history.ordinal 
_pdbx_audit_revision_history.data_content_type 
_pdbx_audit_revision_history.major_revision 
_pdbx_audit_revision_history.minor_revision 
_pdbx_audit_revision_history.revision_date 
1 'Structure model' 1 0 2004-06-22 
2 'Structure model' 1 1 2008-04-29 
3 'Structure model' 1 2 2011-07-13 
4 'Structure model' 1 3 2024-11-13 
# 
_pdbx_audit_revision_details.ordinal             1 
_pdbx_audit_revision_details.revision_ordinal    1 
_pdbx_audit_revision_details.data_content_type   'Structure model' 
_pdbx_audit_revision_details.provider            repository 
_pdbx_audit_revision_details.type                'Initial release' 
_pdbx_audit_revision_details.description         ? 
_pdbx_audit_revision_details.details             ? 
# 
loop_
_pdbx_audit_revision_group.ordinal 
_pdbx_audit_revision_group.revision_ordinal 
_pdbx_audit_revision_group.data_content_type 
_pdbx_audit_revision_group.group 
1 2 'Structure model' 'Version format compliance' 
2 3 'Structure model' 'Version format compliance' 
3 4 'Structure model' 'Data collection'           
4 4 'Structure model' 'Database references'       
5 4 'Structure model' 'Derived calculations'      
6 4 'Structure model' 'Structure summary'         
# 
loop_
_pdbx_audit_revision_category.ordinal 
_pdbx_audit_revision_category.revision_ordinal 
_pdbx_audit_revision_category.data_content_type 
_pdbx_audit_revision_category.category 
1 4 'Structure model' chem_comp_atom            
2 4 'Structure model' chem_comp_bond            
3 4 'Structure model' database_2                
4 4 'Structure model' pdbx_entry_details        
5 4 'Structure model' pdbx_modification_feature 
6 4 'Structure model' struct_sheet              
7 4 'Structure model' struct_site               
# 
loop_
_pdbx_audit_revision_item.ordinal 
_pdbx_audit_revision_item.revision_ordinal 
_pdbx_audit_revision_item.data_content_type 
_pdbx_audit_revision_item.item 
1 4 'Structure model' '_database_2.pdbx_DOI'                
2 4 'Structure model' '_database_2.pdbx_database_accession' 
3 4 'Structure model' '_struct_sheet.number_strands'        
4 4 'Structure model' '_struct_site.pdbx_auth_asym_id'      
5 4 'Structure model' '_struct_site.pdbx_auth_comp_id'      
6 4 'Structure model' '_struct_site.pdbx_auth_seq_id'       
# 
_pdbx_database_status.status_code                     REL 
_pdbx_database_status.entry_id                        1SGL 
_pdbx_database_status.recvd_initial_deposition_date   2004-02-24 
_pdbx_database_status.deposit_site                    RCSB 
_pdbx_database_status.process_site                    PDBJ 
_pdbx_database_status.status_code_sf                  REL 
_pdbx_database_status.SG_entry                        . 
_pdbx_database_status.status_code_mr                  ? 
_pdbx_database_status.pdb_format_compatible           Y 
_pdbx_database_status.status_code_cs                  ? 
_pdbx_database_status.status_code_nmr_data            ? 
_pdbx_database_status.methods_development_category    ? 
# 
loop_
_audit_author.name 
_audit_author.pdbx_ordinal 
'Gan, J.-H.'       1 
'Yu, L.'           2 
'Wu, J.'           3 
'Xu, H.'           4 
'Choudhary, J.S.'  5 
'Blackstock, W.P.' 6 
'Liu, W.-Y.'       7 
'Xia, Z.-X.'       8 
# 
_citation.id                        primary 
_citation.title                     
'The three-dimensional structure and X-ray sequence reveal that trichomaglin is a novel S-like ribonuclease.' 
_citation.journal_abbrev            Structure 
_citation.journal_volume            12 
_citation.page_first                1015 
_citation.page_last                 1025 
_citation.year                      2004 
_citation.journal_id_ASTM           STRUE6 
_citation.country                   UK 
_citation.journal_id_ISSN           0969-2126 
_citation.journal_id_CSD            2005 
_citation.book_publisher            ? 
_citation.pdbx_database_id_PubMed   15274921 
_citation.pdbx_database_id_DOI      10.1016/j.str.2004.03.023 
# 
loop_
_citation_author.citation_id 
_citation_author.name 
_citation_author.ordinal 
_citation_author.identifier_ORCID 
primary 'Gan, J.H.'        1 ? 
primary 'Yu, L.'           2 ? 
primary 'Wu, J.'           3 ? 
primary 'Xu, H.'           4 ? 
primary 'Choudhary, J.S.'  5 ? 
primary 'Blackstock, W.P.' 6 ? 
primary 'Liu, W.Y.'        7 ? 
primary 'Xia, Z.X.'        8 ? 
# 
loop_
_entity.id 
_entity.type 
_entity.src_method 
_entity.pdbx_description 
_entity.formula_weight 
_entity.pdbx_number_of_molecules 
_entity.pdbx_ec 
_entity.pdbx_mutation 
_entity.pdbx_fragment 
_entity.details 
1 polymer     nat trichomaglin  23552.836 1  3.1.-.- ? ? ? 
2 non-polymer syn 'SULFATE ION' 96.063    4  ?       ? ? ? 
3 water       nat water         18.015    62 ?       ? ? ? 
# 
_entity_name_com.entity_id   1 
_entity_name_com.name        'S-like ribonuclease' 
# 
_entity_poly.entity_id                      1 
_entity_poly.type                           'polypeptide(L)' 
_entity_poly.nstd_linkage                   no 
_entity_poly.nstd_monomer                   no 
_entity_poly.pdbx_seq_one_letter_code       
;DEREFDYFILALQWAGTSCRSGGACCPYNGCCKADSPTQFTIHGLRPEYSGGERPSCCTGGSFDPDEIMPFFGKLVEYWP
TYRCALEQSCNNRKEILWGQQYEKHGTCASPVIKGEWNYFKKTLKLFMKYNVDKALEDAGIVASNSKMYDLKDIVVAVES
AVGARPKLRCDEEGLVQKLSLCFDKDFKPRDCVQVGSCPRYVSLPEIPD
;
_entity_poly.pdbx_seq_one_letter_code_can   
;DEREFDYFILALQWAGTSCRSGGACCPYNGCCKADSPTQFTIHGLRPEYSGGERPSCCTGGSFDPDEIMPFFGKLVEYWP
TYRCALEQSCNNRKEILWGQQYEKHGTCASPVIKGEWNYFKKTLKLFMKYNVDKALEDAGIVASNSKMYDLKDIVVAVES
AVGARPKLRCDEEGLVQKLSLCFDKDFKPRDCVQVGSCPRYVSLPEIPD
;
_entity_poly.pdbx_strand_id                 A 
_entity_poly.pdbx_target_identifier         ? 
# 
loop_
_pdbx_entity_nonpoly.entity_id 
_pdbx_entity_nonpoly.name 
_pdbx_entity_nonpoly.comp_id 
2 'SULFATE ION' SO4 
3 water         HOH 
# 
loop_
_entity_poly_seq.entity_id 
_entity_poly_seq.num 
_entity_poly_seq.mon_id 
_entity_poly_seq.hetero 
1 1   ASP n 
1 2   GLU n 
1 3   ARG n 
1 4   GLU n 
1 5   PHE n 
1 6   ASP n 
1 7   TYR n 
1 8   PHE n 
1 9   ILE n 
1 10  LEU n 
1 11  ALA n 
1 12  LEU n 
1 13  GLN n 
1 14  TRP n 
1 15  ALA n 
1 16  GLY n 
1 17  THR n 
1 18  SER n 
1 19  CYS n 
1 20  ARG n 
1 21  SER n 
1 22  GLY n 
1 23  GLY n 
1 24  ALA n 
1 25  CYS n 
1 26  CYS n 
1 27  PRO n 
1 28  TYR n 
1 29  ASN n 
1 30  GLY n 
1 31  CYS n 
1 32  CYS n 
1 33  LYS n 
1 34  ALA n 
1 35  ASP n 
1 36  SER n 
1 37  PRO n 
1 38  THR n 
1 39  GLN n 
1 40  PHE n 
1 41  THR n 
1 42  ILE n 
1 43  HIS n 
1 44  GLY n 
1 45  LEU n 
1 46  ARG n 
1 47  PRO n 
1 48  GLU n 
1 49  TYR n 
1 50  SER n 
1 51  GLY n 
1 52  GLY n 
1 53  GLU n 
1 54  ARG n 
1 55  PRO n 
1 56  SER n 
1 57  CYS n 
1 58  CYS n 
1 59  THR n 
1 60  GLY n 
1 61  GLY n 
1 62  SER n 
1 63  PHE n 
1 64  ASP n 
1 65  PRO n 
1 66  ASP n 
1 67  GLU n 
1 68  ILE n 
1 69  MET n 
1 70  PRO n 
1 71  PHE n 
1 72  PHE n 
1 73  GLY n 
1 74  LYS n 
1 75  LEU n 
1 76  VAL n 
1 77  GLU n 
1 78  TYR n 
1 79  TRP n 
1 80  PRO n 
1 81  THR n 
1 82  TYR n 
1 83  ARG n 
1 84  CYS n 
1 85  ALA n 
1 86  LEU n 
1 87  GLU n 
1 88  GLN n 
1 89  SER n 
1 90  CYS n 
1 91  ASN n 
1 92  ASN n 
1 93  ARG n 
1 94  LYS n 
1 95  GLU n 
1 96  ILE n 
1 97  LEU n 
1 98  TRP n 
1 99  GLY n 
1 100 GLN n 
1 101 GLN n 
1 102 TYR n 
1 103 GLU n 
1 104 LYS n 
1 105 HIS n 
1 106 GLY n 
1 107 THR n 
1 108 CYS n 
1 109 ALA n 
1 110 SER n 
1 111 PRO n 
1 112 VAL n 
1 113 ILE n 
1 114 LYS n 
1 115 GLY n 
1 116 GLU n 
1 117 TRP n 
1 118 ASN n 
1 119 TYR n 
1 120 PHE n 
1 121 LYS n 
1 122 LYS n 
1 123 THR n 
1 124 LEU n 
1 125 LYS n 
1 126 LEU n 
1 127 PHE n 
1 128 MET n 
1 129 LYS n 
1 130 TYR n 
1 131 ASN n 
1 132 VAL n 
1 133 ASP n 
1 134 LYS n 
1 135 ALA n 
1 136 LEU n 
1 137 GLU n 
1 138 ASP n 
1 139 ALA n 
1 140 GLY n 
1 141 ILE n 
1 142 VAL n 
1 143 ALA n 
1 144 SER n 
1 145 ASN n 
1 146 SER n 
1 147 LYS n 
1 148 MET n 
1 149 TYR n 
1 150 ASP n 
1 151 LEU n 
1 152 LYS n 
1 153 ASP n 
1 154 ILE n 
1 155 VAL n 
1 156 VAL n 
1 157 ALA n 
1 158 VAL n 
1 159 GLU n 
1 160 SER n 
1 161 ALA n 
1 162 VAL n 
1 163 GLY n 
1 164 ALA n 
1 165 ARG n 
1 166 PRO n 
1 167 LYS n 
1 168 LEU n 
1 169 ARG n 
1 170 CYS n 
1 171 ASP n 
1 172 GLU n 
1 173 GLU n 
1 174 GLY n 
1 175 LEU n 
1 176 VAL n 
1 177 GLN n 
1 178 LYS n 
1 179 LEU n 
1 180 SER n 
1 181 LEU n 
1 182 CYS n 
1 183 PHE n 
1 184 ASP n 
1 185 LYS n 
1 186 ASP n 
1 187 PHE n 
1 188 LYS n 
1 189 PRO n 
1 190 ARG n 
1 191 ASP n 
1 192 CYS n 
1 193 VAL n 
1 194 GLN n 
1 195 VAL n 
1 196 GLY n 
1 197 SER n 
1 198 CYS n 
1 199 PRO n 
1 200 ARG n 
1 201 TYR n 
1 202 VAL n 
1 203 SER n 
1 204 LEU n 
1 205 PRO n 
1 206 GLU n 
1 207 ILE n 
1 208 PRO n 
1 209 ASP n 
# 
_entity_src_nat.entity_id                  1 
_entity_src_nat.pdbx_src_id                1 
_entity_src_nat.pdbx_alt_source_flag       sample 
_entity_src_nat.pdbx_beg_seq_num           ? 
_entity_src_nat.pdbx_end_seq_num           ? 
_entity_src_nat.common_name                ? 
_entity_src_nat.pdbx_organism_scientific   'Trichosanthes lepiniana' 
_entity_src_nat.pdbx_ncbi_taxonomy_id      282652 
_entity_src_nat.genus                      Trichosanthes 
_entity_src_nat.species                    ? 
_entity_src_nat.strain                     ? 
_entity_src_nat.tissue                     ? 
_entity_src_nat.tissue_fraction            ? 
_entity_src_nat.pdbx_secretion             ? 
_entity_src_nat.pdbx_fragment              ? 
_entity_src_nat.pdbx_variant               ? 
_entity_src_nat.pdbx_cell_line             ? 
_entity_src_nat.pdbx_atcc                  ? 
_entity_src_nat.pdbx_cellular_location     ? 
_entity_src_nat.pdbx_organ                 'root tuber' 
_entity_src_nat.pdbx_organelle             ? 
_entity_src_nat.pdbx_cell                  ? 
_entity_src_nat.pdbx_plasmid_name          ? 
_entity_src_nat.pdbx_plasmid_details       ? 
_entity_src_nat.details                    ? 
# 
loop_
_chem_comp.id 
_chem_comp.type 
_chem_comp.mon_nstd_flag 
_chem_comp.name 
_chem_comp.pdbx_synonyms 
_chem_comp.formula 
_chem_comp.formula_weight 
ALA 'L-peptide linking' y ALANINE         ? 'C3 H7 N O2'     89.093  
ARG 'L-peptide linking' y ARGININE        ? 'C6 H15 N4 O2 1' 175.209 
ASN 'L-peptide linking' y ASPARAGINE      ? 'C4 H8 N2 O3'    132.118 
ASP 'L-peptide linking' y 'ASPARTIC ACID' ? 'C4 H7 N O4'     133.103 
CYS 'L-peptide linking' y CYSTEINE        ? 'C3 H7 N O2 S'   121.158 
GLN 'L-peptide linking' y GLUTAMINE       ? 'C5 H10 N2 O3'   146.144 
GLU 'L-peptide linking' y 'GLUTAMIC ACID' ? 'C5 H9 N O4'     147.129 
GLY 'peptide linking'   y GLYCINE         ? 'C2 H5 N O2'     75.067  
HIS 'L-peptide linking' y HISTIDINE       ? 'C6 H10 N3 O2 1' 156.162 
HOH non-polymer         . WATER           ? 'H2 O'           18.015  
ILE 'L-peptide linking' y ISOLEUCINE      ? 'C6 H13 N O2'    131.173 
LEU 'L-peptide linking' y LEUCINE         ? 'C6 H13 N O2'    131.173 
LYS 'L-peptide linking' y LYSINE          ? 'C6 H15 N2 O2 1' 147.195 
MET 'L-peptide linking' y METHIONINE      ? 'C5 H11 N O2 S'  149.211 
PHE 'L-peptide linking' y PHENYLALANINE   ? 'C9 H11 N O2'    165.189 
PRO 'L-peptide linking' y PROLINE         ? 'C5 H9 N O2'     115.130 
SER 'L-peptide linking' y SERINE          ? 'C3 H7 N O3'     105.093 
SO4 non-polymer         . 'SULFATE ION'   ? 'O4 S -2'        96.063  
THR 'L-peptide linking' y THREONINE       ? 'C4 H9 N O3'     119.119 
TRP 'L-peptide linking' y TRYPTOPHAN      ? 'C11 H12 N2 O2'  204.225 
TYR 'L-peptide linking' y TYROSINE        ? 'C9 H11 N O3'    181.189 
VAL 'L-peptide linking' y VALINE          ? 'C5 H11 N O2'    117.146 
# 
loop_
_pdbx_poly_seq_scheme.asym_id 
_pdbx_poly_seq_scheme.entity_id 
_pdbx_poly_seq_scheme.seq_id 
_pdbx_poly_seq_scheme.mon_id 
_pdbx_poly_seq_scheme.ndb_seq_num 
_pdbx_poly_seq_scheme.pdb_seq_num 
_pdbx_poly_seq_scheme.auth_seq_num 
_pdbx_poly_seq_scheme.pdb_mon_id 
_pdbx_poly_seq_scheme.auth_mon_id 
_pdbx_poly_seq_scheme.pdb_strand_id 
_pdbx_poly_seq_scheme.pdb_ins_code 
_pdbx_poly_seq_scheme.hetero 
A 1 1   ASP 1   1   ?   ?   ?   A . n 
A 1 2   GLU 2   2   ?   ?   ?   A . n 
A 1 3   ARG 3   3   ?   ?   ?   A . n 
A 1 4   GLU 4   4   4   GLU GLU A . n 
A 1 5   PHE 5   5   5   PHE PHE A . n 
A 1 6   ASP 6   6   6   ASP ASP A . n 
A 1 7   TYR 7   7   7   TYR TYR A . n 
A 1 8   PHE 8   8   8   PHE PHE A . n 
A 1 9   ILE 9   9   9   ILE ILE A . n 
A 1 10  LEU 10  10  10  LEU LEU A . n 
A 1 11  ALA 11  11  11  ALA ALA A . n 
A 1 12  LEU 12  12  12  LEU LEU A . n 
A 1 13  GLN 13  13  13  GLN GLN A . n 
A 1 14  TRP 14  14  14  TRP TRP A . n 
A 1 15  ALA 15  15  15  ALA ALA A . n 
A 1 16  GLY 16  16  16  GLY GLY A . n 
A 1 17  THR 17  17  17  THR THR A . n 
A 1 18  SER 18  18  18  SER SER A . n 
A 1 19  CYS 19  19  19  CYS CYS A . n 
A 1 20  ARG 20  20  20  ARG ARG A . n 
A 1 21  SER 21  21  21  SER SER A . n 
A 1 22  GLY 22  22  22  GLY GLY A . n 
A 1 23  GLY 23  23  23  GLY GLY A . n 
A 1 24  ALA 24  24  24  ALA ALA A . n 
A 1 25  CYS 25  25  25  CYS CYS A . n 
A 1 26  CYS 26  26  26  CYS CYS A . n 
A 1 27  PRO 27  27  27  PRO PRO A . n 
A 1 28  TYR 28  28  28  TYR TYR A . n 
A 1 29  ASN 29  29  29  ASN ASN A . n 
A 1 30  GLY 30  30  30  GLY GLY A . n 
A 1 31  CYS 31  31  31  CYS CYS A . n 
A 1 32  CYS 32  32  32  CYS CYS A . n 
A 1 33  LYS 33  33  33  LYS LYS A . n 
A 1 34  ALA 34  34  34  ALA ALA A . n 
A 1 35  ASP 35  35  35  ASP ASP A . n 
A 1 36  SER 36  36  36  SER SER A . n 
A 1 37  PRO 37  37  37  PRO PRO A . n 
A 1 38  THR 38  38  38  THR THR A . n 
A 1 39  GLN 39  39  39  GLN GLN A . n 
A 1 40  PHE 40  40  40  PHE PHE A . n 
A 1 41  THR 41  41  41  THR THR A . n 
A 1 42  ILE 42  42  42  ILE ILE A . n 
A 1 43  HIS 43  43  43  HIS HIS A . n 
A 1 44  GLY 44  44  44  GLY GLY A . n 
A 1 45  LEU 45  45  45  LEU LEU A . n 
A 1 46  ARG 46  46  46  ARG ARG A . n 
A 1 47  PRO 47  47  47  PRO PRO A . n 
A 1 48  GLU 48  48  48  GLU GLU A . n 
A 1 49  TYR 49  49  49  TYR TYR A . n 
A 1 50  SER 50  50  50  SER SER A . n 
A 1 51  GLY 51  51  51  GLY GLY A . n 
A 1 52  GLY 52  52  52  GLY GLY A . n 
A 1 53  GLU 53  53  53  GLU GLU A . n 
A 1 54  ARG 54  54  54  ARG ARG A . n 
A 1 55  PRO 55  55  55  PRO PRO A . n 
A 1 56  SER 56  56  56  SER SER A . n 
A 1 57  CYS 57  57  57  CYS CYS A . n 
A 1 58  CYS 58  58  58  CYS CYS A . n 
A 1 59  THR 59  59  59  THR THR A . n 
A 1 60  GLY 60  60  60  GLY GLY A . n 
A 1 61  GLY 61  61  61  GLY GLY A . n 
A 1 62  SER 62  62  62  SER SER A . n 
A 1 63  PHE 63  63  63  PHE PHE A . n 
A 1 64  ASP 64  64  64  ASP ASP A . n 
A 1 65  PRO 65  65  65  PRO PRO A . n 
A 1 66  ASP 66  66  66  ASP ASP A . n 
A 1 67  GLU 67  67  67  GLU GLU A . n 
A 1 68  ILE 68  68  68  ILE ILE A . n 
A 1 69  MET 69  69  69  MET MET A . n 
A 1 70  PRO 70  70  70  PRO PRO A . n 
A 1 71  PHE 71  71  71  PHE PHE A . n 
A 1 72  PHE 72  72  72  PHE PHE A . n 
A 1 73  GLY 73  73  73  GLY GLY A . n 
A 1 74  LYS 74  74  74  LYS LYS A . n 
A 1 75  LEU 75  75  75  LEU LEU A . n 
A 1 76  VAL 76  76  76  VAL VAL A . n 
A 1 77  GLU 77  77  77  GLU GLU A . n 
A 1 78  TYR 78  78  78  TYR TYR A . n 
A 1 79  TRP 79  79  79  TRP TRP A . n 
A 1 80  PRO 80  80  80  PRO PRO A . n 
A 1 81  THR 81  81  81  THR THR A . n 
A 1 82  TYR 82  82  82  TYR TYR A . n 
A 1 83  ARG 83  83  83  ARG ARG A . n 
A 1 84  CYS 84  84  84  CYS CYS A . n 
A 1 85  ALA 85  85  85  ALA ALA A . n 
A 1 86  LEU 86  86  86  LEU LEU A . n 
A 1 87  GLU 87  87  87  GLU GLU A . n 
A 1 88  GLN 88  88  88  GLN GLN A . n 
A 1 89  SER 89  89  89  SER SER A . n 
A 1 90  CYS 90  90  90  CYS CYS A . n 
A 1 91  ASN 91  91  91  ASN ASN A . n 
A 1 92  ASN 92  92  92  ASN ASN A . n 
A 1 93  ARG 93  93  93  ARG ARG A . n 
A 1 94  LYS 94  94  94  LYS LYS A . n 
A 1 95  GLU 95  95  95  GLU GLU A . n 
A 1 96  ILE 96  96  96  ILE ILE A . n 
A 1 97  LEU 97  97  97  LEU LEU A . n 
A 1 98  TRP 98  98  98  TRP TRP A . n 
A 1 99  GLY 99  99  99  GLY GLY A . n 
A 1 100 GLN 100 100 100 GLN GLN A . n 
A 1 101 GLN 101 101 101 GLN GLN A . n 
A 1 102 TYR 102 102 102 TYR TYR A . n 
A 1 103 GLU 103 103 103 GLU GLU A . n 
A 1 104 LYS 104 104 104 LYS LYS A . n 
A 1 105 HIS 105 105 105 HIS HIS A . n 
A 1 106 GLY 106 106 106 GLY GLY A . n 
A 1 107 THR 107 107 107 THR THR A . n 
A 1 108 CYS 108 108 108 CYS CYS A . n 
A 1 109 ALA 109 109 109 ALA ALA A . n 
A 1 110 SER 110 110 110 SER SER A . n 
A 1 111 PRO 111 111 111 PRO PRO A . n 
A 1 112 VAL 112 112 112 VAL VAL A . n 
A 1 113 ILE 113 113 113 ILE ILE A . n 
A 1 114 LYS 114 114 114 LYS LYS A . n 
A 1 115 GLY 115 115 115 GLY GLY A . n 
A 1 116 GLU 116 116 116 GLU GLU A . n 
A 1 117 TRP 117 117 117 TRP TRP A . n 
A 1 118 ASN 118 118 118 ASN ASN A . n 
A 1 119 TYR 119 119 119 TYR TYR A . n 
A 1 120 PHE 120 120 120 PHE PHE A . n 
A 1 121 LYS 121 121 121 LYS LYS A . n 
A 1 122 LYS 122 122 122 LYS LYS A . n 
A 1 123 THR 123 123 123 THR THR A . n 
A 1 124 LEU 124 124 124 LEU LEU A . n 
A 1 125 LYS 125 125 125 LYS LYS A . n 
A 1 126 LEU 126 126 126 LEU LEU A . n 
A 1 127 PHE 127 127 127 PHE PHE A . n 
A 1 128 MET 128 128 128 MET MET A . n 
A 1 129 LYS 129 129 129 LYS LYS A . n 
A 1 130 TYR 130 130 130 TYR TYR A . n 
A 1 131 ASN 131 131 131 ASN ASN A . n 
A 1 132 VAL 132 132 132 VAL VAL A . n 
A 1 133 ASP 133 133 133 ASP ASP A . n 
A 1 134 LYS 134 134 134 LYS LYS A . n 
A 1 135 ALA 135 135 135 ALA ALA A . n 
A 1 136 LEU 136 136 136 LEU LEU A . n 
A 1 137 GLU 137 137 137 GLU GLU A . n 
A 1 138 ASP 138 138 138 ASP ASP A . n 
A 1 139 ALA 139 139 139 ALA ALA A . n 
A 1 140 GLY 140 140 140 GLY GLY A . n 
A 1 141 ILE 141 141 141 ILE ILE A . n 
A 1 142 VAL 142 142 142 VAL VAL A . n 
A 1 143 ALA 143 143 143 ALA ALA A . n 
A 1 144 SER 144 144 144 SER SER A . n 
A 1 145 ASN 145 145 145 ASN ASN A . n 
A 1 146 SER 146 146 146 SER SER A . n 
A 1 147 LYS 147 147 147 LYS LYS A . n 
A 1 148 MET 148 148 148 MET MET A . n 
A 1 149 TYR 149 149 149 TYR TYR A . n 
A 1 150 ASP 150 150 150 ASP ASP A . n 
A 1 151 LEU 151 151 151 LEU LEU A . n 
A 1 152 LYS 152 152 152 LYS LYS A . n 
A 1 153 ASP 153 153 153 ASP ASP A . n 
A 1 154 ILE 154 154 154 ILE ILE A . n 
A 1 155 VAL 155 155 155 VAL VAL A . n 
A 1 156 VAL 156 156 156 VAL VAL A . n 
A 1 157 ALA 157 157 157 ALA ALA A . n 
A 1 158 VAL 158 158 158 VAL VAL A . n 
A 1 159 GLU 159 159 159 GLU GLU A . n 
A 1 160 SER 160 160 160 SER SER A . n 
A 1 161 ALA 161 161 161 ALA ALA A . n 
A 1 162 VAL 162 162 162 VAL VAL A . n 
A 1 163 GLY 163 163 163 GLY GLY A . n 
A 1 164 ALA 164 164 164 ALA ALA A . n 
A 1 165 ARG 165 165 165 ARG ARG A . n 
A 1 166 PRO 166 166 166 PRO PRO A . n 
A 1 167 LYS 167 167 167 LYS LYS A . n 
A 1 168 LEU 168 168 168 LEU LEU A . n 
A 1 169 ARG 169 169 169 ARG ARG A . n 
A 1 170 CYS 170 170 170 CYS CYS A . n 
A 1 171 ASP 171 171 171 ASP ASP A . n 
A 1 172 GLU 172 172 172 GLU GLU A . n 
A 1 173 GLU 173 173 173 GLU GLU A . n 
A 1 174 GLY 174 174 174 GLY GLY A . n 
A 1 175 LEU 175 175 175 LEU LEU A . n 
A 1 176 VAL 176 176 176 VAL VAL A . n 
A 1 177 GLN 177 177 177 GLN GLN A . n 
A 1 178 LYS 178 178 178 LYS LYS A . n 
A 1 179 LEU 179 179 179 LEU LEU A . n 
A 1 180 SER 180 180 180 SER SER A . n 
A 1 181 LEU 181 181 181 LEU LEU A . n 
A 1 182 CYS 182 182 182 CYS CYS A . n 
A 1 183 PHE 183 183 183 PHE PHE A . n 
A 1 184 ASP 184 184 184 ASP ASP A . n 
A 1 185 LYS 185 185 185 LYS LYS A . n 
A 1 186 ASP 186 186 186 ASP ASP A . n 
A 1 187 PHE 187 187 187 PHE PHE A . n 
A 1 188 LYS 188 188 188 LYS LYS A . n 
A 1 189 PRO 189 189 189 PRO PRO A . n 
A 1 190 ARG 190 190 190 ARG ARG A . n 
A 1 191 ASP 191 191 191 ASP ASP A . n 
A 1 192 CYS 192 192 192 CYS CYS A . n 
A 1 193 VAL 193 193 193 VAL VAL A . n 
A 1 194 GLN 194 194 194 GLN GLN A . n 
A 1 195 VAL 195 195 195 VAL VAL A . n 
A 1 196 GLY 196 196 196 GLY GLY A . n 
A 1 197 SER 197 197 197 SER SER A . n 
A 1 198 CYS 198 198 198 CYS CYS A . n 
A 1 199 PRO 199 199 199 PRO PRO A . n 
A 1 200 ARG 200 200 200 ARG ARG A . n 
A 1 201 TYR 201 201 201 TYR TYR A . n 
A 1 202 VAL 202 202 202 VAL VAL A . n 
A 1 203 SER 203 203 203 SER SER A . n 
A 1 204 LEU 204 204 204 LEU LEU A . n 
A 1 205 PRO 205 205 205 PRO PRO A . n 
A 1 206 GLU 206 206 206 GLU GLU A . n 
A 1 207 ILE 207 207 207 ILE ILE A . n 
A 1 208 PRO 208 208 208 PRO PRO A . n 
A 1 209 ASP 209 209 209 ASP ASP A . n 
# 
loop_
_pdbx_nonpoly_scheme.asym_id 
_pdbx_nonpoly_scheme.entity_id 
_pdbx_nonpoly_scheme.mon_id 
_pdbx_nonpoly_scheme.ndb_seq_num 
_pdbx_nonpoly_scheme.pdb_seq_num 
_pdbx_nonpoly_scheme.auth_seq_num 
_pdbx_nonpoly_scheme.pdb_mon_id 
_pdbx_nonpoly_scheme.auth_mon_id 
_pdbx_nonpoly_scheme.pdb_strand_id 
_pdbx_nonpoly_scheme.pdb_ins_code 
B 2 SO4 1  251 251 SO4 SO4 A . 
C 2 SO4 1  252 252 SO4 SO4 A . 
D 2 SO4 1  253 253 SO4 SO4 A . 
E 2 SO4 1  254 254 SO4 SO4 A . 
F 3 HOH 1  301 301 HOH HOH A . 
F 3 HOH 2  302 302 HOH HOH A . 
F 3 HOH 3  303 303 HOH HOH A . 
F 3 HOH 4  304 304 HOH HOH A . 
F 3 HOH 5  305 305 HOH HOH A . 
F 3 HOH 6  306 306 HOH HOH A . 
F 3 HOH 7  307 307 HOH HOH A . 
F 3 HOH 8  308 308 HOH HOH A . 
F 3 HOH 9  309 309 HOH HOH A . 
F 3 HOH 10 310 310 HOH HOH A . 
F 3 HOH 11 311 311 HOH HOH A . 
F 3 HOH 12 312 312 HOH HOH A . 
F 3 HOH 13 313 313 HOH HOH A . 
F 3 HOH 14 314 314 HOH HOH A . 
F 3 HOH 15 315 315 HOH HOH A . 
F 3 HOH 16 316 316 HOH HOH A . 
F 3 HOH 17 317 317 HOH HOH A . 
F 3 HOH 18 318 318 HOH HOH A . 
F 3 HOH 19 319 319 HOH HOH A . 
F 3 HOH 20 320 320 HOH HOH A . 
F 3 HOH 21 321 321 HOH HOH A . 
F 3 HOH 22 322 322 HOH HOH A . 
F 3 HOH 23 323 323 HOH HOH A . 
F 3 HOH 24 324 324 HOH HOH A . 
F 3 HOH 25 325 325 HOH HOH A . 
F 3 HOH 26 326 326 HOH HOH A . 
F 3 HOH 27 327 327 HOH HOH A . 
F 3 HOH 28 328 328 HOH HOH A . 
F 3 HOH 29 329 329 HOH HOH A . 
F 3 HOH 30 330 330 HOH HOH A . 
F 3 HOH 31 331 331 HOH HOH A . 
F 3 HOH 32 332 332 HOH HOH A . 
F 3 HOH 33 333 333 HOH HOH A . 
F 3 HOH 34 334 334 HOH HOH A . 
F 3 HOH 35 335 335 HOH HOH A . 
F 3 HOH 36 336 336 HOH HOH A . 
F 3 HOH 37 337 337 HOH HOH A . 
F 3 HOH 38 338 338 HOH HOH A . 
F 3 HOH 39 339 339 HOH HOH A . 
F 3 HOH 40 340 340 HOH HOH A . 
F 3 HOH 41 341 341 HOH HOH A . 
F 3 HOH 42 342 342 HOH HOH A . 
F 3 HOH 43 343 343 HOH HOH A . 
F 3 HOH 44 344 344 HOH HOH A . 
F 3 HOH 45 345 345 HOH HOH A . 
F 3 HOH 46 346 346 HOH HOH A . 
F 3 HOH 47 347 347 HOH HOH A . 
F 3 HOH 48 348 348 HOH HOH A . 
F 3 HOH 49 349 349 HOH HOH A . 
F 3 HOH 50 350 350 HOH HOH A . 
F 3 HOH 51 351 351 HOH HOH A . 
F 3 HOH 52 352 352 HOH HOH A . 
F 3 HOH 53 353 353 HOH HOH A . 
F 3 HOH 54 354 354 HOH HOH A . 
F 3 HOH 55 355 355 HOH HOH A . 
F 3 HOH 56 356 356 HOH HOH A . 
F 3 HOH 57 357 357 HOH HOH A . 
F 3 HOH 58 358 358 HOH HOH A . 
F 3 HOH 59 359 359 HOH HOH A . 
F 3 HOH 60 360 360 HOH HOH A . 
F 3 HOH 61 361 361 HOH HOH A . 
F 3 HOH 62 362 362 HOH HOH A . 
# 
loop_
_software.name 
_software.classification 
_software.version 
_software.citation_id 
_software.pdbx_ordinal 
CNS       refinement       1.1 ? 1 
DENZO     'data reduction' .   ? 2 
SCALEPACK 'data scaling'   .   ? 3 
SOLVE     phasing          .   ? 4 
# 
_cell.entry_id           1SGL 
_cell.length_a           93.990 
_cell.length_b           93.990 
_cell.length_c           57.765 
_cell.angle_alpha        90.00 
_cell.angle_beta         90.00 
_cell.angle_gamma        120.00 
_cell.Z_PDB              6 
_cell.pdbx_unique_axis   ? 
_cell.length_a_esd       ? 
_cell.length_b_esd       ? 
_cell.length_c_esd       ? 
_cell.angle_alpha_esd    ? 
_cell.angle_beta_esd     ? 
_cell.angle_gamma_esd    ? 
# 
_symmetry.entry_id                         1SGL 
_symmetry.space_group_name_H-M             'P 61' 
_symmetry.pdbx_full_space_group_name_H-M   ? 
_symmetry.cell_setting                     ? 
_symmetry.Int_Tables_number                169 
_symmetry.space_group_name_Hall            ? 
# 
_exptl.entry_id          1SGL 
_exptl.method            'X-RAY DIFFRACTION' 
_exptl.crystals_number   1 
# 
_exptl_crystal.id                    1 
_exptl_crystal.density_meas          ? 
_exptl_crystal.density_Matthews      2.99 
_exptl_crystal.density_percent_sol   58.92 
_exptl_crystal.description           ? 
_exptl_crystal.F_000                 ? 
_exptl_crystal.preparation           ? 
# 
_exptl_crystal_grow.crystal_id      1 
_exptl_crystal_grow.method          'VAPOR DIFFUSION, HANGING DROP' 
_exptl_crystal_grow.temp            293 
_exptl_crystal_grow.temp_details    ? 
_exptl_crystal_grow.pH              8.5 
_exptl_crystal_grow.pdbx_details    
'PEG 4000, tris-hydrochloric acid, potassium hydrogen sulfate, pH 8.5, VAPOR DIFFUSION, HANGING DROP, temperature 293K' 
_exptl_crystal_grow.pdbx_pH_range   . 
# 
_diffrn.id                     1 
_diffrn.ambient_temp           293 
_diffrn.ambient_temp_details   ? 
_diffrn.crystal_id             1 
# 
_diffrn_detector.diffrn_id              1 
_diffrn_detector.detector               'IMAGE PLATE' 
_diffrn_detector.type                   MARRESEARCH 
_diffrn_detector.pdbx_collection_date   1999-04-01 
_diffrn_detector.details                ? 
# 
_diffrn_radiation.diffrn_id                        1 
_diffrn_radiation.wavelength_id                    1 
_diffrn_radiation.pdbx_monochromatic_or_laue_m_l   M 
_diffrn_radiation.monochromator                    ? 
_diffrn_radiation.pdbx_diffrn_protocol             'SINGLE WAVELENGTH' 
_diffrn_radiation.pdbx_scattering_type             x-ray 
# 
_diffrn_radiation_wavelength.id           1 
_diffrn_radiation_wavelength.wavelength   1.5418 
_diffrn_radiation_wavelength.wt           1.0 
# 
_diffrn_source.diffrn_id                   1 
_diffrn_source.source                      'SEALED TUBE' 
_diffrn_source.type                        ? 
_diffrn_source.pdbx_synchrotron_site       ? 
_diffrn_source.pdbx_synchrotron_beamline   ? 
_diffrn_source.pdbx_wavelength             ? 
_diffrn_source.pdbx_wavelength_list        1.5418 
# 
_reflns.entry_id                     1SGL 
_reflns.observed_criterion_sigma_I   ? 
_reflns.observed_criterion_sigma_F   2.0 
_reflns.d_resolution_low             23.56 
_reflns.d_resolution_high            2.2 
_reflns.number_obs                   14868 
_reflns.number_all                   14893 
_reflns.percent_possible_obs         99.8 
_reflns.pdbx_Rmerge_I_obs            ? 
_reflns.pdbx_Rsym_value              0.1 
_reflns.pdbx_netI_over_sigmaI        4609.6 
_reflns.B_iso_Wilson_estimate        19.8 
_reflns.pdbx_redundancy              ? 
_reflns.R_free_details               ? 
_reflns.limit_h_max                  ? 
_reflns.limit_h_min                  ? 
_reflns.limit_k_max                  ? 
_reflns.limit_k_min                  ? 
_reflns.limit_l_max                  ? 
_reflns.limit_l_min                  ? 
_reflns.observed_criterion_F_max     ? 
_reflns.observed_criterion_F_min     ? 
_reflns.pdbx_chi_squared             ? 
_reflns.pdbx_scaling_rejects         ? 
_reflns.pdbx_diffrn_id               1 
_reflns.pdbx_ordinal                 1 
# 
_reflns_shell.d_res_high             2.2 
_reflns_shell.d_res_low              2.25 
_reflns_shell.percent_possible_all   100.0 
_reflns_shell.Rmerge_I_obs           ? 
_reflns_shell.pdbx_Rsym_value        0.662 
_reflns_shell.meanI_over_sigI_obs    575.1 
_reflns_shell.pdbx_redundancy        ? 
_reflns_shell.percent_possible_obs   ? 
_reflns_shell.number_unique_all      982 
_reflns_shell.number_measured_all    ? 
_reflns_shell.number_measured_obs    ? 
_reflns_shell.number_unique_obs      ? 
_reflns_shell.pdbx_chi_squared       ? 
_reflns_shell.pdbx_diffrn_id         ? 
_reflns_shell.pdbx_ordinal           1 
# 
_refine.entry_id                                 1SGL 
_refine.ls_number_reflns_obs                     14376 
_refine.ls_number_reflns_all                     14376 
_refine.pdbx_ls_sigma_I                          ? 
_refine.pdbx_ls_sigma_F                          0.0 
_refine.pdbx_data_cutoff_high_absF               446341.81 
_refine.pdbx_data_cutoff_low_absF                0.000000 
_refine.pdbx_data_cutoff_high_rms_absF           ? 
_refine.ls_d_res_low                             23.56 
_refine.ls_d_res_high                            2.20 
_refine.ls_percent_reflns_obs                    96.5 
_refine.ls_R_factor_obs                          0.199 
_refine.ls_R_factor_all                          0.203 
_refine.ls_R_factor_R_work                       0.199 
_refine.ls_R_factor_R_free                       0.237 
_refine.ls_R_factor_R_free_error                 0.006 
_refine.ls_R_factor_R_free_error_details         ? 
_refine.ls_percent_reflns_R_free                 10.1 
_refine.ls_number_reflns_R_free                  1459 
_refine.ls_number_parameters                     ? 
_refine.ls_number_restraints                     ? 
_refine.occupancy_min                            ? 
_refine.occupancy_max                            ? 
_refine.correlation_coeff_Fo_to_Fc               ? 
_refine.correlation_coeff_Fo_to_Fc_free          ? 
_refine.B_iso_mean                               35.0 
_refine.aniso_B[1][1]                            -1.39 
_refine.aniso_B[2][2]                            -1.39 
_refine.aniso_B[3][3]                            2.79 
_refine.aniso_B[1][2]                            -0.31 
_refine.aniso_B[1][3]                            0.00 
_refine.aniso_B[2][3]                            0.00 
_refine.solvent_model_details                    'FLAT MODEL' 
_refine.solvent_model_param_ksol                 0.338695 
_refine.solvent_model_param_bsol                 42.8823 
_refine.pdbx_solvent_vdw_probe_radii             ? 
_refine.pdbx_solvent_ion_probe_radii             ? 
_refine.pdbx_solvent_shrinkage_radii             ? 
_refine.pdbx_ls_cross_valid_method               THROUGHOUT 
_refine.details                                  ? 
_refine.pdbx_starting_model                      ? 
_refine.pdbx_method_to_determine_struct          MIR 
_refine.pdbx_isotropic_thermal_model             RESTRAINED 
_refine.pdbx_stereochemistry_target_values       'Engh & Huber' 
_refine.pdbx_stereochem_target_val_spec_case     ? 
_refine.pdbx_R_Free_selection_details            RANDOM 
_refine.pdbx_overall_ESU_R_Free                  ? 
_refine.overall_SU_ML                            ? 
_refine.overall_SU_B                             ? 
_refine.ls_redundancy_reflns_obs                 ? 
_refine.B_iso_min                                ? 
_refine.B_iso_max                                ? 
_refine.overall_SU_R_Cruickshank_DPI             ? 
_refine.overall_SU_R_free                        ? 
_refine.pdbx_refine_id                           'X-RAY DIFFRACTION' 
_refine.pdbx_overall_ESU_R                       ? 
_refine.pdbx_overall_phase_error                 ? 
_refine.ls_wR_factor_R_free                      ? 
_refine.ls_wR_factor_R_work                      ? 
_refine.overall_FOM_free_R_set                   ? 
_refine.overall_FOM_work_R_set                   ? 
_refine.pdbx_diffrn_id                           1 
_refine.pdbx_TLS_residual_ADP_flag               ? 
_refine.pdbx_overall_SU_R_free_Cruickshank_DPI   ? 
_refine.pdbx_overall_SU_R_Blow_DPI               ? 
_refine.pdbx_overall_SU_R_free_Blow_DPI          ? 
# 
_refine_analyze.entry_id                        1SGL 
_refine_analyze.Luzzati_coordinate_error_obs    0.25 
_refine_analyze.Luzzati_sigma_a_obs             0.22 
_refine_analyze.Luzzati_d_res_low_obs           5.00 
_refine_analyze.Luzzati_coordinate_error_free   0.30 
_refine_analyze.Luzzati_sigma_a_free            0.24 
_refine_analyze.Luzzati_d_res_low_free          ? 
_refine_analyze.number_disordered_residues      ? 
_refine_analyze.occupancy_sum_hydrogen          ? 
_refine_analyze.occupancy_sum_non_hydrogen      ? 
_refine_analyze.pdbx_Luzzati_d_res_high_obs     ? 
_refine_analyze.pdbx_refine_id                  'X-RAY DIFFRACTION' 
# 
_refine_hist.pdbx_refine_id                   'X-RAY DIFFRACTION' 
_refine_hist.cycle_id                         LAST 
_refine_hist.pdbx_number_atoms_protein        1619 
_refine_hist.pdbx_number_atoms_nucleic_acid   0 
_refine_hist.pdbx_number_atoms_ligand         20 
_refine_hist.number_atoms_solvent             62 
_refine_hist.number_atoms_total               1701 
_refine_hist.d_res_high                       2.20 
_refine_hist.d_res_low                        23.56 
# 
loop_
_refine_ls_restr.type 
_refine_ls_restr.dev_ideal 
_refine_ls_restr.dev_ideal_target 
_refine_ls_restr.weight 
_refine_ls_restr.number 
_refine_ls_restr.pdbx_refine_id 
_refine_ls_restr.pdbx_restraint_function 
c_bond_d           0.006 ?    ? ? 'X-RAY DIFFRACTION' ? 
c_angle_deg        1.3   ?    ? ? 'X-RAY DIFFRACTION' ? 
c_dihedral_angle_d 23.6  ?    ? ? 'X-RAY DIFFRACTION' ? 
c_improper_angle_d 0.79  ?    ? ? 'X-RAY DIFFRACTION' ? 
c_mcbond_it        1.37  1.50 ? ? 'X-RAY DIFFRACTION' ? 
c_mcangle_it       2.41  2.00 ? ? 'X-RAY DIFFRACTION' ? 
c_scbond_it        1.90  2.00 ? ? 'X-RAY DIFFRACTION' ? 
c_scangle_it       2.98  2.50 ? ? 'X-RAY DIFFRACTION' ? 
# 
_refine_ls_shell.pdbx_total_number_of_bins_used   10 
_refine_ls_shell.d_res_high                       2.20 
_refine_ls_shell.d_res_low                        2.28 
_refine_ls_shell.number_reflns_R_work             1231 
_refine_ls_shell.R_factor_R_work                  0.254 
_refine_ls_shell.percent_reflns_obs               92.1 
_refine_ls_shell.R_factor_R_free                  0.306 
_refine_ls_shell.R_factor_R_free_error            0.028 
_refine_ls_shell.percent_reflns_R_free            8.7 
_refine_ls_shell.number_reflns_R_free             118 
_refine_ls_shell.number_reflns_obs                ? 
_refine_ls_shell.redundancy_reflns_obs            ? 
_refine_ls_shell.number_reflns_all                ? 
_refine_ls_shell.pdbx_refine_id                   'X-RAY DIFFRACTION' 
_refine_ls_shell.R_factor_all                     ? 
# 
loop_
_pdbx_xplor_file.serial_no 
_pdbx_xplor_file.param_file 
_pdbx_xplor_file.topol_file 
_pdbx_xplor_file.pdbx_refine_id 
1 PROTEIN_REP.PARAM PROTEIN.TOP 'X-RAY DIFFRACTION' 
2 WATER_REP.PARAM   WATER.TOP   'X-RAY DIFFRACTION' 
3 ION.PARAM         ION.TOP     'X-RAY DIFFRACTION' 
# 
_struct.entry_id                  1SGL 
_struct.title                     
'The three-dimensional structure and X-ray sequence reveal that trichomaglin is a novel S-like ribonuclease' 
_struct.pdbx_model_details        ? 
_struct.pdbx_CASP_flag            ? 
_struct.pdbx_model_type_details   ? 
# 
_struct_keywords.entry_id        1SGL 
_struct_keywords.pdbx_keywords   HYDROLASE 
_struct_keywords.text            'trichomaglin, S-like ribonuclease, X-ray sequence, mass spectroscopic analysis, HYDROLASE' 
# 
loop_
_struct_asym.id 
_struct_asym.pdbx_blank_PDB_chainid_flag 
_struct_asym.pdbx_modified 
_struct_asym.entity_id 
_struct_asym.details 
A N N 1 ? 
B N N 2 ? 
C N N 2 ? 
D N N 2 ? 
E N N 2 ? 
F N N 3 ? 
# 
_struct_ref.id                         1 
_struct_ref.db_name                    UNP 
_struct_ref.db_code                    P84146_TRILE 
_struct_ref.pdbx_db_accession          P84146 
_struct_ref.entity_id                  1 
_struct_ref.pdbx_align_begin           1 
_struct_ref.pdbx_seq_one_letter_code   ? 
_struct_ref.pdbx_db_isoform            ? 
# 
_struct_ref_seq.align_id                      1 
_struct_ref_seq.ref_id                        1 
_struct_ref_seq.pdbx_PDB_id_code              1SGL 
_struct_ref_seq.pdbx_strand_id                A 
_struct_ref_seq.seq_align_beg                 1 
_struct_ref_seq.pdbx_seq_align_beg_ins_code   ? 
_struct_ref_seq.seq_align_end                 209 
_struct_ref_seq.pdbx_seq_align_end_ins_code   ? 
_struct_ref_seq.pdbx_db_accession             P84146 
_struct_ref_seq.db_align_beg                  1 
_struct_ref_seq.pdbx_db_align_beg_ins_code    ? 
_struct_ref_seq.db_align_end                  209 
_struct_ref_seq.pdbx_db_align_end_ins_code    ? 
_struct_ref_seq.pdbx_auth_seq_align_beg       1 
_struct_ref_seq.pdbx_auth_seq_align_end       209 
# 
_pdbx_struct_assembly.id                   1 
_pdbx_struct_assembly.details              author_defined_assembly 
_pdbx_struct_assembly.method_details       ? 
_pdbx_struct_assembly.oligomeric_details   monomeric 
_pdbx_struct_assembly.oligomeric_count     1 
# 
_pdbx_struct_assembly_gen.assembly_id       1 
_pdbx_struct_assembly_gen.oper_expression   1 
_pdbx_struct_assembly_gen.asym_id_list      A,B,C,D,E,F 
# 
_pdbx_struct_oper_list.id                   1 
_pdbx_struct_oper_list.type                 'identity operation' 
_pdbx_struct_oper_list.name                 1_555 
_pdbx_struct_oper_list.symmetry_operation   x,y,z 
_pdbx_struct_oper_list.matrix[1][1]         1.0000000000 
_pdbx_struct_oper_list.matrix[1][2]         0.0000000000 
_pdbx_struct_oper_list.matrix[1][3]         0.0000000000 
_pdbx_struct_oper_list.vector[1]            0.0000000000 
_pdbx_struct_oper_list.matrix[2][1]         0.0000000000 
_pdbx_struct_oper_list.matrix[2][2]         1.0000000000 
_pdbx_struct_oper_list.matrix[2][3]         0.0000000000 
_pdbx_struct_oper_list.vector[2]            0.0000000000 
_pdbx_struct_oper_list.matrix[3][1]         0.0000000000 
_pdbx_struct_oper_list.matrix[3][2]         0.0000000000 
_pdbx_struct_oper_list.matrix[3][3]         1.0000000000 
_pdbx_struct_oper_list.vector[3]            0.0000000000 
# 
_struct_biol.id                    1 
_struct_biol.pdbx_parent_biol_id   ? 
_struct_biol.details               ? 
# 
loop_
_struct_conf.conf_type_id 
_struct_conf.id 
_struct_conf.pdbx_PDB_helix_id 
_struct_conf.beg_label_comp_id 
_struct_conf.beg_label_asym_id 
_struct_conf.beg_label_seq_id 
_struct_conf.pdbx_beg_PDB_ins_code 
_struct_conf.end_label_comp_id 
_struct_conf.end_label_asym_id 
_struct_conf.end_label_seq_id 
_struct_conf.pdbx_end_PDB_ins_code 
_struct_conf.beg_auth_comp_id 
_struct_conf.beg_auth_asym_id 
_struct_conf.beg_auth_seq_id 
_struct_conf.end_auth_comp_id 
_struct_conf.end_auth_asym_id 
_struct_conf.end_auth_seq_id 
_struct_conf.pdbx_PDB_helix_class 
_struct_conf.details 
_struct_conf.pdbx_PDB_helix_length 
HELX_P HELX_P1 1 ALA A 15  ? CYS A 19  ? ALA A 15  CYS A 19  1 ? 5  
HELX_P HELX_P2 2 ASP A 64  ? PRO A 70  ? ASP A 64  PRO A 70  5 ? 7  
HELX_P HELX_P3 3 PHE A 71  ? TRP A 79  ? PHE A 71  TRP A 79  1 ? 9  
HELX_P HELX_P4 4 ILE A 96  ? HIS A 105 ? ILE A 96  HIS A 105 1 ? 10 
HELX_P HELX_P5 5 GLY A 106 ? SER A 110 ? GLY A 106 SER A 110 5 ? 5  
HELX_P HELX_P6 6 GLY A 115 ? TYR A 130 ? GLY A 115 TYR A 130 1 ? 16 
HELX_P HELX_P7 7 ASN A 131 ? GLY A 140 ? ASN A 131 GLY A 140 1 ? 10 
HELX_P HELX_P8 8 LEU A 151 ? GLY A 163 ? LEU A 151 GLY A 163 1 ? 13 
# 
_struct_conf_type.id          HELX_P 
_struct_conf_type.criteria    ? 
_struct_conf_type.reference   ? 
# 
loop_
_struct_conn.id 
_struct_conn.conn_type_id 
_struct_conn.pdbx_leaving_atom_flag 
_struct_conn.pdbx_PDB_id 
_struct_conn.ptnr1_label_asym_id 
_struct_conn.ptnr1_label_comp_id 
_struct_conn.ptnr1_label_seq_id 
_struct_conn.ptnr1_label_atom_id 
_struct_conn.pdbx_ptnr1_label_alt_id 
_struct_conn.pdbx_ptnr1_PDB_ins_code 
_struct_conn.pdbx_ptnr1_standard_comp_id 
_struct_conn.ptnr1_symmetry 
_struct_conn.ptnr2_label_asym_id 
_struct_conn.ptnr2_label_comp_id 
_struct_conn.ptnr2_label_seq_id 
_struct_conn.ptnr2_label_atom_id 
_struct_conn.pdbx_ptnr2_label_alt_id 
_struct_conn.pdbx_ptnr2_PDB_ins_code 
_struct_conn.ptnr1_auth_asym_id 
_struct_conn.ptnr1_auth_comp_id 
_struct_conn.ptnr1_auth_seq_id 
_struct_conn.ptnr2_auth_asym_id 
_struct_conn.ptnr2_auth_comp_id 
_struct_conn.ptnr2_auth_seq_id 
_struct_conn.ptnr2_symmetry 
_struct_conn.pdbx_ptnr3_label_atom_id 
_struct_conn.pdbx_ptnr3_label_seq_id 
_struct_conn.pdbx_ptnr3_label_comp_id 
_struct_conn.pdbx_ptnr3_label_asym_id 
_struct_conn.pdbx_ptnr3_label_alt_id 
_struct_conn.pdbx_ptnr3_PDB_ins_code 
_struct_conn.details 
_struct_conn.pdbx_dist_value 
_struct_conn.pdbx_value_order 
_struct_conn.pdbx_role 
disulf1 disulf ? ? A CYS 19  SG ? ? ? 1_555 A CYS 31  SG ? ? A CYS 19  A CYS 31  1_555 ? ? ? ? ? ? ? 2.031 ? ? 
disulf2 disulf ? ? A CYS 25  SG ? ? ? 1_555 A CYS 32  SG ? ? A CYS 25  A CYS 32  1_555 ? ? ? ? ? ? ? 2.030 ? ? 
disulf3 disulf ? ? A CYS 26  SG ? ? ? 1_555 A CYS 84  SG ? ? A CYS 26  A CYS 84  1_555 ? ? ? ? ? ? ? 2.032 ? ? 
disulf4 disulf ? ? A CYS 57  SG ? ? ? 1_555 A CYS 90  SG ? ? A CYS 57  A CYS 90  1_555 ? ? ? ? ? ? ? 2.033 ? ? 
disulf5 disulf ? ? A CYS 58  SG ? ? ? 1_555 A CYS 108 SG ? ? A CYS 58  A CYS 108 1_555 ? ? ? ? ? ? ? 2.034 ? ? 
disulf6 disulf ? ? A CYS 170 SG ? ? ? 1_555 A CYS 198 SG ? ? A CYS 170 A CYS 198 1_555 ? ? ? ? ? ? ? 2.025 ? ? 
disulf7 disulf ? ? A CYS 182 SG ? ? ? 1_555 A CYS 192 SG ? ? A CYS 182 A CYS 192 1_555 ? ? ? ? ? ? ? 2.038 ? ? 
# 
_struct_conn_type.id          disulf 
_struct_conn_type.criteria    ? 
_struct_conn_type.reference   ? 
# 
loop_
_pdbx_modification_feature.ordinal 
_pdbx_modification_feature.label_comp_id 
_pdbx_modification_feature.label_asym_id 
_pdbx_modification_feature.label_seq_id 
_pdbx_modification_feature.label_alt_id 
_pdbx_modification_feature.modified_residue_label_comp_id 
_pdbx_modification_feature.modified_residue_label_asym_id 
_pdbx_modification_feature.modified_residue_label_seq_id 
_pdbx_modification_feature.modified_residue_label_alt_id 
_pdbx_modification_feature.auth_comp_id 
_pdbx_modification_feature.auth_asym_id 
_pdbx_modification_feature.auth_seq_id 
_pdbx_modification_feature.PDB_ins_code 
_pdbx_modification_feature.symmetry 
_pdbx_modification_feature.modified_residue_auth_comp_id 
_pdbx_modification_feature.modified_residue_auth_asym_id 
_pdbx_modification_feature.modified_residue_auth_seq_id 
_pdbx_modification_feature.modified_residue_PDB_ins_code 
_pdbx_modification_feature.modified_residue_symmetry 
_pdbx_modification_feature.comp_id_linking_atom 
_pdbx_modification_feature.modified_residue_id_linking_atom 
_pdbx_modification_feature.modified_residue_id 
_pdbx_modification_feature.ref_pcm_id 
_pdbx_modification_feature.ref_comp_id 
_pdbx_modification_feature.type 
_pdbx_modification_feature.category 
1 CYS A 19  ? CYS A 31  ? CYS A 19  ? 1_555 CYS A 31  ? 1_555 SG SG . . . None 'Disulfide bridge' 
2 CYS A 25  ? CYS A 32  ? CYS A 25  ? 1_555 CYS A 32  ? 1_555 SG SG . . . None 'Disulfide bridge' 
3 CYS A 26  ? CYS A 84  ? CYS A 26  ? 1_555 CYS A 84  ? 1_555 SG SG . . . None 'Disulfide bridge' 
4 CYS A 57  ? CYS A 90  ? CYS A 57  ? 1_555 CYS A 90  ? 1_555 SG SG . . . None 'Disulfide bridge' 
5 CYS A 58  ? CYS A 108 ? CYS A 58  ? 1_555 CYS A 108 ? 1_555 SG SG . . . None 'Disulfide bridge' 
6 CYS A 170 ? CYS A 198 ? CYS A 170 ? 1_555 CYS A 198 ? 1_555 SG SG . . . None 'Disulfide bridge' 
7 CYS A 182 ? CYS A 192 ? CYS A 182 ? 1_555 CYS A 192 ? 1_555 SG SG . . . None 'Disulfide bridge' 
# 
_struct_mon_prot_cis.pdbx_id                1 
_struct_mon_prot_cis.label_comp_id          SER 
_struct_mon_prot_cis.label_seq_id           110 
_struct_mon_prot_cis.label_asym_id          A 
_struct_mon_prot_cis.label_alt_id           . 
_struct_mon_prot_cis.pdbx_PDB_ins_code      ? 
_struct_mon_prot_cis.auth_comp_id           SER 
_struct_mon_prot_cis.auth_seq_id            110 
_struct_mon_prot_cis.auth_asym_id           A 
_struct_mon_prot_cis.pdbx_label_comp_id_2   PRO 
_struct_mon_prot_cis.pdbx_label_seq_id_2    111 
_struct_mon_prot_cis.pdbx_label_asym_id_2   A 
_struct_mon_prot_cis.pdbx_PDB_ins_code_2    ? 
_struct_mon_prot_cis.pdbx_auth_comp_id_2    PRO 
_struct_mon_prot_cis.pdbx_auth_seq_id_2     111 
_struct_mon_prot_cis.pdbx_auth_asym_id_2    A 
_struct_mon_prot_cis.pdbx_PDB_model_num     1 
_struct_mon_prot_cis.pdbx_omega_angle       0.18 
# 
loop_
_struct_sheet.id 
_struct_sheet.type 
_struct_sheet.number_strands 
_struct_sheet.details 
A ? 4 ? 
B ? 2 ? 
C ? 2 ? 
D ? 2 ? 
# 
loop_
_struct_sheet_order.sheet_id 
_struct_sheet_order.range_id_1 
_struct_sheet_order.range_id_2 
_struct_sheet_order.offset 
_struct_sheet_order.sense 
A 1 2 ? anti-parallel 
A 2 3 ? anti-parallel 
A 3 4 ? anti-parallel 
B 1 2 ? anti-parallel 
C 1 2 ? anti-parallel 
D 1 2 ? anti-parallel 
# 
loop_
_struct_sheet_range.sheet_id 
_struct_sheet_range.id 
_struct_sheet_range.beg_label_comp_id 
_struct_sheet_range.beg_label_asym_id 
_struct_sheet_range.beg_label_seq_id 
_struct_sheet_range.pdbx_beg_PDB_ins_code 
_struct_sheet_range.end_label_comp_id 
_struct_sheet_range.end_label_asym_id 
_struct_sheet_range.end_label_seq_id 
_struct_sheet_range.pdbx_end_PDB_ins_code 
_struct_sheet_range.beg_auth_comp_id 
_struct_sheet_range.beg_auth_asym_id 
_struct_sheet_range.beg_auth_seq_id 
_struct_sheet_range.end_auth_comp_id 
_struct_sheet_range.end_auth_asym_id 
_struct_sheet_range.end_auth_seq_id 
A 1 PHE A 40  ? PRO A 47  ? PHE A 40  PRO A 47  
A 2 TYR A 7   ? TRP A 14  ? TYR A 7   TRP A 14  
A 3 GLY A 174 ? PHE A 183 ? GLY A 174 PHE A 183 
A 4 LYS A 167 ? CYS A 170 ? LYS A 167 CYS A 170 
B 1 GLU A 87  ? SER A 89  ? GLU A 87  SER A 89  
B 2 ARG A 93  ? GLU A 95  ? ARG A 93  GLU A 95  
C 1 TYR A 149 ? LEU A 151 ? TYR A 149 LEU A 151 
C 2 ARG A 200 ? VAL A 202 ? ARG A 200 VAL A 202 
D 1 CYS A 182 ? ASP A 184 ? CYS A 182 ASP A 184 
D 2 LYS A 188 ? ARG A 190 ? LYS A 188 ARG A 190 
# 
loop_
_pdbx_struct_sheet_hbond.sheet_id 
_pdbx_struct_sheet_hbond.range_id_1 
_pdbx_struct_sheet_hbond.range_id_2 
_pdbx_struct_sheet_hbond.range_1_label_atom_id 
_pdbx_struct_sheet_hbond.range_1_label_comp_id 
_pdbx_struct_sheet_hbond.range_1_label_asym_id 
_pdbx_struct_sheet_hbond.range_1_label_seq_id 
_pdbx_struct_sheet_hbond.range_1_PDB_ins_code 
_pdbx_struct_sheet_hbond.range_1_auth_atom_id 
_pdbx_struct_sheet_hbond.range_1_auth_comp_id 
_pdbx_struct_sheet_hbond.range_1_auth_asym_id 
_pdbx_struct_sheet_hbond.range_1_auth_seq_id 
_pdbx_struct_sheet_hbond.range_2_label_atom_id 
_pdbx_struct_sheet_hbond.range_2_label_comp_id 
_pdbx_struct_sheet_hbond.range_2_label_asym_id 
_pdbx_struct_sheet_hbond.range_2_label_seq_id 
_pdbx_struct_sheet_hbond.range_2_PDB_ins_code 
_pdbx_struct_sheet_hbond.range_2_auth_atom_id 
_pdbx_struct_sheet_hbond.range_2_auth_comp_id 
_pdbx_struct_sheet_hbond.range_2_auth_asym_id 
_pdbx_struct_sheet_hbond.range_2_auth_seq_id 
A 1 2 O ARG A 46  ? O ARG A 46  N ILE A 9   ? N ILE A 9   
A 2 3 N PHE A 8   ? N PHE A 8   O PHE A 183 ? O PHE A 183 
A 3 4 O GLN A 177 ? O GLN A 177 N ARG A 169 ? N ARG A 169 
B 1 2 N GLU A 87  ? N GLU A 87  O GLU A 95  ? O GLU A 95  
C 1 2 N TYR A 149 ? N TYR A 149 O VAL A 202 ? O VAL A 202 
D 1 2 N CYS A 182 ? N CYS A 182 O ARG A 190 ? O ARG A 190 
# 
loop_
_struct_site.id 
_struct_site.pdbx_evidence_code 
_struct_site.pdbx_auth_asym_id 
_struct_site.pdbx_auth_comp_id 
_struct_site.pdbx_auth_seq_id 
_struct_site.pdbx_auth_ins_code 
_struct_site.pdbx_num_residues 
_struct_site.details 
AC1 Software A SO4 251 ? 5 'BINDING SITE FOR RESIDUE SO4 A 251' 
AC2 Software A SO4 252 ? 7 'BINDING SITE FOR RESIDUE SO4 A 252' 
AC3 Software A SO4 253 ? 5 'BINDING SITE FOR RESIDUE SO4 A 253' 
AC4 Software A SO4 254 ? 6 'BINDING SITE FOR RESIDUE SO4 A 254' 
# 
loop_
_struct_site_gen.id 
_struct_site_gen.site_id 
_struct_site_gen.pdbx_num_res 
_struct_site_gen.label_comp_id 
_struct_site_gen.label_asym_id 
_struct_site_gen.label_seq_id 
_struct_site_gen.pdbx_auth_ins_code 
_struct_site_gen.auth_comp_id 
_struct_site_gen.auth_asym_id 
_struct_site_gen.auth_seq_id 
_struct_site_gen.label_atom_id 
_struct_site_gen.label_alt_id 
_struct_site_gen.symmetry 
_struct_site_gen.details 
1  AC1 5 HIS A 43  ? HIS A 43  . ? 1_555 ? 
2  AC1 5 GLN A 101 ? GLN A 101 . ? 1_555 ? 
3  AC1 5 LYS A 104 ? LYS A 104 . ? 1_555 ? 
4  AC1 5 HIS A 105 ? HIS A 105 . ? 1_555 ? 
5  AC1 5 HOH F .   ? HOH A 348 . ? 1_555 ? 
6  AC2 7 GLN A 13  ? GLN A 13  . ? 1_555 ? 
7  AC2 7 HIS A 43  ? HIS A 43  . ? 1_555 ? 
8  AC2 7 THR A 81  ? THR A 81  . ? 1_555 ? 
9  AC2 7 TYR A 82  ? TYR A 82  . ? 1_555 ? 
10 AC2 7 ARG A 83  ? ARG A 83  . ? 1_555 ? 
11 AC2 7 GLU A 87  ? GLU A 87  . ? 1_555 ? 
12 AC2 7 HOH F .   ? HOH A 352 . ? 1_555 ? 
13 AC3 5 ARG A 46  ? ARG A 46  . ? 1_555 ? 
14 AC3 5 LYS A 167 ? LYS A 167 . ? 1_555 ? 
15 AC3 5 ARG A 169 ? ARG A 169 . ? 1_555 ? 
16 AC3 5 LYS A 178 ? LYS A 178 . ? 1_555 ? 
17 AC3 5 SER A 180 ? SER A 180 . ? 1_555 ? 
18 AC4 6 ARG A 20  ? ARG A 20  . ? 1_555 ? 
19 AC4 6 ARG A 165 ? ARG A 165 . ? 4_665 ? 
20 AC4 6 ASP A 171 ? ASP A 171 . ? 1_555 ? 
21 AC4 6 GLU A 172 ? GLU A 172 . ? 1_555 ? 
22 AC4 6 GLU A 173 ? GLU A 173 . ? 1_555 ? 
23 AC4 6 ASP A 191 ? ASP A 191 . ? 4_665 ? 
# 
_pdbx_entry_details.entry_id                   1SGL 
_pdbx_entry_details.compound_details           ? 
_pdbx_entry_details.source_details             ? 
_pdbx_entry_details.nonpolymer_details         ? 
_pdbx_entry_details.sequence_details           ? 
_pdbx_entry_details.has_ligand_of_interest     ? 
_pdbx_entry_details.has_protein_modification   Y 
# 
loop_
_pdbx_validate_torsion.id 
_pdbx_validate_torsion.PDB_model_num 
_pdbx_validate_torsion.auth_comp_id 
_pdbx_validate_torsion.auth_asym_id 
_pdbx_validate_torsion.auth_seq_id 
_pdbx_validate_torsion.PDB_ins_code 
_pdbx_validate_torsion.label_alt_id 
_pdbx_validate_torsion.phi 
_pdbx_validate_torsion.psi 
1  1 SER A 21  ? ? -101.20 49.21   
2  1 LYS A 33  ? ? 170.50  62.31   
3  1 ALA A 34  ? ? 48.99   -117.92 
4  1 PRO A 55  ? ? -49.87  151.91  
5  1 CYS A 57  ? ? 59.03   81.35   
6  1 MET A 69  ? ? -17.61  -67.00  
7  1 PRO A 70  ? ? -65.72  10.29   
8  1 SER A 89  ? ? -117.06 -157.97 
9  1 ASN A 92  ? ? 53.51   18.36   
10 1 TYR A 130 ? ? -114.31 64.14   
11 1 SER A 197 ? ? -143.46 -51.79  
# 
loop_
_pdbx_database_remark.id 
_pdbx_database_remark.text 
650 
;HELIX
DETERMINATION METHOD: AUTHOR DETERMINED
;
700 
;SHEET
DETERMINATION METHOD: AUTHOR DETERMINED
;
# 
loop_
_pdbx_unobs_or_zero_occ_residues.id 
_pdbx_unobs_or_zero_occ_residues.PDB_model_num 
_pdbx_unobs_or_zero_occ_residues.polymer_flag 
_pdbx_unobs_or_zero_occ_residues.occupancy_flag 
_pdbx_unobs_or_zero_occ_residues.auth_asym_id 
_pdbx_unobs_or_zero_occ_residues.auth_comp_id 
_pdbx_unobs_or_zero_occ_residues.auth_seq_id 
_pdbx_unobs_or_zero_occ_residues.PDB_ins_code 
_pdbx_unobs_or_zero_occ_residues.label_asym_id 
_pdbx_unobs_or_zero_occ_residues.label_comp_id 
_pdbx_unobs_or_zero_occ_residues.label_seq_id 
1 1 Y 1 A ASP 1 ? A ASP 1 
2 1 Y 1 A GLU 2 ? A GLU 2 
3 1 Y 1 A ARG 3 ? A ARG 3 
# 
loop_
_chem_comp_atom.comp_id 
_chem_comp_atom.atom_id 
_chem_comp_atom.type_symbol 
_chem_comp_atom.pdbx_aromatic_flag 
_chem_comp_atom.pdbx_stereo_config 
_chem_comp_atom.pdbx_ordinal 
ALA N    N N N 1   
ALA CA   C N S 2   
ALA C    C N N 3   
ALA O    O N N 4   
ALA CB   C N N 5   
ALA OXT  O N N 6   
ALA H    H N N 7   
ALA H2   H N N 8   
ALA HA   H N N 9   
ALA HB1  H N N 10  
ALA HB2  H N N 11  
ALA HB3  H N N 12  
ALA HXT  H N N 13  
ARG N    N N N 14  
ARG CA   C N S 15  
ARG C    C N N 16  
ARG O    O N N 17  
ARG CB   C N N 18  
ARG CG   C N N 19  
ARG CD   C N N 20  
ARG NE   N N N 21  
ARG CZ   C N N 22  
ARG NH1  N N N 23  
ARG NH2  N N N 24  
ARG OXT  O N N 25  
ARG H    H N N 26  
ARG H2   H N N 27  
ARG HA   H N N 28  
ARG HB2  H N N 29  
ARG HB3  H N N 30  
ARG HG2  H N N 31  
ARG HG3  H N N 32  
ARG HD2  H N N 33  
ARG HD3  H N N 34  
ARG HE   H N N 35  
ARG HH11 H N N 36  
ARG HH12 H N N 37  
ARG HH21 H N N 38  
ARG HH22 H N N 39  
ARG HXT  H N N 40  
ASN N    N N N 41  
ASN CA   C N S 42  
ASN C    C N N 43  
ASN O    O N N 44  
ASN CB   C N N 45  
ASN CG   C N N 46  
ASN OD1  O N N 47  
ASN ND2  N N N 48  
ASN OXT  O N N 49  
ASN H    H N N 50  
ASN H2   H N N 51  
ASN HA   H N N 52  
ASN HB2  H N N 53  
ASN HB3  H N N 54  
ASN HD21 H N N 55  
ASN HD22 H N N 56  
ASN HXT  H N N 57  
ASP N    N N N 58  
ASP CA   C N S 59  
ASP C    C N N 60  
ASP O    O N N 61  
ASP CB   C N N 62  
ASP CG   C N N 63  
ASP OD1  O N N 64  
ASP OD2  O N N 65  
ASP OXT  O N N 66  
ASP H    H N N 67  
ASP H2   H N N 68  
ASP HA   H N N 69  
ASP HB2  H N N 70  
ASP HB3  H N N 71  
ASP HD2  H N N 72  
ASP HXT  H N N 73  
CYS N    N N N 74  
CYS CA   C N R 75  
CYS C    C N N 76  
CYS O    O N N 77  
CYS CB   C N N 78  
CYS SG   S N N 79  
CYS OXT  O N N 80  
CYS H    H N N 81  
CYS H2   H N N 82  
CYS HA   H N N 83  
CYS HB2  H N N 84  
CYS HB3  H N N 85  
CYS HG   H N N 86  
CYS HXT  H N N 87  
GLN N    N N N 88  
GLN CA   C N S 89  
GLN C    C N N 90  
GLN O    O N N 91  
GLN CB   C N N 92  
GLN CG   C N N 93  
GLN CD   C N N 94  
GLN OE1  O N N 95  
GLN NE2  N N N 96  
GLN OXT  O N N 97  
GLN H    H N N 98  
GLN H2   H N N 99  
GLN HA   H N N 100 
GLN HB2  H N N 101 
GLN HB3  H N N 102 
GLN HG2  H N N 103 
GLN HG3  H N N 104 
GLN HE21 H N N 105 
GLN HE22 H N N 106 
GLN HXT  H N N 107 
GLU N    N N N 108 
GLU CA   C N S 109 
GLU C    C N N 110 
GLU O    O N N 111 
GLU CB   C N N 112 
GLU CG   C N N 113 
GLU CD   C N N 114 
GLU OE1  O N N 115 
GLU OE2  O N N 116 
GLU OXT  O N N 117 
GLU H    H N N 118 
GLU H2   H N N 119 
GLU HA   H N N 120 
GLU HB2  H N N 121 
GLU HB3  H N N 122 
GLU HG2  H N N 123 
GLU HG3  H N N 124 
GLU HE2  H N N 125 
GLU HXT  H N N 126 
GLY N    N N N 127 
GLY CA   C N N 128 
GLY C    C N N 129 
GLY O    O N N 130 
GLY OXT  O N N 131 
GLY H    H N N 132 
GLY H2   H N N 133 
GLY HA2  H N N 134 
GLY HA3  H N N 135 
GLY HXT  H N N 136 
HIS N    N N N 137 
HIS CA   C N S 138 
HIS C    C N N 139 
HIS O    O N N 140 
HIS CB   C N N 141 
HIS CG   C Y N 142 
HIS ND1  N Y N 143 
HIS CD2  C Y N 144 
HIS CE1  C Y N 145 
HIS NE2  N Y N 146 
HIS OXT  O N N 147 
HIS H    H N N 148 
HIS H2   H N N 149 
HIS HA   H N N 150 
HIS HB2  H N N 151 
HIS HB3  H N N 152 
HIS HD1  H N N 153 
HIS HD2  H N N 154 
HIS HE1  H N N 155 
HIS HE2  H N N 156 
HIS HXT  H N N 157 
HOH O    O N N 158 
HOH H1   H N N 159 
HOH H2   H N N 160 
ILE N    N N N 161 
ILE CA   C N S 162 
ILE C    C N N 163 
ILE O    O N N 164 
ILE CB   C N S 165 
ILE CG1  C N N 166 
ILE CG2  C N N 167 
ILE CD1  C N N 168 
ILE OXT  O N N 169 
ILE H    H N N 170 
ILE H2   H N N 171 
ILE HA   H N N 172 
ILE HB   H N N 173 
ILE HG12 H N N 174 
ILE HG13 H N N 175 
ILE HG21 H N N 176 
ILE HG22 H N N 177 
ILE HG23 H N N 178 
ILE HD11 H N N 179 
ILE HD12 H N N 180 
ILE HD13 H N N 181 
ILE HXT  H N N 182 
LEU N    N N N 183 
LEU CA   C N S 184 
LEU C    C N N 185 
LEU O    O N N 186 
LEU CB   C N N 187 
LEU CG   C N N 188 
LEU CD1  C N N 189 
LEU CD2  C N N 190 
LEU OXT  O N N 191 
LEU H    H N N 192 
LEU H2   H N N 193 
LEU HA   H N N 194 
LEU HB2  H N N 195 
LEU HB3  H N N 196 
LEU HG   H N N 197 
LEU HD11 H N N 198 
LEU HD12 H N N 199 
LEU HD13 H N N 200 
LEU HD21 H N N 201 
LEU HD22 H N N 202 
LEU HD23 H N N 203 
LEU HXT  H N N 204 
LYS N    N N N 205 
LYS CA   C N S 206 
LYS C    C N N 207 
LYS O    O N N 208 
LYS CB   C N N 209 
LYS CG   C N N 210 
LYS CD   C N N 211 
LYS CE   C N N 212 
LYS NZ   N N N 213 
LYS OXT  O N N 214 
LYS H    H N N 215 
LYS H2   H N N 216 
LYS HA   H N N 217 
LYS HB2  H N N 218 
LYS HB3  H N N 219 
LYS HG2  H N N 220 
LYS HG3  H N N 221 
LYS HD2  H N N 222 
LYS HD3  H N N 223 
LYS HE2  H N N 224 
LYS HE3  H N N 225 
LYS HZ1  H N N 226 
LYS HZ2  H N N 227 
LYS HZ3  H N N 228 
LYS HXT  H N N 229 
MET N    N N N 230 
MET CA   C N S 231 
MET C    C N N 232 
MET O    O N N 233 
MET CB   C N N 234 
MET CG   C N N 235 
MET SD   S N N 236 
MET CE   C N N 237 
MET OXT  O N N 238 
MET H    H N N 239 
MET H2   H N N 240 
MET HA   H N N 241 
MET HB2  H N N 242 
MET HB3  H N N 243 
MET HG2  H N N 244 
MET HG3  H N N 245 
MET HE1  H N N 246 
MET HE2  H N N 247 
MET HE3  H N N 248 
MET HXT  H N N 249 
PHE N    N N N 250 
PHE CA   C N S 251 
PHE C    C N N 252 
PHE O    O N N 253 
PHE CB   C N N 254 
PHE CG   C Y N 255 
PHE CD1  C Y N 256 
PHE CD2  C Y N 257 
PHE CE1  C Y N 258 
PHE CE2  C Y N 259 
PHE CZ   C Y N 260 
PHE OXT  O N N 261 
PHE H    H N N 262 
PHE H2   H N N 263 
PHE HA   H N N 264 
PHE HB2  H N N 265 
PHE HB3  H N N 266 
PHE HD1  H N N 267 
PHE HD2  H N N 268 
PHE HE1  H N N 269 
PHE HE2  H N N 270 
PHE HZ   H N N 271 
PHE HXT  H N N 272 
PRO N    N N N 273 
PRO CA   C N S 274 
PRO C    C N N 275 
PRO O    O N N 276 
PRO CB   C N N 277 
PRO CG   C N N 278 
PRO CD   C N N 279 
PRO OXT  O N N 280 
PRO H    H N N 281 
PRO HA   H N N 282 
PRO HB2  H N N 283 
PRO HB3  H N N 284 
PRO HG2  H N N 285 
PRO HG3  H N N 286 
PRO HD2  H N N 287 
PRO HD3  H N N 288 
PRO HXT  H N N 289 
SER N    N N N 290 
SER CA   C N S 291 
SER C    C N N 292 
SER O    O N N 293 
SER CB   C N N 294 
SER OG   O N N 295 
SER OXT  O N N 296 
SER H    H N N 297 
SER H2   H N N 298 
SER HA   H N N 299 
SER HB2  H N N 300 
SER HB3  H N N 301 
SER HG   H N N 302 
SER HXT  H N N 303 
SO4 S    S N N 304 
SO4 O1   O N N 305 
SO4 O2   O N N 306 
SO4 O3   O N N 307 
SO4 O4   O N N 308 
THR N    N N N 309 
THR CA   C N S 310 
THR C    C N N 311 
THR O    O N N 312 
THR CB   C N R 313 
THR OG1  O N N 314 
THR CG2  C N N 315 
THR OXT  O N N 316 
THR H    H N N 317 
THR H2   H N N 318 
THR HA   H N N 319 
THR HB   H N N 320 
THR HG1  H N N 321 
THR HG21 H N N 322 
THR HG22 H N N 323 
THR HG23 H N N 324 
THR HXT  H N N 325 
TRP N    N N N 326 
TRP CA   C N S 327 
TRP C    C N N 328 
TRP O    O N N 329 
TRP CB   C N N 330 
TRP CG   C Y N 331 
TRP CD1  C Y N 332 
TRP CD2  C Y N 333 
TRP NE1  N Y N 334 
TRP CE2  C Y N 335 
TRP CE3  C Y N 336 
TRP CZ2  C Y N 337 
TRP CZ3  C Y N 338 
TRP CH2  C Y N 339 
TRP OXT  O N N 340 
TRP H    H N N 341 
TRP H2   H N N 342 
TRP HA   H N N 343 
TRP HB2  H N N 344 
TRP HB3  H N N 345 
TRP HD1  H N N 346 
TRP HE1  H N N 347 
TRP HE3  H N N 348 
TRP HZ2  H N N 349 
TRP HZ3  H N N 350 
TRP HH2  H N N 351 
TRP HXT  H N N 352 
TYR N    N N N 353 
TYR CA   C N S 354 
TYR C    C N N 355 
TYR O    O N N 356 
TYR CB   C N N 357 
TYR CG   C Y N 358 
TYR CD1  C Y N 359 
TYR CD2  C Y N 360 
TYR CE1  C Y N 361 
TYR CE2  C Y N 362 
TYR CZ   C Y N 363 
TYR OH   O N N 364 
TYR OXT  O N N 365 
TYR H    H N N 366 
TYR H2   H N N 367 
TYR HA   H N N 368 
TYR HB2  H N N 369 
TYR HB3  H N N 370 
TYR HD1  H N N 371 
TYR HD2  H N N 372 
TYR HE1  H N N 373 
TYR HE2  H N N 374 
TYR HH   H N N 375 
TYR HXT  H N N 376 
VAL N    N N N 377 
VAL CA   C N S 378 
VAL C    C N N 379 
VAL O    O N N 380 
VAL CB   C N N 381 
VAL CG1  C N N 382 
VAL CG2  C N N 383 
VAL OXT  O N N 384 
VAL H    H N N 385 
VAL H2   H N N 386 
VAL HA   H N N 387 
VAL HB   H N N 388 
VAL HG11 H N N 389 
VAL HG12 H N N 390 
VAL HG13 H N N 391 
VAL HG21 H N N 392 
VAL HG22 H N N 393 
VAL HG23 H N N 394 
VAL HXT  H N N 395 
# 
loop_
_chem_comp_bond.comp_id 
_chem_comp_bond.atom_id_1 
_chem_comp_bond.atom_id_2 
_chem_comp_bond.value_order 
_chem_comp_bond.pdbx_aromatic_flag 
_chem_comp_bond.pdbx_stereo_config 
_chem_comp_bond.pdbx_ordinal 
ALA N   CA   sing N N 1   
ALA N   H    sing N N 2   
ALA N   H2   sing N N 3   
ALA CA  C    sing N N 4   
ALA CA  CB   sing N N 5   
ALA CA  HA   sing N N 6   
ALA C   O    doub N N 7   
ALA C   OXT  sing N N 8   
ALA CB  HB1  sing N N 9   
ALA CB  HB2  sing N N 10  
ALA CB  HB3  sing N N 11  
ALA OXT HXT  sing N N 12  
ARG N   CA   sing N N 13  
ARG N   H    sing N N 14  
ARG N   H2   sing N N 15  
ARG CA  C    sing N N 16  
ARG CA  CB   sing N N 17  
ARG CA  HA   sing N N 18  
ARG C   O    doub N N 19  
ARG C   OXT  sing N N 20  
ARG CB  CG   sing N N 21  
ARG CB  HB2  sing N N 22  
ARG CB  HB3  sing N N 23  
ARG CG  CD   sing N N 24  
ARG CG  HG2  sing N N 25  
ARG CG  HG3  sing N N 26  
ARG CD  NE   sing N N 27  
ARG CD  HD2  sing N N 28  
ARG CD  HD3  sing N N 29  
ARG NE  CZ   sing N N 30  
ARG NE  HE   sing N N 31  
ARG CZ  NH1  sing N N 32  
ARG CZ  NH2  doub N N 33  
ARG NH1 HH11 sing N N 34  
ARG NH1 HH12 sing N N 35  
ARG NH2 HH21 sing N N 36  
ARG NH2 HH22 sing N N 37  
ARG OXT HXT  sing N N 38  
ASN N   CA   sing N N 39  
ASN N   H    sing N N 40  
ASN N   H2   sing N N 41  
ASN CA  C    sing N N 42  
ASN CA  CB   sing N N 43  
ASN CA  HA   sing N N 44  
ASN C   O    doub N N 45  
ASN C   OXT  sing N N 46  
ASN CB  CG   sing N N 47  
ASN CB  HB2  sing N N 48  
ASN CB  HB3  sing N N 49  
ASN CG  OD1  doub N N 50  
ASN CG  ND2  sing N N 51  
ASN ND2 HD21 sing N N 52  
ASN ND2 HD22 sing N N 53  
ASN OXT HXT  sing N N 54  
ASP N   CA   sing N N 55  
ASP N   H    sing N N 56  
ASP N   H2   sing N N 57  
ASP CA  C    sing N N 58  
ASP CA  CB   sing N N 59  
ASP CA  HA   sing N N 60  
ASP C   O    doub N N 61  
ASP C   OXT  sing N N 62  
ASP CB  CG   sing N N 63  
ASP CB  HB2  sing N N 64  
ASP CB  HB3  sing N N 65  
ASP CG  OD1  doub N N 66  
ASP CG  OD2  sing N N 67  
ASP OD2 HD2  sing N N 68  
ASP OXT HXT  sing N N 69  
CYS N   CA   sing N N 70  
CYS N   H    sing N N 71  
CYS N   H2   sing N N 72  
CYS CA  C    sing N N 73  
CYS CA  CB   sing N N 74  
CYS CA  HA   sing N N 75  
CYS C   O    doub N N 76  
CYS C   OXT  sing N N 77  
CYS CB  SG   sing N N 78  
CYS CB  HB2  sing N N 79  
CYS CB  HB3  sing N N 80  
CYS SG  HG   sing N N 81  
CYS OXT HXT  sing N N 82  
GLN N   CA   sing N N 83  
GLN N   H    sing N N 84  
GLN N   H2   sing N N 85  
GLN CA  C    sing N N 86  
GLN CA  CB   sing N N 87  
GLN CA  HA   sing N N 88  
GLN C   O    doub N N 89  
GLN C   OXT  sing N N 90  
GLN CB  CG   sing N N 91  
GLN CB  HB2  sing N N 92  
GLN CB  HB3  sing N N 93  
GLN CG  CD   sing N N 94  
GLN CG  HG2  sing N N 95  
GLN CG  HG3  sing N N 96  
GLN CD  OE1  doub N N 97  
GLN CD  NE2  sing N N 98  
GLN NE2 HE21 sing N N 99  
GLN NE2 HE22 sing N N 100 
GLN OXT HXT  sing N N 101 
GLU N   CA   sing N N 102 
GLU N   H    sing N N 103 
GLU N   H2   sing N N 104 
GLU CA  C    sing N N 105 
GLU CA  CB   sing N N 106 
GLU CA  HA   sing N N 107 
GLU C   O    doub N N 108 
GLU C   OXT  sing N N 109 
GLU CB  CG   sing N N 110 
GLU CB  HB2  sing N N 111 
GLU CB  HB3  sing N N 112 
GLU CG  CD   sing N N 113 
GLU CG  HG2  sing N N 114 
GLU CG  HG3  sing N N 115 
GLU CD  OE1  doub N N 116 
GLU CD  OE2  sing N N 117 
GLU OE2 HE2  sing N N 118 
GLU OXT HXT  sing N N 119 
GLY N   CA   sing N N 120 
GLY N   H    sing N N 121 
GLY N   H2   sing N N 122 
GLY CA  C    sing N N 123 
GLY CA  HA2  sing N N 124 
GLY CA  HA3  sing N N 125 
GLY C   O    doub N N 126 
GLY C   OXT  sing N N 127 
GLY OXT HXT  sing N N 128 
HIS N   CA   sing N N 129 
HIS N   H    sing N N 130 
HIS N   H2   sing N N 131 
HIS CA  C    sing N N 132 
HIS CA  CB   sing N N 133 
HIS CA  HA   sing N N 134 
HIS C   O    doub N N 135 
HIS C   OXT  sing N N 136 
HIS CB  CG   sing N N 137 
HIS CB  HB2  sing N N 138 
HIS CB  HB3  sing N N 139 
HIS CG  ND1  sing Y N 140 
HIS CG  CD2  doub Y N 141 
HIS ND1 CE1  doub Y N 142 
HIS ND1 HD1  sing N N 143 
HIS CD2 NE2  sing Y N 144 
HIS CD2 HD2  sing N N 145 
HIS CE1 NE2  sing Y N 146 
HIS CE1 HE1  sing N N 147 
HIS NE2 HE2  sing N N 148 
HIS OXT HXT  sing N N 149 
HOH O   H1   sing N N 150 
HOH O   H2   sing N N 151 
ILE N   CA   sing N N 152 
ILE N   H    sing N N 153 
ILE N   H2   sing N N 154 
ILE CA  C    sing N N 155 
ILE CA  CB   sing N N 156 
ILE CA  HA   sing N N 157 
ILE C   O    doub N N 158 
ILE C   OXT  sing N N 159 
ILE CB  CG1  sing N N 160 
ILE CB  CG2  sing N N 161 
ILE CB  HB   sing N N 162 
ILE CG1 CD1  sing N N 163 
ILE CG1 HG12 sing N N 164 
ILE CG1 HG13 sing N N 165 
ILE CG2 HG21 sing N N 166 
ILE CG2 HG22 sing N N 167 
ILE CG2 HG23 sing N N 168 
ILE CD1 HD11 sing N N 169 
ILE CD1 HD12 sing N N 170 
ILE CD1 HD13 sing N N 171 
ILE OXT HXT  sing N N 172 
LEU N   CA   sing N N 173 
LEU N   H    sing N N 174 
LEU N   H2   sing N N 175 
LEU CA  C    sing N N 176 
LEU CA  CB   sing N N 177 
LEU CA  HA   sing N N 178 
LEU C   O    doub N N 179 
LEU C   OXT  sing N N 180 
LEU CB  CG   sing N N 181 
LEU CB  HB2  sing N N 182 
LEU CB  HB3  sing N N 183 
LEU CG  CD1  sing N N 184 
LEU CG  CD2  sing N N 185 
LEU CG  HG   sing N N 186 
LEU CD1 HD11 sing N N 187 
LEU CD1 HD12 sing N N 188 
LEU CD1 HD13 sing N N 189 
LEU CD2 HD21 sing N N 190 
LEU CD2 HD22 sing N N 191 
LEU CD2 HD23 sing N N 192 
LEU OXT HXT  sing N N 193 
LYS N   CA   sing N N 194 
LYS N   H    sing N N 195 
LYS N   H2   sing N N 196 
LYS CA  C    sing N N 197 
LYS CA  CB   sing N N 198 
LYS CA  HA   sing N N 199 
LYS C   O    doub N N 200 
LYS C   OXT  sing N N 201 
LYS CB  CG   sing N N 202 
LYS CB  HB2  sing N N 203 
LYS CB  HB3  sing N N 204 
LYS CG  CD   sing N N 205 
LYS CG  HG2  sing N N 206 
LYS CG  HG3  sing N N 207 
LYS CD  CE   sing N N 208 
LYS CD  HD2  sing N N 209 
LYS CD  HD3  sing N N 210 
LYS CE  NZ   sing N N 211 
LYS CE  HE2  sing N N 212 
LYS CE  HE3  sing N N 213 
LYS NZ  HZ1  sing N N 214 
LYS NZ  HZ2  sing N N 215 
LYS NZ  HZ3  sing N N 216 
LYS OXT HXT  sing N N 217 
MET N   CA   sing N N 218 
MET N   H    sing N N 219 
MET N   H2   sing N N 220 
MET CA  C    sing N N 221 
MET CA  CB   sing N N 222 
MET CA  HA   sing N N 223 
MET C   O    doub N N 224 
MET C   OXT  sing N N 225 
MET CB  CG   sing N N 226 
MET CB  HB2  sing N N 227 
MET CB  HB3  sing N N 228 
MET CG  SD   sing N N 229 
MET CG  HG2  sing N N 230 
MET CG  HG3  sing N N 231 
MET SD  CE   sing N N 232 
MET CE  HE1  sing N N 233 
MET CE  HE2  sing N N 234 
MET CE  HE3  sing N N 235 
MET OXT HXT  sing N N 236 
PHE N   CA   sing N N 237 
PHE N   H    sing N N 238 
PHE N   H2   sing N N 239 
PHE CA  C    sing N N 240 
PHE CA  CB   sing N N 241 
PHE CA  HA   sing N N 242 
PHE C   O    doub N N 243 
PHE C   OXT  sing N N 244 
PHE CB  CG   sing N N 245 
PHE CB  HB2  sing N N 246 
PHE CB  HB3  sing N N 247 
PHE CG  CD1  doub Y N 248 
PHE CG  CD2  sing Y N 249 
PHE CD1 CE1  sing Y N 250 
PHE CD1 HD1  sing N N 251 
PHE CD2 CE2  doub Y N 252 
PHE CD2 HD2  sing N N 253 
PHE CE1 CZ   doub Y N 254 
PHE CE1 HE1  sing N N 255 
PHE CE2 CZ   sing Y N 256 
PHE CE2 HE2  sing N N 257 
PHE CZ  HZ   sing N N 258 
PHE OXT HXT  sing N N 259 
PRO N   CA   sing N N 260 
PRO N   CD   sing N N 261 
PRO N   H    sing N N 262 
PRO CA  C    sing N N 263 
PRO CA  CB   sing N N 264 
PRO CA  HA   sing N N 265 
PRO C   O    doub N N 266 
PRO C   OXT  sing N N 267 
PRO CB  CG   sing N N 268 
PRO CB  HB2  sing N N 269 
PRO CB  HB3  sing N N 270 
PRO CG  CD   sing N N 271 
PRO CG  HG2  sing N N 272 
PRO CG  HG3  sing N N 273 
PRO CD  HD2  sing N N 274 
PRO CD  HD3  sing N N 275 
PRO OXT HXT  sing N N 276 
SER N   CA   sing N N 277 
SER N   H    sing N N 278 
SER N   H2   sing N N 279 
SER CA  C    sing N N 280 
SER CA  CB   sing N N 281 
SER CA  HA   sing N N 282 
SER C   O    doub N N 283 
SER C   OXT  sing N N 284 
SER CB  OG   sing N N 285 
SER CB  HB2  sing N N 286 
SER CB  HB3  sing N N 287 
SER OG  HG   sing N N 288 
SER OXT HXT  sing N N 289 
SO4 S   O1   doub N N 290 
SO4 S   O2   doub N N 291 
SO4 S   O3   sing N N 292 
SO4 S   O4   sing N N 293 
THR N   CA   sing N N 294 
THR N   H    sing N N 295 
THR N   H2   sing N N 296 
THR CA  C    sing N N 297 
THR CA  CB   sing N N 298 
THR CA  HA   sing N N 299 
THR C   O    doub N N 300 
THR C   OXT  sing N N 301 
THR CB  OG1  sing N N 302 
THR CB  CG2  sing N N 303 
THR CB  HB   sing N N 304 
THR OG1 HG1  sing N N 305 
THR CG2 HG21 sing N N 306 
THR CG2 HG22 sing N N 307 
THR CG2 HG23 sing N N 308 
THR OXT HXT  sing N N 309 
TRP N   CA   sing N N 310 
TRP N   H    sing N N 311 
TRP N   H2   sing N N 312 
TRP CA  C    sing N N 313 
TRP CA  CB   sing N N 314 
TRP CA  HA   sing N N 315 
TRP C   O    doub N N 316 
TRP C   OXT  sing N N 317 
TRP CB  CG   sing N N 318 
TRP CB  HB2  sing N N 319 
TRP CB  HB3  sing N N 320 
TRP CG  CD1  doub Y N 321 
TRP CG  CD2  sing Y N 322 
TRP CD1 NE1  sing Y N 323 
TRP CD1 HD1  sing N N 324 
TRP CD2 CE2  doub Y N 325 
TRP CD2 CE3  sing Y N 326 
TRP NE1 CE2  sing Y N 327 
TRP NE1 HE1  sing N N 328 
TRP CE2 CZ2  sing Y N 329 
TRP CE3 CZ3  doub Y N 330 
TRP CE3 HE3  sing N N 331 
TRP CZ2 CH2  doub Y N 332 
TRP CZ2 HZ2  sing N N 333 
TRP CZ3 CH2  sing Y N 334 
TRP CZ3 HZ3  sing N N 335 
TRP CH2 HH2  sing N N 336 
TRP OXT HXT  sing N N 337 
TYR N   CA   sing N N 338 
TYR N   H    sing N N 339 
TYR N   H2   sing N N 340 
TYR CA  C    sing N N 341 
TYR CA  CB   sing N N 342 
TYR CA  HA   sing N N 343 
TYR C   O    doub N N 344 
TYR C   OXT  sing N N 345 
TYR CB  CG   sing N N 346 
TYR CB  HB2  sing N N 347 
TYR CB  HB3  sing N N 348 
TYR CG  CD1  doub Y N 349 
TYR CG  CD2  sing Y N 350 
TYR CD1 CE1  sing Y N 351 
TYR CD1 HD1  sing N N 352 
TYR CD2 CE2  doub Y N 353 
TYR CD2 HD2  sing N N 354 
TYR CE1 CZ   doub Y N 355 
TYR CE1 HE1  sing N N 356 
TYR CE2 CZ   sing Y N 357 
TYR CE2 HE2  sing N N 358 
TYR CZ  OH   sing N N 359 
TYR OH  HH   sing N N 360 
TYR OXT HXT  sing N N 361 
VAL N   CA   sing N N 362 
VAL N   H    sing N N 363 
VAL N   H2   sing N N 364 
VAL CA  C    sing N N 365 
VAL CA  CB   sing N N 366 
VAL CA  HA   sing N N 367 
VAL C   O    doub N N 368 
VAL C   OXT  sing N N 369 
VAL CB  CG1  sing N N 370 
VAL CB  CG2  sing N N 371 
VAL CB  HB   sing N N 372 
VAL CG1 HG11 sing N N 373 
VAL CG1 HG12 sing N N 374 
VAL CG1 HG13 sing N N 375 
VAL CG2 HG21 sing N N 376 
VAL CG2 HG22 sing N N 377 
VAL CG2 HG23 sing N N 378 
VAL OXT HXT  sing N N 379 
# 
_atom_sites.entry_id                    1SGL 
_atom_sites.fract_transf_matrix[1][1]   0.00295766 
_atom_sites.fract_transf_matrix[1][2]   -0.01000582 
_atom_sites.fract_transf_matrix[1][3]   -0.00648542 
_atom_sites.fract_transf_matrix[2][1]   -0.00042150 
_atom_sites.fract_transf_matrix[2][2]   -0.01108646 
_atom_sites.fract_transf_matrix[2][3]   0.00527579 
_atom_sites.fract_transf_matrix[3][1]   -0.01651578 
_atom_sites.fract_transf_matrix[3][2]   -0.00170476 
_atom_sites.fract_transf_matrix[3][3]   -0.00490184 
_atom_sites.fract_transf_vector[1]      0.328842 
_atom_sites.fract_transf_vector[2]      0.441447 
_atom_sites.fract_transf_vector[3]      0.626489 
# 
loop_
_atom_type.symbol 
C 
N 
O 
S 
# 
loop_
_atom_site.group_PDB 
_atom_site.id 
_atom_site.type_symbol 
_atom_site.label_atom_id 
_atom_site.label_alt_id 
_atom_site.label_comp_id 
_atom_site.label_asym_id 
_atom_site.label_entity_id 
_atom_site.label_seq_id 
_atom_site.pdbx_PDB_ins_code 
_atom_site.Cartn_x 
_atom_site.Cartn_y 
_atom_site.Cartn_z 
_atom_site.occupancy 
_atom_site.B_iso_or_equiv 
_atom_site.pdbx_formal_charge 
_atom_site.auth_seq_id 
_atom_site.auth_comp_id 
_atom_site.auth_asym_id 
_atom_site.auth_atom_id 
_atom_site.pdbx_PDB_model_num 
ATOM   1    N N   . GLU A 1 4   ? 14.160  -12.982 11.700  1.00 40.14 ? 4   GLU A N   1 
ATOM   2    C CA  . GLU A 1 4   ? 15.223  -12.367 10.846  1.00 40.01 ? 4   GLU A CA  1 
ATOM   3    C C   . GLU A 1 4   ? 14.702  -11.998 9.457   1.00 37.41 ? 4   GLU A C   1 
ATOM   4    O O   . GLU A 1 4   ? 14.039  -12.803 8.799   1.00 36.19 ? 4   GLU A O   1 
ATOM   5    C CB  . GLU A 1 4   ? 16.392  -13.339 10.683  1.00 43.13 ? 4   GLU A CB  1 
ATOM   6    C CG  . GLU A 1 4   ? 15.999  -14.625 9.971   1.00 47.81 ? 4   GLU A CG  1 
ATOM   7    C CD  . GLU A 1 4   ? 17.177  -15.527 9.681   1.00 50.18 ? 4   GLU A CD  1 
ATOM   8    O OE1 . GLU A 1 4   ? 17.906  -15.876 10.636  1.00 51.01 ? 4   GLU A OE1 1 
ATOM   9    O OE2 . GLU A 1 4   ? 17.366  -15.891 8.497   1.00 52.01 ? 4   GLU A OE2 1 
ATOM   10   N N   . PHE A 1 5   ? 15.011  -10.781 9.015   1.00 34.83 ? 5   PHE A N   1 
ATOM   11   C CA  . PHE A 1 5   ? 14.594  -10.317 7.697   1.00 32.81 ? 5   PHE A CA  1 
ATOM   12   C C   . PHE A 1 5   ? 15.620  -9.321  7.180   1.00 31.34 ? 5   PHE A C   1 
ATOM   13   O O   . PHE A 1 5   ? 16.374  -8.743  7.961   1.00 30.87 ? 5   PHE A O   1 
ATOM   14   C CB  . PHE A 1 5   ? 13.205  -9.665  7.764   1.00 34.11 ? 5   PHE A CB  1 
ATOM   15   C CG  . PHE A 1 5   ? 13.161  -8.383  8.556   1.00 34.57 ? 5   PHE A CG  1 
ATOM   16   C CD1 . PHE A 1 5   ? 13.242  -7.151  7.915   1.00 34.95 ? 5   PHE A CD1 1 
ATOM   17   C CD2 . PHE A 1 5   ? 13.023  -8.409  9.941   1.00 34.36 ? 5   PHE A CD2 1 
ATOM   18   C CE1 . PHE A 1 5   ? 13.183  -5.959  8.645   1.00 35.46 ? 5   PHE A CE1 1 
ATOM   19   C CE2 . PHE A 1 5   ? 12.964  -7.227  10.677  1.00 35.19 ? 5   PHE A CE2 1 
ATOM   20   C CZ  . PHE A 1 5   ? 13.043  -6.000  10.028  1.00 35.45 ? 5   PHE A CZ  1 
ATOM   21   N N   . ASP A 1 6   ? 15.662  -9.140  5.862   1.00 29.51 ? 6   ASP A N   1 
ATOM   22   C CA  . ASP A 1 6   ? 16.599  -8.206  5.257   1.00 28.32 ? 6   ASP A CA  1 
ATOM   23   C C   . ASP A 1 6   ? 15.882  -6.993  4.701   1.00 26.90 ? 6   ASP A C   1 
ATOM   24   O O   . ASP A 1 6   ? 16.418  -5.887  4.712   1.00 26.36 ? 6   ASP A O   1 
ATOM   25   C CB  . ASP A 1 6   ? 17.366  -8.841  4.082   1.00 30.04 ? 6   ASP A CB  1 
ATOM   26   C CG  . ASP A 1 6   ? 18.338  -9.932  4.510   1.00 31.12 ? 6   ASP A CG  1 
ATOM   27   O OD1 . ASP A 1 6   ? 19.048  -9.770  5.526   1.00 30.21 ? 6   ASP A OD1 1 
ATOM   28   O OD2 . ASP A 1 6   ? 18.404  -10.952 3.800   1.00 32.89 ? 6   ASP A OD2 1 
ATOM   29   N N   . TYR A 1 7   ? 14.664  -7.201  4.216   1.00 26.64 ? 7   TYR A N   1 
ATOM   30   C CA  . TYR A 1 7   ? 13.938  -6.113  3.588   1.00 26.01 ? 7   TYR A CA  1 
ATOM   31   C C   . TYR A 1 7   ? 12.537  -5.804  4.090   1.00 25.10 ? 7   TYR A C   1 
ATOM   32   O O   . TYR A 1 7   ? 11.903  -6.611  4.761   1.00 25.16 ? 7   TYR A O   1 
ATOM   33   C CB  . TYR A 1 7   ? 13.859  -6.382  2.083   1.00 25.17 ? 7   TYR A CB  1 
ATOM   34   C CG  . TYR A 1 7   ? 15.169  -6.834  1.469   1.00 25.25 ? 7   TYR A CG  1 
ATOM   35   C CD1 . TYR A 1 7   ? 15.438  -8.192  1.262   1.00 25.80 ? 7   TYR A CD1 1 
ATOM   36   C CD2 . TYR A 1 7   ? 16.139  -5.905  1.095   1.00 23.91 ? 7   TYR A CD2 1 
ATOM   37   C CE1 . TYR A 1 7   ? 16.645  -8.608  0.696   1.00 24.16 ? 7   TYR A CE1 1 
ATOM   38   C CE2 . TYR A 1 7   ? 17.342  -6.309  0.533   1.00 24.78 ? 7   TYR A CE2 1 
ATOM   39   C CZ  . TYR A 1 7   ? 17.588  -7.660  0.337   1.00 25.11 ? 7   TYR A CZ  1 
ATOM   40   O OH  . TYR A 1 7   ? 18.786  -8.051  -0.202  1.00 24.66 ? 7   TYR A OH  1 
ATOM   41   N N   . PHE A 1 8   ? 12.078  -4.607  3.741   1.00 24.51 ? 8   PHE A N   1 
ATOM   42   C CA  . PHE A 1 8   ? 10.744  -4.136  4.065   1.00 22.90 ? 8   PHE A CA  1 
ATOM   43   C C   . PHE A 1 8   ? 9.956   -4.085  2.756   1.00 22.89 ? 8   PHE A C   1 
ATOM   44   O O   . PHE A 1 8   ? 10.518  -3.859  1.678   1.00 21.85 ? 8   PHE A O   1 
ATOM   45   C CB  . PHE A 1 8   ? 10.782  -2.721  4.649   1.00 24.82 ? 8   PHE A CB  1 
ATOM   46   C CG  . PHE A 1 8   ? 11.193  -2.658  6.089   1.00 24.91 ? 8   PHE A CG  1 
ATOM   47   C CD1 . PHE A 1 8   ? 12.423  -2.119  6.451   1.00 27.18 ? 8   PHE A CD1 1 
ATOM   48   C CD2 . PHE A 1 8   ? 10.338  -3.116  7.088   1.00 26.36 ? 8   PHE A CD2 1 
ATOM   49   C CE1 . PHE A 1 8   ? 12.799  -2.034  7.800   1.00 28.94 ? 8   PHE A CE1 1 
ATOM   50   C CE2 . PHE A 1 8   ? 10.698  -3.039  8.431   1.00 26.91 ? 8   PHE A CE2 1 
ATOM   51   C CZ  . PHE A 1 8   ? 11.929  -2.497  8.789   1.00 28.42 ? 8   PHE A CZ  1 
ATOM   52   N N   . ILE A 1 9   ? 8.656   -4.312  2.850   1.00 22.09 ? 9   ILE A N   1 
ATOM   53   C CA  . ILE A 1 9   ? 7.798   -4.231  1.693   1.00 21.66 ? 9   ILE A CA  1 
ATOM   54   C C   . ILE A 1 9   ? 6.742   -3.171  1.972   1.00 21.57 ? 9   ILE A C   1 
ATOM   55   O O   . ILE A 1 9   ? 6.096   -3.188  3.030   1.00 22.51 ? 9   ILE A O   1 
ATOM   56   C CB  . ILE A 1 9   ? 7.063   -5.555  1.411   1.00 24.72 ? 9   ILE A CB  1 
ATOM   57   C CG1 . ILE A 1 9   ? 8.072   -6.681  1.174   1.00 26.19 ? 9   ILE A CG1 1 
ATOM   58   C CG2 . ILE A 1 9   ? 6.157   -5.391  0.182   1.00 24.61 ? 9   ILE A CG2 1 
ATOM   59   C CD1 . ILE A 1 9   ? 7.429   -8.028  0.956   1.00 29.26 ? 9   ILE A CD1 1 
ATOM   60   N N   . LEU A 1 10  ? 6.592   -2.240  1.035   1.00 20.01 ? 10  LEU A N   1 
ATOM   61   C CA  . LEU A 1 10  ? 5.583   -1.190  1.125   1.00 19.14 ? 10  LEU A CA  1 
ATOM   62   C C   . LEU A 1 10  ? 4.524   -1.582  0.106   1.00 18.20 ? 10  LEU A C   1 
ATOM   63   O O   . LEU A 1 10  ? 4.762   -1.523  -1.098  1.00 18.01 ? 10  LEU A O   1 
ATOM   64   C CB  . LEU A 1 10  ? 6.160   0.181   0.759   1.00 19.32 ? 10  LEU A CB  1 
ATOM   65   C CG  . LEU A 1 10  ? 5.146   1.336   0.654   1.00 21.40 ? 10  LEU A CG  1 
ATOM   66   C CD1 . LEU A 1 10  ? 4.426   1.542   1.978   1.00 21.29 ? 10  LEU A CD1 1 
ATOM   67   C CD2 . LEU A 1 10  ? 5.872   2.615   0.243   1.00 21.68 ? 10  LEU A CD2 1 
ATOM   68   N N   . ALA A 1 11  ? 3.365   -1.999  0.596   1.00 18.15 ? 11  ALA A N   1 
ATOM   69   C CA  . ALA A 1 11  ? 2.270   -2.423  -0.260  1.00 18.53 ? 11  ALA A CA  1 
ATOM   70   C C   . ALA A 1 11  ? 1.309   -1.281  -0.567  1.00 19.46 ? 11  ALA A C   1 
ATOM   71   O O   . ALA A 1 11  ? 0.813   -0.611  0.343   1.00 19.17 ? 11  ALA A O   1 
ATOM   72   C CB  . ALA A 1 11  ? 1.521   -3.568  0.403   1.00 17.60 ? 11  ALA A CB  1 
ATOM   73   N N   . LEU A 1 12  ? 1.058   -1.063  -1.851  1.00 20.48 ? 12  LEU A N   1 
ATOM   74   C CA  . LEU A 1 12  ? 0.149   -0.015  -2.298  1.00 20.75 ? 12  LEU A CA  1 
ATOM   75   C C   . LEU A 1 12  ? -1.005  -0.654  -3.053  1.00 21.88 ? 12  LEU A C   1 
ATOM   76   O O   . LEU A 1 12  ? -0.824  -1.658  -3.736  1.00 22.34 ? 12  LEU A O   1 
ATOM   77   C CB  . LEU A 1 12  ? 0.863   0.968   -3.225  1.00 19.87 ? 12  LEU A CB  1 
ATOM   78   C CG  . LEU A 1 12  ? 2.123   1.657   -2.698  1.00 20.31 ? 12  LEU A CG  1 
ATOM   79   C CD1 . LEU A 1 12  ? 2.641   2.625   -3.764  1.00 20.36 ? 12  LEU A CD1 1 
ATOM   80   C CD2 . LEU A 1 12  ? 1.817   2.399   -1.404  1.00 21.31 ? 12  LEU A CD2 1 
ATOM   81   N N   . GLN A 1 13  ? -2.190  -0.067  -2.930  1.00 21.72 ? 13  GLN A N   1 
ATOM   82   C CA  . GLN A 1 13  ? -3.371  -0.583  -3.601  1.00 21.92 ? 13  GLN A CA  1 
ATOM   83   C C   . GLN A 1 13  ? -3.911  0.416   -4.602  1.00 20.41 ? 13  GLN A C   1 
ATOM   84   O O   . GLN A 1 13  ? -3.890  1.618   -4.351  1.00 20.76 ? 13  GLN A O   1 
ATOM   85   C CB  . GLN A 1 13  ? -4.462  -0.901  -2.577  1.00 26.53 ? 13  GLN A CB  1 
ATOM   86   C CG  . GLN A 1 13  ? -4.098  -2.055  -1.672  1.00 34.35 ? 13  GLN A CG  1 
ATOM   87   C CD  . GLN A 1 13  ? -5.251  -2.536  -0.832  1.00 37.45 ? 13  GLN A CD  1 
ATOM   88   O OE1 . GLN A 1 13  ? -5.086  -3.432  -0.004  1.00 42.63 ? 13  GLN A OE1 1 
ATOM   89   N NE2 . GLN A 1 13  ? -6.433  -1.951  -1.036  1.00 40.21 ? 13  GLN A NE2 1 
ATOM   90   N N   . TRP A 1 14  ? -4.395  -0.085  -5.732  1.00 19.12 ? 14  TRP A N   1 
ATOM   91   C CA  . TRP A 1 14  ? -4.966  0.773   -6.758  1.00 18.65 ? 14  TRP A CA  1 
ATOM   92   C C   . TRP A 1 14  ? -6.429  1.030   -6.397  1.00 18.67 ? 14  TRP A C   1 
ATOM   93   O O   . TRP A 1 14  ? -7.257  0.113   -6.412  1.00 18.41 ? 14  TRP A O   1 
ATOM   94   C CB  . TRP A 1 14  ? -4.879  0.111   -8.140  1.00 17.33 ? 14  TRP A CB  1 
ATOM   95   C CG  . TRP A 1 14  ? -5.436  0.983   -9.230  1.00 18.10 ? 14  TRP A CG  1 
ATOM   96   C CD1 . TRP A 1 14  ? -6.562  0.759   -9.971  1.00 17.61 ? 14  TRP A CD1 1 
ATOM   97   C CD2 . TRP A 1 14  ? -4.924  2.255   -9.658  1.00 17.32 ? 14  TRP A CD2 1 
ATOM   98   N NE1 . TRP A 1 14  ? -6.788  1.815   -10.832 1.00 17.27 ? 14  TRP A NE1 1 
ATOM   99   C CE2 . TRP A 1 14  ? -5.798  2.745   -10.659 1.00 17.36 ? 14  TRP A CE2 1 
ATOM   100  C CE3 . TRP A 1 14  ? -3.811  3.024   -9.294  1.00 16.89 ? 14  TRP A CE3 1 
ATOM   101  C CZ2 . TRP A 1 14  ? -5.594  3.967   -11.297 1.00 18.11 ? 14  TRP A CZ2 1 
ATOM   102  C CZ3 . TRP A 1 14  ? -3.607  4.247   -9.932  1.00 16.67 ? 14  TRP A CZ3 1 
ATOM   103  C CH2 . TRP A 1 14  ? -4.496  4.703   -10.921 1.00 19.07 ? 14  TRP A CH2 1 
ATOM   104  N N   . ALA A 1 15  ? -6.741  2.279   -6.082  1.00 19.12 ? 15  ALA A N   1 
ATOM   105  C CA  . ALA A 1 15  ? -8.097  2.646   -5.678  1.00 20.71 ? 15  ALA A CA  1 
ATOM   106  C C   . ALA A 1 15  ? -9.196  2.203   -6.646  1.00 21.53 ? 15  ALA A C   1 
ATOM   107  O O   . ALA A 1 15  ? -10.244 1.736   -6.218  1.00 20.58 ? 15  ALA A O   1 
ATOM   108  C CB  . ALA A 1 15  ? -8.175  4.146   -5.450  1.00 19.83 ? 15  ALA A CB  1 
ATOM   109  N N   . GLY A 1 16  ? -8.950  2.336   -7.947  1.00 23.08 ? 16  GLY A N   1 
ATOM   110  C CA  . GLY A 1 16  ? -9.957  1.953   -8.920  1.00 23.55 ? 16  GLY A CA  1 
ATOM   111  C C   . GLY A 1 16  ? -10.407 0.508   -8.812  1.00 25.36 ? 16  GLY A C   1 
ATOM   112  O O   . GLY A 1 16  ? -11.588 0.193   -8.977  1.00 26.34 ? 16  GLY A O   1 
ATOM   113  N N   . THR A 1 17  ? -9.466  -0.381  -8.525  1.00 25.49 ? 17  THR A N   1 
ATOM   114  C CA  . THR A 1 17  ? -9.779  -1.797  -8.419  1.00 25.84 ? 17  THR A CA  1 
ATOM   115  C C   . THR A 1 17  ? -10.402 -2.173  -7.074  1.00 27.37 ? 17  THR A C   1 
ATOM   116  O O   . THR A 1 17  ? -11.256 -3.062  -7.004  1.00 28.02 ? 17  THR A O   1 
ATOM   117  C CB  . THR A 1 17  ? -8.512  -2.643  -8.673  1.00 25.80 ? 17  THR A CB  1 
ATOM   118  O OG1 . THR A 1 17  ? -8.028  -2.362  -9.993  1.00 26.54 ? 17  THR A OG1 1 
ATOM   119  C CG2 . THR A 1 17  ? -8.808  -4.134  -8.545  1.00 23.83 ? 17  THR A CG2 1 
ATOM   120  N N   . SER A 1 18  ? -9.979  -1.502  -6.009  1.00 27.39 ? 18  SER A N   1 
ATOM   121  C CA  . SER A 1 18  ? -10.522 -1.776  -4.683  1.00 29.28 ? 18  SER A CA  1 
ATOM   122  C C   . SER A 1 18  ? -11.958 -1.256  -4.575  1.00 30.83 ? 18  SER A C   1 
ATOM   123  O O   . SER A 1 18  ? -12.718 -1.673  -3.705  1.00 30.31 ? 18  SER A O   1 
ATOM   124  C CB  . SER A 1 18  ? -9.672  -1.097  -3.604  1.00 27.73 ? 18  SER A CB  1 
ATOM   125  O OG  . SER A 1 18  ? -8.375  -1.654  -3.523  1.00 30.01 ? 18  SER A OG  1 
ATOM   126  N N   . CYS A 1 19  ? -12.317 -0.339  -5.463  1.00 32.77 ? 19  CYS A N   1 
ATOM   127  C CA  . CYS A 1 19  ? -13.641 0.265   -5.450  1.00 35.04 ? 19  CYS A CA  1 
ATOM   128  C C   . CYS A 1 19  ? -14.581 -0.199  -6.550  1.00 38.75 ? 19  CYS A C   1 
ATOM   129  O O   . CYS A 1 19  ? -15.716 0.260   -6.610  1.00 40.20 ? 19  CYS A O   1 
ATOM   130  C CB  . CYS A 1 19  ? -13.505 1.781   -5.558  1.00 31.98 ? 19  CYS A CB  1 
ATOM   131  S SG  . CYS A 1 19  ? -12.561 2.540   -4.204  1.00 30.07 ? 19  CYS A SG  1 
ATOM   132  N N   . ARG A 1 20  ? -14.130 -1.099  -7.417  1.00 42.52 ? 20  ARG A N   1 
ATOM   133  C CA  . ARG A 1 20  ? -14.978 -1.532  -8.523  1.00 47.27 ? 20  ARG A CA  1 
ATOM   134  C C   . ARG A 1 20  ? -16.176 -2.390  -8.137  1.00 49.72 ? 20  ARG A C   1 
ATOM   135  O O   . ARG A 1 20  ? -17.058 -2.638  -8.962  1.00 50.09 ? 20  ARG A O   1 
ATOM   136  C CB  . ARG A 1 20  ? -14.153 -2.262  -9.585  1.00 47.93 ? 20  ARG A CB  1 
ATOM   137  C CG  . ARG A 1 20  ? -13.867 -3.716  -9.293  1.00 50.12 ? 20  ARG A CG  1 
ATOM   138  C CD  . ARG A 1 20  ? -13.593 -4.431  -10.608 1.00 51.93 ? 20  ARG A CD  1 
ATOM   139  N NE  . ARG A 1 20  ? -13.221 -5.830  -10.430 1.00 53.25 ? 20  ARG A NE  1 
ATOM   140  C CZ  . ARG A 1 20  ? -13.054 -6.683  -11.436 1.00 53.34 ? 20  ARG A CZ  1 
ATOM   141  N NH1 . ARG A 1 20  ? -13.233 -6.280  -12.686 1.00 52.79 ? 20  ARG A NH1 1 
ATOM   142  N NH2 . ARG A 1 20  ? -12.703 -7.939  -11.193 1.00 53.62 ? 20  ARG A NH2 1 
ATOM   143  N N   . SER A 1 21  ? -16.216 -2.849  -6.896  1.00 52.53 ? 21  SER A N   1 
ATOM   144  C CA  . SER A 1 21  ? -17.341 -3.658  -6.454  1.00 55.66 ? 21  SER A CA  1 
ATOM   145  C C   . SER A 1 21  ? -18.276 -2.763  -5.639  1.00 57.60 ? 21  SER A C   1 
ATOM   146  O O   . SER A 1 21  ? -18.680 -3.110  -4.527  1.00 58.47 ? 21  SER A O   1 
ATOM   147  C CB  . SER A 1 21  ? -16.855 -4.844  -5.613  1.00 56.30 ? 21  SER A CB  1 
ATOM   148  O OG  . SER A 1 21  ? -17.886 -5.802  -5.444  1.00 56.30 ? 21  SER A OG  1 
ATOM   149  N N   . GLY A 1 22  ? -18.596 -1.602  -6.209  1.00 58.73 ? 22  GLY A N   1 
ATOM   150  C CA  . GLY A 1 22  ? -19.481 -0.648  -5.563  1.00 59.93 ? 22  GLY A CA  1 
ATOM   151  C C   . GLY A 1 22  ? -19.328 -0.527  -4.057  1.00 60.51 ? 22  GLY A C   1 
ATOM   152  O O   . GLY A 1 22  ? -18.238 -0.245  -3.548  1.00 60.97 ? 22  GLY A O   1 
ATOM   153  N N   . GLY A 1 23  ? -20.436 -0.731  -3.347  1.00 60.44 ? 23  GLY A N   1 
ATOM   154  C CA  . GLY A 1 23  ? -20.426 -0.643  -1.897  1.00 59.20 ? 23  GLY A CA  1 
ATOM   155  C C   . GLY A 1 23  ? -21.107 0.607   -1.367  1.00 58.36 ? 23  GLY A C   1 
ATOM   156  O O   . GLY A 1 23  ? -21.492 1.494   -2.130  1.00 58.47 ? 23  GLY A O   1 
ATOM   157  N N   . ALA A 1 24  ? -21.255 0.675   -0.049  1.00 56.92 ? 24  ALA A N   1 
ATOM   158  C CA  . ALA A 1 24  ? -21.886 1.821   0.590   1.00 55.71 ? 24  ALA A CA  1 
ATOM   159  C C   . ALA A 1 24  ? -20.812 2.698   1.219   1.00 54.15 ? 24  ALA A C   1 
ATOM   160  O O   . ALA A 1 24  ? -19.838 2.189   1.771   1.00 55.34 ? 24  ALA A O   1 
ATOM   161  C CB  . ALA A 1 24  ? -22.868 1.345   1.656   1.00 56.03 ? 24  ALA A CB  1 
ATOM   162  N N   . CYS A 1 25  ? -20.979 4.013   1.129   1.00 52.10 ? 25  CYS A N   1 
ATOM   163  C CA  . CYS A 1 25  ? -20.008 4.931   1.712   1.00 49.95 ? 25  CYS A CA  1 
ATOM   164  C C   . CYS A 1 25  ? -20.055 4.906   3.228   1.00 47.45 ? 25  CYS A C   1 
ATOM   165  O O   . CYS A 1 25  ? -21.116 5.049   3.837   1.00 48.88 ? 25  CYS A O   1 
ATOM   166  C CB  . CYS A 1 25  ? -20.245 6.360   1.215   1.00 50.78 ? 25  CYS A CB  1 
ATOM   167  S SG  . CYS A 1 25  ? -19.742 6.563   -0.517  1.00 53.71 ? 25  CYS A SG  1 
ATOM   168  N N   . CYS A 1 26  ? -18.895 4.712   3.836   1.00 43.04 ? 26  CYS A N   1 
ATOM   169  C CA  . CYS A 1 26  ? -18.795 4.670   5.281   1.00 38.51 ? 26  CYS A CA  1 
ATOM   170  C C   . CYS A 1 26  ? -17.564 5.459   5.671   1.00 35.46 ? 26  CYS A C   1 
ATOM   171  O O   . CYS A 1 26  ? -16.763 5.831   4.815   1.00 34.94 ? 26  CYS A O   1 
ATOM   172  C CB  . CYS A 1 26  ? -18.654 3.228   5.752   1.00 39.32 ? 26  CYS A CB  1 
ATOM   173  S SG  . CYS A 1 26  ? -17.311 2.347   4.901   1.00 39.47 ? 26  CYS A SG  1 
ATOM   174  N N   . PRO A 1 27  ? -17.395 5.728   6.971   1.00 33.25 ? 27  PRO A N   1 
ATOM   175  C CA  . PRO A 1 27  ? -16.234 6.488   7.444   1.00 31.15 ? 27  PRO A CA  1 
ATOM   176  C C   . PRO A 1 27  ? -14.891 5.880   7.030   1.00 30.25 ? 27  PRO A C   1 
ATOM   177  O O   . PRO A 1 27  ? -14.732 4.664   7.018   1.00 29.62 ? 27  PRO A O   1 
ATOM   178  C CB  . PRO A 1 27  ? -16.421 6.486   8.960   1.00 31.39 ? 27  PRO A CB  1 
ATOM   179  C CG  . PRO A 1 27  ? -17.941 6.463   9.105   1.00 31.89 ? 27  PRO A CG  1 
ATOM   180  C CD  . PRO A 1 27  ? -18.331 5.441   8.078   1.00 32.25 ? 27  PRO A CD  1 
ATOM   181  N N   . TYR A 1 28  ? -13.940 6.748   6.692   1.00 28.25 ? 28  TYR A N   1 
ATOM   182  C CA  . TYR A 1 28  ? -12.582 6.360   6.306   1.00 28.50 ? 28  TYR A CA  1 
ATOM   183  C C   . TYR A 1 28  ? -12.468 5.648   4.965   1.00 28.51 ? 28  TYR A C   1 
ATOM   184  O O   . TYR A 1 28  ? -11.375 5.255   4.570   1.00 29.25 ? 28  TYR A O   1 
ATOM   185  C CB  . TYR A 1 28  ? -11.948 5.473   7.393   1.00 27.22 ? 28  TYR A CB  1 
ATOM   186  C CG  . TYR A 1 28  ? -11.970 6.069   8.786   1.00 27.60 ? 28  TYR A CG  1 
ATOM   187  C CD1 . TYR A 1 28  ? -12.810 5.550   9.774   1.00 27.51 ? 28  TYR A CD1 1 
ATOM   188  C CD2 . TYR A 1 28  ? -11.173 7.167   9.108   1.00 27.21 ? 28  TYR A CD2 1 
ATOM   189  C CE1 . TYR A 1 28  ? -12.856 6.108   11.043  1.00 28.38 ? 28  TYR A CE1 1 
ATOM   190  C CE2 . TYR A 1 28  ? -11.212 7.735   10.374  1.00 27.43 ? 28  TYR A CE2 1 
ATOM   191  C CZ  . TYR A 1 28  ? -12.055 7.203   11.338  1.00 29.38 ? 28  TYR A CZ  1 
ATOM   192  O OH  . TYR A 1 28  ? -12.100 7.768   12.589  1.00 31.08 ? 28  TYR A OH  1 
ATOM   193  N N   . ASN A 1 29  ? -13.587 5.485   4.267   1.00 29.29 ? 29  ASN A N   1 
ATOM   194  C CA  . ASN A 1 29  ? -13.582 4.788   2.986   1.00 30.57 ? 29  ASN A CA  1 
ATOM   195  C C   . ASN A 1 29  ? -12.943 5.608   1.874   1.00 30.96 ? 29  ASN A C   1 
ATOM   196  O O   . ASN A 1 29  ? -13.297 6.764   1.665   1.00 30.64 ? 29  ASN A O   1 
ATOM   197  C CB  . ASN A 1 29  ? -15.006 4.415   2.570   1.00 30.56 ? 29  ASN A CB  1 
ATOM   198  C CG  . ASN A 1 29  ? -15.032 3.338   1.507   1.00 31.79 ? 29  ASN A CG  1 
ATOM   199  O OD1 . ASN A 1 29  ? -15.010 2.149   1.817   1.00 33.07 ? 29  ASN A OD1 1 
ATOM   200  N ND2 . ASN A 1 29  ? -15.057 3.747   0.245   1.00 30.79 ? 29  ASN A ND2 1 
ATOM   201  N N   . GLY A 1 30  ? -12.014 4.988   1.151   1.00 31.69 ? 30  GLY A N   1 
ATOM   202  C CA  . GLY A 1 30  ? -11.326 5.670   0.068   1.00 32.18 ? 30  GLY A CA  1 
ATOM   203  C C   . GLY A 1 30  ? -12.082 5.759   -1.249  1.00 33.33 ? 30  GLY A C   1 
ATOM   204  O O   . GLY A 1 30  ? -11.603 6.389   -2.185  1.00 32.77 ? 30  GLY A O   1 
ATOM   205  N N   . CYS A 1 31  ? -13.252 5.137   -1.334  1.00 34.82 ? 31  CYS A N   1 
ATOM   206  C CA  . CYS A 1 31  ? -14.044 5.179   -2.563  1.00 37.45 ? 31  CYS A CA  1 
ATOM   207  C C   . CYS A 1 31  ? -15.036 6.345   -2.586  1.00 40.94 ? 31  CYS A C   1 
ATOM   208  O O   . CYS A 1 31  ? -15.746 6.539   -3.570  1.00 40.78 ? 31  CYS A O   1 
ATOM   209  C CB  . CYS A 1 31  ? -14.833 3.880   -2.739  1.00 34.27 ? 31  CYS A CB  1 
ATOM   210  S SG  . CYS A 1 31  ? -13.841 2.363   -2.637  1.00 30.67 ? 31  CYS A SG  1 
ATOM   211  N N   . CYS A 1 32  ? -15.080 7.111   -1.499  1.00 45.30 ? 32  CYS A N   1 
ATOM   212  C CA  . CYS A 1 32  ? -15.999 8.240   -1.371  1.00 50.23 ? 32  CYS A CA  1 
ATOM   213  C C   . CYS A 1 32  ? -15.215 9.483   -0.976  1.00 52.97 ? 32  CYS A C   1 
ATOM   214  O O   . CYS A 1 32  ? -14.482 9.458   0.013   1.00 54.00 ? 32  CYS A O   1 
ATOM   215  C CB  . CYS A 1 32  ? -17.035 7.926   -0.289  1.00 51.15 ? 32  CYS A CB  1 
ATOM   216  S SG  . CYS A 1 32  ? -17.737 6.251   -0.441  1.00 52.84 ? 32  CYS A SG  1 
ATOM   217  N N   . LYS A 1 33  ? -15.363 10.565  -1.739  1.00 56.41 ? 33  LYS A N   1 
ATOM   218  C CA  . LYS A 1 33  ? -14.653 11.811  -1.440  1.00 59.24 ? 33  LYS A CA  1 
ATOM   219  C C   . LYS A 1 33  ? -14.789 12.834  -2.564  1.00 60.80 ? 33  LYS A C   1 
ATOM   220  O O   . LYS A 1 33  ? -13.791 13.230  -3.175  1.00 60.96 ? 33  LYS A O   1 
ATOM   221  C CB  . LYS A 1 33  ? -13.164 11.532  -1.206  1.00 59.99 ? 33  LYS A CB  1 
ATOM   222  C CG  . LYS A 1 33  ? -12.425 12.632  -0.452  1.00 60.39 ? 33  LYS A CG  1 
ATOM   223  C CD  . LYS A 1 33  ? -12.745 12.592  1.034   1.00 60.14 ? 33  LYS A CD  1 
ATOM   224  C CE  . LYS A 1 33  ? -11.848 13.543  1.815   1.00 60.51 ? 33  LYS A CE  1 
ATOM   225  N NZ  . LYS A 1 33  ? -12.010 13.393  3.293   1.00 59.75 ? 33  LYS A NZ  1 
ATOM   226  N N   . ALA A 1 34  ? -16.022 13.259  -2.832  1.00 62.39 ? 34  ALA A N   1 
ATOM   227  C CA  . ALA A 1 34  ? -16.291 14.244  -3.878  1.00 63.51 ? 34  ALA A CA  1 
ATOM   228  C C   . ALA A 1 34  ? -15.599 13.868  -5.187  1.00 64.39 ? 34  ALA A C   1 
ATOM   229  O O   . ALA A 1 34  ? -15.890 12.821  -5.773  1.00 64.75 ? 34  ALA A O   1 
ATOM   230  C CB  . ALA A 1 34  ? -15.833 15.630  -3.421  1.00 63.92 ? 34  ALA A CB  1 
ATOM   231  N N   . ASP A 1 35  ? -14.687 14.727  -5.643  1.00 64.59 ? 35  ASP A N   1 
ATOM   232  C CA  . ASP A 1 35  ? -13.952 14.478  -6.881  1.00 63.88 ? 35  ASP A CA  1 
ATOM   233  C C   . ASP A 1 35  ? -12.439 14.632  -6.764  1.00 61.85 ? 35  ASP A C   1 
ATOM   234  O O   . ASP A 1 35  ? -11.917 15.721  -6.517  1.00 61.83 ? 35  ASP A O   1 
ATOM   235  C CB  . ASP A 1 35  ? -14.473 15.378  -8.008  1.00 66.06 ? 35  ASP A CB  1 
ATOM   236  C CG  . ASP A 1 35  ? -15.639 14.750  -8.762  1.00 67.84 ? 35  ASP A CG  1 
ATOM   237  O OD1 . ASP A 1 35  ? -16.150 15.384  -9.715  1.00 68.49 ? 35  ASP A OD1 1 
ATOM   238  O OD2 . ASP A 1 35  ? -16.037 13.619  -8.403  1.00 67.90 ? 35  ASP A OD2 1 
ATOM   239  N N   . SER A 1 36  ? -11.749 13.513  -6.953  1.00 59.34 ? 36  SER A N   1 
ATOM   240  C CA  . SER A 1 36  ? -10.296 13.452  -6.900  1.00 56.30 ? 36  SER A CA  1 
ATOM   241  C C   . SER A 1 36  ? -9.859  12.340  -7.847  1.00 53.22 ? 36  SER A C   1 
ATOM   242  O O   . SER A 1 36  ? -10.619 11.407  -8.109  1.00 53.07 ? 36  SER A O   1 
ATOM   243  C CB  . SER A 1 36  ? -9.825  13.135  -5.480  1.00 56.77 ? 36  SER A CB  1 
ATOM   244  O OG  . SER A 1 36  ? -8.422  12.920  -5.448  1.00 57.38 ? 36  SER A OG  1 
ATOM   245  N N   . PRO A 1 37  ? -8.633  12.432  -8.381  1.00 50.22 ? 37  PRO A N   1 
ATOM   246  C CA  . PRO A 1 37  ? -8.150  11.395  -9.297  1.00 46.98 ? 37  PRO A CA  1 
ATOM   247  C C   . PRO A 1 37  ? -7.880  10.065  -8.600  1.00 42.89 ? 37  PRO A C   1 
ATOM   248  O O   . PRO A 1 37  ? -7.555  10.018  -7.416  1.00 43.25 ? 37  PRO A O   1 
ATOM   249  C CB  . PRO A 1 37  ? -6.886  12.014  -9.883  1.00 47.84 ? 37  PRO A CB  1 
ATOM   250  C CG  . PRO A 1 37  ? -6.377  12.851  -8.747  1.00 49.04 ? 37  PRO A CG  1 
ATOM   251  C CD  . PRO A 1 37  ? -7.645  13.516  -8.252  1.00 50.42 ? 37  PRO A CD  1 
ATOM   252  N N   . THR A 1 38  ? -8.035  8.984   -9.353  1.00 38.59 ? 38  THR A N   1 
ATOM   253  C CA  . THR A 1 38  ? -7.805  7.645   -8.845  1.00 33.33 ? 38  THR A CA  1 
ATOM   254  C C   . THR A 1 38  ? -6.299  7.460   -8.733  1.00 30.36 ? 38  THR A C   1 
ATOM   255  O O   . THR A 1 38  ? -5.560  7.810   -9.648  1.00 29.00 ? 38  THR A O   1 
ATOM   256  C CB  . THR A 1 38  ? -8.402  6.603   -9.809  1.00 32.43 ? 38  THR A CB  1 
ATOM   257  O OG1 . THR A 1 38  ? -9.818  6.797   -9.878  1.00 33.41 ? 38  THR A OG1 1 
ATOM   258  C CG2 . THR A 1 38  ? -8.113  5.194   -9.337  1.00 30.81 ? 38  THR A CG2 1 
ATOM   259  N N   . GLN A 1 39  ? -5.848  6.915   -7.611  1.00 27.90 ? 39  GLN A N   1 
ATOM   260  C CA  . GLN A 1 39  ? -4.421  6.723   -7.403  1.00 26.40 ? 39  GLN A CA  1 
ATOM   261  C C   . GLN A 1 39  ? -4.086  5.510   -6.556  1.00 23.79 ? 39  GLN A C   1 
ATOM   262  O O   . GLN A 1 39  ? -4.975  4.831   -6.032  1.00 22.88 ? 39  GLN A O   1 
ATOM   263  C CB  . GLN A 1 39  ? -3.830  7.940   -6.702  1.00 28.80 ? 39  GLN A CB  1 
ATOM   264  C CG  . GLN A 1 39  ? -4.014  9.257   -7.416  1.00 35.71 ? 39  GLN A CG  1 
ATOM   265  C CD  . GLN A 1 39  ? -3.203  10.354  -6.763  1.00 38.06 ? 39  GLN A CD  1 
ATOM   266  O OE1 . GLN A 1 39  ? -3.298  10.570  -5.550  1.00 40.14 ? 39  GLN A OE1 1 
ATOM   267  N NE2 . GLN A 1 39  ? -2.391  11.047  -7.557  1.00 39.46 ? 39  GLN A NE2 1 
ATOM   268  N N   . PHE A 1 40  ? -2.788  5.250   -6.433  1.00 19.37 ? 40  PHE A N   1 
ATOM   269  C CA  . PHE A 1 40  ? -2.303  4.173   -5.584  1.00 18.68 ? 40  PHE A CA  1 
ATOM   270  C C   . PHE A 1 40  ? -2.275  4.770   -4.180  1.00 18.22 ? 40  PHE A C   1 
ATOM   271  O O   . PHE A 1 40  ? -1.789  5.883   -3.996  1.00 17.21 ? 40  PHE A O   1 
ATOM   272  C CB  . PHE A 1 40  ? -0.870  3.759   -5.943  1.00 16.56 ? 40  PHE A CB  1 
ATOM   273  C CG  . PHE A 1 40  ? -0.782  2.729   -7.031  1.00 16.63 ? 40  PHE A CG  1 
ATOM   274  C CD1 . PHE A 1 40  ? -0.348  3.080   -8.307  1.00 17.59 ? 40  PHE A CD1 1 
ATOM   275  C CD2 . PHE A 1 40  ? -1.145  1.413   -6.786  1.00 15.81 ? 40  PHE A CD2 1 
ATOM   276  C CE1 . PHE A 1 40  ? -0.278  2.120   -9.328  1.00 16.86 ? 40  PHE A CE1 1 
ATOM   277  C CE2 . PHE A 1 40  ? -1.083  0.449   -7.797  1.00 15.35 ? 40  PHE A CE2 1 
ATOM   278  C CZ  . PHE A 1 40  ? -0.649  0.801   -9.065  1.00 16.89 ? 40  PHE A CZ  1 
ATOM   279  N N   . THR A 1 41  ? -2.809  4.045   -3.205  1.00 18.01 ? 41  THR A N   1 
ATOM   280  C CA  . THR A 1 41  ? -2.797  4.498   -1.813  1.00 17.20 ? 41  THR A CA  1 
ATOM   281  C C   . THR A 1 41  ? -2.080  3.432   -0.981  1.00 18.58 ? 41  THR A C   1 
ATOM   282  O O   . THR A 1 41  ? -1.872  2.301   -1.430  1.00 18.40 ? 41  THR A O   1 
ATOM   283  C CB  . THR A 1 41  ? -4.229  4.710   -1.249  1.00 16.70 ? 41  THR A CB  1 
ATOM   284  O OG1 . THR A 1 41  ? -4.966  3.481   -1.320  1.00 14.09 ? 41  THR A OG1 1 
ATOM   285  C CG2 . THR A 1 41  ? -4.960  5.800   -2.049  1.00 13.98 ? 41  THR A CG2 1 
ATOM   286  N N   . ILE A 1 42  ? -1.707  3.801   0.234   1.00 18.99 ? 42  ILE A N   1 
ATOM   287  C CA  . ILE A 1 42  ? -0.984  2.906   1.129   1.00 18.94 ? 42  ILE A CA  1 
ATOM   288  C C   . ILE A 1 42  ? -1.839  1.837   1.787   1.00 19.31 ? 42  ILE A C   1 
ATOM   289  O O   . ILE A 1 42  ? -2.908  2.129   2.318   1.00 19.99 ? 42  ILE A O   1 
ATOM   290  C CB  . ILE A 1 42  ? -0.314  3.715   2.263   1.00 20.28 ? 42  ILE A CB  1 
ATOM   291  C CG1 . ILE A 1 42  ? 0.665   4.723   1.663   1.00 18.42 ? 42  ILE A CG1 1 
ATOM   292  C CG2 . ILE A 1 42  ? 0.367   2.775   3.260   1.00 18.76 ? 42  ILE A CG2 1 
ATOM   293  C CD1 . ILE A 1 42  ? 1.057   5.812   2.625   1.00 21.65 ? 42  ILE A CD1 1 
ATOM   294  N N   . HIS A 1 43  ? -1.377  0.593   1.742   1.00 19.59 ? 43  HIS A N   1 
ATOM   295  C CA  . HIS A 1 43  ? -2.084  -0.469  2.431   1.00 21.01 ? 43  HIS A CA  1 
ATOM   296  C C   . HIS A 1 43  ? -1.297  -0.717  3.721   1.00 21.11 ? 43  HIS A C   1 
ATOM   297  O O   . HIS A 1 43  ? -1.880  -0.838  4.794   1.00 22.87 ? 43  HIS A O   1 
ATOM   298  C CB  . HIS A 1 43  ? -2.138  -1.764  1.626   1.00 21.48 ? 43  HIS A CB  1 
ATOM   299  C CG  . HIS A 1 43  ? -2.803  -2.880  2.367   1.00 24.87 ? 43  HIS A CG  1 
ATOM   300  N ND1 . HIS A 1 43  ? -4.169  -2.932  2.556   1.00 25.78 ? 43  HIS A ND1 1 
ATOM   301  C CD2 . HIS A 1 43  ? -2.287  -3.917  3.068   1.00 25.16 ? 43  HIS A CD2 1 
ATOM   302  C CE1 . HIS A 1 43  ? -4.465  -3.950  3.347   1.00 26.59 ? 43  HIS A CE1 1 
ATOM   303  N NE2 . HIS A 1 43  ? -3.341  -4.564  3.672   1.00 25.88 ? 43  HIS A NE2 1 
ATOM   304  N N   . GLY A 1 44  ? 0.032   -0.775  3.612   1.00 20.87 ? 44  GLY A N   1 
ATOM   305  C CA  . GLY A 1 44  ? 0.864   -0.991  4.788   1.00 21.95 ? 44  GLY A CA  1 
ATOM   306  C C   . GLY A 1 44  ? 2.331   -1.300  4.518   1.00 23.06 ? 44  GLY A C   1 
ATOM   307  O O   . GLY A 1 44  ? 2.725   -1.615  3.389   1.00 22.78 ? 44  GLY A O   1 
ATOM   308  N N   . LEU A 1 45  ? 3.141   -1.192  5.567   1.00 22.48 ? 45  LEU A N   1 
ATOM   309  C CA  . LEU A 1 45  ? 4.569   -1.469  5.508   1.00 22.71 ? 45  LEU A CA  1 
ATOM   310  C C   . LEU A 1 45  ? 4.809   -2.705  6.379   1.00 24.00 ? 45  LEU A C   1 
ATOM   311  O O   . LEU A 1 45  ? 4.244   -2.815  7.468   1.00 24.02 ? 45  LEU A O   1 
ATOM   312  C CB  . LEU A 1 45  ? 5.358   -0.291  6.079   1.00 22.91 ? 45  LEU A CB  1 
ATOM   313  C CG  . LEU A 1 45  ? 6.881   -0.459  6.127   1.00 24.75 ? 45  LEU A CG  1 
ATOM   314  C CD1 . LEU A 1 45  ? 7.463   -0.220  4.739   1.00 23.83 ? 45  LEU A CD1 1 
ATOM   315  C CD2 . LEU A 1 45  ? 7.478   0.518   7.119   1.00 25.10 ? 45  LEU A CD2 1 
ATOM   316  N N   . ARG A 1 46  ? 5.639   -3.633  5.919   1.00 24.16 ? 46  ARG A N   1 
ATOM   317  C CA  . ARG A 1 46  ? 5.891   -4.831  6.710   1.00 25.08 ? 46  ARG A CA  1 
ATOM   318  C C   . ARG A 1 46  ? 7.239   -5.469  6.415   1.00 26.09 ? 46  ARG A C   1 
ATOM   319  O O   . ARG A 1 46  ? 7.806   -5.269  5.342   1.00 23.66 ? 46  ARG A O   1 
ATOM   320  C CB  . ARG A 1 46  ? 4.790   -5.864  6.463   1.00 25.00 ? 46  ARG A CB  1 
ATOM   321  C CG  . ARG A 1 46  ? 4.838   -6.518  5.091   1.00 24.01 ? 46  ARG A CG  1 
ATOM   322  C CD  . ARG A 1 46  ? 3.722   -7.530  4.927   1.00 26.43 ? 46  ARG A CD  1 
ATOM   323  N NE  . ARG A 1 46  ? 3.954   -8.457  3.815   1.00 28.39 ? 46  ARG A NE  1 
ATOM   324  C CZ  . ARG A 1 46  ? 3.657   -8.207  2.542   1.00 28.63 ? 46  ARG A CZ  1 
ATOM   325  N NH1 . ARG A 1 46  ? 3.107   -7.049  2.190   1.00 28.49 ? 46  ARG A NH1 1 
ATOM   326  N NH2 . ARG A 1 46  ? 3.892   -9.128  1.620   1.00 29.73 ? 46  ARG A NH2 1 
ATOM   327  N N   . PRO A 1 47  ? 7.779   -6.229  7.384   1.00 28.05 ? 47  PRO A N   1 
ATOM   328  C CA  . PRO A 1 47  ? 9.070   -6.906  7.212   1.00 29.54 ? 47  PRO A CA  1 
ATOM   329  C C   . PRO A 1 47  ? 8.845   -8.057  6.240   1.00 30.99 ? 47  PRO A C   1 
ATOM   330  O O   . PRO A 1 47  ? 7.807   -8.714  6.299   1.00 31.14 ? 47  PRO A O   1 
ATOM   331  C CB  . PRO A 1 47  ? 9.390   -7.425  8.615   1.00 29.85 ? 47  PRO A CB  1 
ATOM   332  C CG  . PRO A 1 47  ? 8.597   -6.501  9.532   1.00 29.91 ? 47  PRO A CG  1 
ATOM   333  C CD  . PRO A 1 47  ? 7.306   -6.340  8.776   1.00 28.79 ? 47  PRO A CD  1 
ATOM   334  N N   . GLU A 1 48  ? 9.793   -8.298  5.343   1.00 32.72 ? 48  GLU A N   1 
ATOM   335  C CA  . GLU A 1 48  ? 9.651   -9.397  4.393   1.00 35.13 ? 48  GLU A CA  1 
ATOM   336  C C   . GLU A 1 48  ? 10.246  -10.681 4.974   1.00 37.06 ? 48  GLU A C   1 
ATOM   337  O O   . GLU A 1 48  ? 11.460  -10.804 5.117   1.00 36.65 ? 48  GLU A O   1 
ATOM   338  C CB  . GLU A 1 48  ? 10.342  -9.044  3.073   1.00 35.89 ? 48  GLU A CB  1 
ATOM   339  C CG  . GLU A 1 48  ? 10.366  -10.179 2.057   1.00 37.29 ? 48  GLU A CG  1 
ATOM   340  C CD  . GLU A 1 48  ? 10.847  -9.732  0.683   1.00 38.31 ? 48  GLU A CD  1 
ATOM   341  O OE1 . GLU A 1 48  ? 11.866  -9.019  0.604   1.00 36.60 ? 48  GLU A OE1 1 
ATOM   342  O OE2 . GLU A 1 48  ? 10.206  -10.104 -0.321  1.00 40.10 ? 48  GLU A OE2 1 
ATOM   343  N N   . TYR A 1 49  ? 9.379   -11.622 5.337   1.00 39.60 ? 49  TYR A N   1 
ATOM   344  C CA  . TYR A 1 49  ? 9.816   -12.900 5.892   1.00 42.36 ? 49  TYR A CA  1 
ATOM   345  C C   . TYR A 1 49  ? 9.667   -13.963 4.809   1.00 45.73 ? 49  TYR A C   1 
ATOM   346  O O   . TYR A 1 49  ? 8.638   -14.025 4.130   1.00 46.67 ? 49  TYR A O   1 
ATOM   347  C CB  . TYR A 1 49  ? 8.974   -13.274 7.117   1.00 39.76 ? 49  TYR A CB  1 
ATOM   348  C CG  . TYR A 1 49  ? 9.140   -12.337 8.297   1.00 38.11 ? 49  TYR A CG  1 
ATOM   349  C CD1 . TYR A 1 49  ? 8.132   -11.434 8.653   1.00 37.40 ? 49  TYR A CD1 1 
ATOM   350  C CD2 . TYR A 1 49  ? 10.304  -12.362 9.070   1.00 37.28 ? 49  TYR A CD2 1 
ATOM   351  C CE1 . TYR A 1 49  ? 8.281   -10.582 9.752   1.00 35.89 ? 49  TYR A CE1 1 
ATOM   352  C CE2 . TYR A 1 49  ? 10.464  -11.519 10.163  1.00 35.82 ? 49  TYR A CE2 1 
ATOM   353  C CZ  . TYR A 1 49  ? 9.449   -10.632 10.501  1.00 36.57 ? 49  TYR A CZ  1 
ATOM   354  O OH  . TYR A 1 49  ? 9.610   -9.808  11.594  1.00 36.07 ? 49  TYR A OH  1 
ATOM   355  N N   . SER A 1 50  ? 10.687  -14.799 4.640   1.00 49.81 ? 50  SER A N   1 
ATOM   356  C CA  . SER A 1 50  ? 10.647  -15.827 3.601   1.00 53.63 ? 50  SER A CA  1 
ATOM   357  C C   . SER A 1 50  ? 11.224  -17.167 4.052   1.00 55.97 ? 50  SER A C   1 
ATOM   358  O O   . SER A 1 50  ? 11.892  -17.852 3.272   1.00 57.05 ? 50  SER A O   1 
ATOM   359  C CB  . SER A 1 50  ? 11.425  -15.341 2.374   1.00 53.76 ? 50  SER A CB  1 
ATOM   360  O OG  . SER A 1 50  ? 11.157  -13.975 2.099   1.00 54.56 ? 50  SER A OG  1 
ATOM   361  N N   . GLY A 1 51  ? 10.969  -17.548 5.300   1.00 58.01 ? 51  GLY A N   1 
ATOM   362  C CA  . GLY A 1 51  ? 11.506  -18.806 5.790   1.00 59.78 ? 51  GLY A CA  1 
ATOM   363  C C   . GLY A 1 51  ? 10.535  -19.667 6.573   1.00 60.81 ? 51  GLY A C   1 
ATOM   364  O O   . GLY A 1 51  ? 10.725  -19.890 7.771   1.00 61.64 ? 51  GLY A O   1 
ATOM   365  N N   . GLY A 1 52  ? 9.497   -20.155 5.899   1.00 61.64 ? 52  GLY A N   1 
ATOM   366  C CA  . GLY A 1 52  ? 8.513   -20.998 6.557   1.00 61.81 ? 52  GLY A CA  1 
ATOM   367  C C   . GLY A 1 52  ? 7.674   -20.233 7.560   1.00 61.79 ? 52  GLY A C   1 
ATOM   368  O O   . GLY A 1 52  ? 6.447   -20.191 7.456   1.00 62.06 ? 52  GLY A O   1 
ATOM   369  N N   . GLU A 1 53  ? 8.338   -19.625 8.541   1.00 61.41 ? 53  GLU A N   1 
ATOM   370  C CA  . GLU A 1 53  ? 7.639   -18.855 9.555   1.00 60.77 ? 53  GLU A CA  1 
ATOM   371  C C   . GLU A 1 53  ? 7.543   -17.393 9.154   1.00 59.98 ? 53  GLU A C   1 
ATOM   372  O O   . GLU A 1 53  ? 8.514   -16.808 8.632   1.00 60.84 ? 53  GLU A O   1 
ATOM   373  C CB  . GLU A 1 53  ? 8.356   -18.944 10.884  1.00 61.47 ? 53  GLU A CB  1 
ATOM   374  C CG  . GLU A 1 53  ? 7.673   -18.109 11.947  1.00 62.60 ? 53  GLU A CG  1 
ATOM   375  C CD  . GLU A 1 53  ? 8.311   -18.295 13.282  1.00 62.83 ? 53  GLU A CD  1 
ATOM   376  O OE1 . GLU A 1 53  ? 9.497   -17.918 13.415  1.00 63.24 ? 53  GLU A OE1 1 
ATOM   377  O OE2 . GLU A 1 53  ? 7.638   -18.824 14.197  1.00 63.45 ? 53  GLU A OE2 1 
ATOM   378  N N   . ARG A 1 54  ? 6.381   -16.799 9.400   1.00 58.11 ? 54  ARG A N   1 
ATOM   379  C CA  . ARG A 1 54  ? 6.154   -15.409 9.052   1.00 55.88 ? 54  ARG A CA  1 
ATOM   380  C C   . ARG A 1 54  ? 5.361   -14.746 10.165  1.00 54.02 ? 54  ARG A C   1 
ATOM   381  O O   . ARG A 1 54  ? 4.136   -14.678 10.119  1.00 53.98 ? 54  ARG A O   1 
ATOM   382  C CB  . ARG A 1 54  ? 5.419   -15.341 7.710   1.00 55.95 ? 54  ARG A CB  1 
ATOM   383  C CG  . ARG A 1 54  ? 6.288   -15.852 6.567   1.00 56.34 ? 54  ARG A CG  1 
ATOM   384  C CD  . ARG A 1 54  ? 5.541   -16.014 5.256   1.00 56.98 ? 54  ARG A CD  1 
ATOM   385  N NE  . ARG A 1 54  ? 6.451   -16.351 4.160   1.00 57.58 ? 54  ARG A NE  1 
ATOM   386  C CZ  . ARG A 1 54  ? 7.265   -17.409 4.144   1.00 58.37 ? 54  ARG A CZ  1 
ATOM   387  N NH1 . ARG A 1 54  ? 7.294   -18.253 5.170   1.00 58.27 ? 54  ARG A NH1 1 
ATOM   388  N NH2 . ARG A 1 54  ? 8.054   -17.628 3.098   1.00 57.98 ? 54  ARG A NH2 1 
ATOM   389  N N   . PRO A 1 55  ? 6.071   -14.259 11.193  1.00 52.58 ? 55  PRO A N   1 
ATOM   390  C CA  . PRO A 1 55  ? 5.548   -13.582 12.381  1.00 51.96 ? 55  PRO A CA  1 
ATOM   391  C C   . PRO A 1 55  ? 4.562   -12.442 12.119  1.00 51.47 ? 55  PRO A C   1 
ATOM   392  O O   . PRO A 1 55  ? 4.604   -11.775 11.082  1.00 51.10 ? 55  PRO A O   1 
ATOM   393  C CB  . PRO A 1 55  ? 6.814   -13.085 13.078  1.00 51.63 ? 55  PRO A CB  1 
ATOM   394  C CG  . PRO A 1 55  ? 7.820   -14.099 12.706  1.00 52.00 ? 55  PRO A CG  1 
ATOM   395  C CD  . PRO A 1 55  ? 7.543   -14.314 11.243  1.00 52.07 ? 55  PRO A CD  1 
ATOM   396  N N   . SER A 1 56  ? 3.682   -12.236 13.092  1.00 50.96 ? 56  SER A N   1 
ATOM   397  C CA  . SER A 1 56  ? 2.667   -11.195 13.062  1.00 50.05 ? 56  SER A CA  1 
ATOM   398  C C   . SER A 1 56  ? 2.319   -10.959 14.520  1.00 49.56 ? 56  SER A C   1 
ATOM   399  O O   . SER A 1 56  ? 2.337   -11.899 15.313  1.00 49.90 ? 56  SER A O   1 
ATOM   400  C CB  . SER A 1 56  ? 1.428   -11.676 12.312  1.00 50.18 ? 56  SER A CB  1 
ATOM   401  O OG  . SER A 1 56  ? 0.773   -12.707 13.032  1.00 49.92 ? 56  SER A OG  1 
ATOM   402  N N   . CYS A 1 57  ? 2.009   -9.720  14.884  1.00 49.41 ? 57  CYS A N   1 
ATOM   403  C CA  . CYS A 1 57  ? 1.668   -9.406  16.269  1.00 48.84 ? 57  CYS A CA  1 
ATOM   404  C C   . CYS A 1 57  ? 2.861   -9.799  17.129  1.00 49.57 ? 57  CYS A C   1 
ATOM   405  O O   . CYS A 1 57  ? 2.867   -10.865 17.740  1.00 50.16 ? 57  CYS A O   1 
ATOM   406  C CB  . CYS A 1 57  ? 0.434   -10.205 16.695  1.00 47.24 ? 57  CYS A CB  1 
ATOM   407  S SG  . CYS A 1 57  ? -1.007  -9.981  15.604  1.00 46.38 ? 57  CYS A SG  1 
ATOM   408  N N   . CYS A 1 58  ? 3.861   -8.927  17.182  1.00 49.96 ? 58  CYS A N   1 
ATOM   409  C CA  . CYS A 1 58  ? 5.082   -9.205  17.929  1.00 50.21 ? 58  CYS A CA  1 
ATOM   410  C C   . CYS A 1 58  ? 5.229   -8.592  19.315  1.00 51.65 ? 58  CYS A C   1 
ATOM   411  O O   . CYS A 1 58  ? 6.188   -8.904  20.021  1.00 52.48 ? 58  CYS A O   1 
ATOM   412  C CB  . CYS A 1 58  ? 6.298   -8.811  17.081  1.00 48.04 ? 58  CYS A CB  1 
ATOM   413  S SG  . CYS A 1 58  ? 6.600   -9.941  15.685  1.00 46.39 ? 58  CYS A SG  1 
ATOM   414  N N   . THR A 1 59  ? 4.300   -7.736  19.724  1.00 52.62 ? 59  THR A N   1 
ATOM   415  C CA  . THR A 1 59  ? 4.429   -7.116  21.037  1.00 53.78 ? 59  THR A CA  1 
ATOM   416  C C   . THR A 1 59  ? 3.177   -7.194  21.899  1.00 54.10 ? 59  THR A C   1 
ATOM   417  O O   . THR A 1 59  ? 3.236   -6.942  23.103  1.00 54.16 ? 59  THR A O   1 
ATOM   418  C CB  . THR A 1 59  ? 4.815   -5.628  20.917  1.00 54.41 ? 59  THR A CB  1 
ATOM   419  O OG1 . THR A 1 59  ? 5.249   -5.139  22.194  1.00 56.15 ? 59  THR A OG1 1 
ATOM   420  C CG2 . THR A 1 59  ? 3.616   -4.804  20.472  1.00 54.79 ? 59  THR A CG2 1 
ATOM   421  N N   . GLY A 1 60  ? 2.048   -7.539  21.292  1.00 54.22 ? 60  GLY A N   1 
ATOM   422  C CA  . GLY A 1 60  ? 0.818   -7.596  22.057  1.00 54.87 ? 60  GLY A CA  1 
ATOM   423  C C   . GLY A 1 60  ? 0.565   -6.228  22.671  1.00 55.20 ? 60  GLY A C   1 
ATOM   424  O O   . GLY A 1 60  ? -0.061  -6.112  23.727  1.00 55.73 ? 60  GLY A O   1 
ATOM   425  N N   . GLY A 1 61  ? 1.071   -5.192  22.005  1.00 54.79 ? 61  GLY A N   1 
ATOM   426  C CA  . GLY A 1 61  ? 0.902   -3.830  22.485  1.00 54.08 ? 61  GLY A CA  1 
ATOM   427  C C   . GLY A 1 61  ? -0.315  -3.162  21.870  1.00 53.32 ? 61  GLY A C   1 
ATOM   428  O O   . GLY A 1 61  ? -0.450  -3.099  20.645  1.00 53.91 ? 61  GLY A O   1 
ATOM   429  N N   . SER A 1 62  ? -1.194  -2.651  22.730  1.00 51.70 ? 62  SER A N   1 
ATOM   430  C CA  . SER A 1 62  ? -2.425  -1.996  22.300  1.00 49.68 ? 62  SER A CA  1 
ATOM   431  C C   . SER A 1 62  ? -2.220  -0.720  21.489  1.00 47.74 ? 62  SER A C   1 
ATOM   432  O O   . SER A 1 62  ? -1.555  0.216   21.934  1.00 47.91 ? 62  SER A O   1 
ATOM   433  C CB  . SER A 1 62  ? -3.292  -1.683  23.520  1.00 50.28 ? 62  SER A CB  1 
ATOM   434  O OG  . SER A 1 62  ? -3.583  -2.866  24.242  1.00 51.64 ? 62  SER A OG  1 
ATOM   435  N N   . PHE A 1 63  ? -2.803  -0.692  20.293  1.00 45.32 ? 63  PHE A N   1 
ATOM   436  C CA  . PHE A 1 63  ? -2.707  0.465   19.412  1.00 42.15 ? 63  PHE A CA  1 
ATOM   437  C C   . PHE A 1 63  ? -3.345  1.695   20.059  1.00 40.88 ? 63  PHE A C   1 
ATOM   438  O O   . PHE A 1 63  ? -4.508  1.671   20.462  1.00 40.16 ? 63  PHE A O   1 
ATOM   439  C CB  . PHE A 1 63  ? -3.403  0.176   18.086  1.00 41.24 ? 63  PHE A CB  1 
ATOM   440  C CG  . PHE A 1 63  ? -3.525  1.376   17.199  1.00 40.43 ? 63  PHE A CG  1 
ATOM   441  C CD1 . PHE A 1 63  ? -2.393  1.988   16.675  1.00 40.68 ? 63  PHE A CD1 1 
ATOM   442  C CD2 . PHE A 1 63  ? -4.772  1.911   16.903  1.00 39.63 ? 63  PHE A CD2 1 
ATOM   443  C CE1 . PHE A 1 63  ? -2.507  3.117   15.866  1.00 39.91 ? 63  PHE A CE1 1 
ATOM   444  C CE2 . PHE A 1 63  ? -4.893  3.036   16.098  1.00 38.70 ? 63  PHE A CE2 1 
ATOM   445  C CZ  . PHE A 1 63  ? -3.762  3.638   15.581  1.00 38.85 ? 63  PHE A CZ  1 
ATOM   446  N N   . ASP A 1 64  ? -2.578  2.772   20.147  1.00 38.12 ? 64  ASP A N   1 
ATOM   447  C CA  . ASP A 1 64  ? -3.062  4.004   20.753  1.00 35.40 ? 64  ASP A CA  1 
ATOM   448  C C   . ASP A 1 64  ? -3.275  5.078   19.687  1.00 33.34 ? 64  ASP A C   1 
ATOM   449  O O   . ASP A 1 64  ? -2.316  5.664   19.192  1.00 33.23 ? 64  ASP A O   1 
ATOM   450  C CB  . ASP A 1 64  ? -2.045  4.490   21.784  1.00 35.64 ? 64  ASP A CB  1 
ATOM   451  C CG  . ASP A 1 64  ? -2.535  5.681   22.569  1.00 35.58 ? 64  ASP A CG  1 
ATOM   452  O OD1 . ASP A 1 64  ? -3.567  6.272   22.185  1.00 35.06 ? 64  ASP A OD1 1 
ATOM   453  O OD2 . ASP A 1 64  ? -1.877  6.033   23.568  1.00 36.05 ? 64  ASP A OD2 1 
ATOM   454  N N   . PRO A 1 65  ? -4.538  5.356   19.326  1.00 31.57 ? 65  PRO A N   1 
ATOM   455  C CA  . PRO A 1 65  ? -4.870  6.365   18.314  1.00 30.81 ? 65  PRO A CA  1 
ATOM   456  C C   . PRO A 1 65  ? -4.282  7.757   18.575  1.00 31.91 ? 65  PRO A C   1 
ATOM   457  O O   . PRO A 1 65  ? -4.067  8.525   17.633  1.00 30.92 ? 65  PRO A O   1 
ATOM   458  C CB  . PRO A 1 65  ? -6.396  6.383   18.336  1.00 31.14 ? 65  PRO A CB  1 
ATOM   459  C CG  . PRO A 1 65  ? -6.754  5.000   18.735  1.00 29.79 ? 65  PRO A CG  1 
ATOM   460  C CD  . PRO A 1 65  ? -5.762  4.710   19.835  1.00 31.52 ? 65  PRO A CD  1 
ATOM   461  N N   . ASP A 1 66  ? -4.025  8.086   19.841  1.00 31.69 ? 66  ASP A N   1 
ATOM   462  C CA  . ASP A 1 66  ? -3.476  9.399   20.179  1.00 32.62 ? 66  ASP A CA  1 
ATOM   463  C C   . ASP A 1 66  ? -2.146  9.691   19.497  1.00 33.41 ? 66  ASP A C   1 
ATOM   464  O O   . ASP A 1 66  ? -1.868  10.833  19.146  1.00 34.83 ? 66  ASP A O   1 
ATOM   465  C CB  . ASP A 1 66  ? -3.271  9.556   21.693  1.00 32.58 ? 66  ASP A CB  1 
ATOM   466  C CG  . ASP A 1 66  ? -4.568  9.469   22.489  1.00 32.49 ? 66  ASP A CG  1 
ATOM   467  O OD1 . ASP A 1 66  ? -5.663  9.670   21.924  1.00 31.01 ? 66  ASP A OD1 1 
ATOM   468  O OD2 . ASP A 1 66  ? -4.483  9.213   23.707  1.00 32.70 ? 66  ASP A OD2 1 
ATOM   469  N N   . GLU A 1 67  ? -1.329  8.661   19.306  1.00 33.67 ? 67  GLU A N   1 
ATOM   470  C CA  . GLU A 1 67  ? -0.015  8.836   18.695  1.00 35.97 ? 67  GLU A CA  1 
ATOM   471  C C   . GLU A 1 67  ? -0.001  9.081   17.184  1.00 36.29 ? 67  GLU A C   1 
ATOM   472  O O   . GLU A 1 67  ? 1.065   9.181   16.579  1.00 35.93 ? 67  GLU A O   1 
ATOM   473  C CB  . GLU A 1 67  ? 0.864   7.633   19.033  1.00 37.07 ? 67  GLU A CB  1 
ATOM   474  C CG  . GLU A 1 67  ? 1.208   7.541   20.509  1.00 40.04 ? 67  GLU A CG  1 
ATOM   475  C CD  . GLU A 1 67  ? 1.878   6.228   20.874  1.00 42.07 ? 67  GLU A CD  1 
ATOM   476  O OE1 . GLU A 1 67  ? 2.720   5.740   20.087  1.00 43.38 ? 67  GLU A OE1 1 
ATOM   477  O OE2 . GLU A 1 67  ? 1.570   5.691   21.958  1.00 43.12 ? 67  GLU A OE2 1 
ATOM   478  N N   . ILE A 1 68  ? -1.182  9.189   16.588  1.00 36.57 ? 68  ILE A N   1 
ATOM   479  C CA  . ILE A 1 68  ? -1.326  9.432   15.150  1.00 36.91 ? 68  ILE A CA  1 
ATOM   480  C C   . ILE A 1 68  ? -1.431  10.922  14.818  1.00 36.75 ? 68  ILE A C   1 
ATOM   481  O O   . ILE A 1 68  ? -1.061  11.346  13.723  1.00 35.76 ? 68  ILE A O   1 
ATOM   482  C CB  . ILE A 1 68  ? -2.611  8.746   14.604  1.00 36.61 ? 68  ILE A CB  1 
ATOM   483  C CG1 . ILE A 1 68  ? -2.363  7.261   14.374  1.00 37.60 ? 68  ILE A CG1 1 
ATOM   484  C CG2 . ILE A 1 68  ? -3.068  9.408   13.317  1.00 37.20 ? 68  ILE A CG2 1 
ATOM   485  C CD1 . ILE A 1 68  ? -3.584  6.532   13.855  1.00 38.63 ? 68  ILE A CD1 1 
ATOM   486  N N   . MET A 1 69  ? -1.935  11.697  15.775  1.00 37.50 ? 69  MET A N   1 
ATOM   487  C CA  . MET A 1 69  ? -2.177  13.131  15.626  1.00 37.89 ? 69  MET A CA  1 
ATOM   488  C C   . MET A 1 69  ? -1.511  13.927  14.512  1.00 37.76 ? 69  MET A C   1 
ATOM   489  O O   . MET A 1 69  ? -2.189  14.430  13.609  1.00 38.96 ? 69  MET A O   1 
ATOM   490  C CB  . MET A 1 69  ? -1.927  13.855  16.949  1.00 39.74 ? 69  MET A CB  1 
ATOM   491  C CG  . MET A 1 69  ? -1.851  15.367  16.778  1.00 41.19 ? 69  MET A CG  1 
ATOM   492  S SD  . MET A 1 69  ? -1.957  16.251  18.311  1.00 47.26 ? 69  MET A SD  1 
ATOM   493  C CE  . MET A 1 69  ? -3.187  17.511  17.865  1.00 45.03 ? 69  MET A CE  1 
ATOM   494  N N   . PRO A 1 70  ? -0.183  14.079  14.563  1.00 36.28 ? 70  PRO A N   1 
ATOM   495  C CA  . PRO A 1 70  ? 0.465   14.849  13.500  1.00 36.18 ? 70  PRO A CA  1 
ATOM   496  C C   . PRO A 1 70  ? 0.398   14.231  12.102  1.00 35.49 ? 70  PRO A C   1 
ATOM   497  O O   . PRO A 1 70  ? 1.058   14.714  11.186  1.00 37.71 ? 70  PRO A O   1 
ATOM   498  C CB  . PRO A 1 70  ? 1.901   14.984  14.004  1.00 36.08 ? 70  PRO A CB  1 
ATOM   499  C CG  . PRO A 1 70  ? 2.105   13.707  14.752  1.00 37.14 ? 70  PRO A CG  1 
ATOM   500  C CD  . PRO A 1 70  ? 0.805   13.530  15.509  1.00 35.79 ? 70  PRO A CD  1 
ATOM   501  N N   . PHE A 1 71  ? -0.400  13.184  11.922  1.00 32.46 ? 71  PHE A N   1 
ATOM   502  C CA  . PHE A 1 71  ? -0.487  12.535  10.614  1.00 30.53 ? 71  PHE A CA  1 
ATOM   503  C C   . PHE A 1 71  ? -1.915  12.302  10.139  1.00 29.10 ? 71  PHE A C   1 
ATOM   504  O O   . PHE A 1 71  ? -2.127  11.886  9.001   1.00 28.54 ? 71  PHE A O   1 
ATOM   505  C CB  . PHE A 1 71  ? 0.223   11.176  10.651  1.00 29.49 ? 71  PHE A CB  1 
ATOM   506  C CG  . PHE A 1 71  ? 1.642   11.233  11.141  1.00 30.13 ? 71  PHE A CG  1 
ATOM   507  C CD1 . PHE A 1 71  ? 2.095   10.316  12.086  1.00 30.71 ? 71  PHE A CD1 1 
ATOM   508  C CD2 . PHE A 1 71  ? 2.536   12.169  10.634  1.00 30.63 ? 71  PHE A CD2 1 
ATOM   509  C CE1 . PHE A 1 71  ? 3.419   10.326  12.522  1.00 31.97 ? 71  PHE A CE1 1 
ATOM   510  C CE2 . PHE A 1 71  ? 3.861   12.190  11.061  1.00 31.45 ? 71  PHE A CE2 1 
ATOM   511  C CZ  . PHE A 1 71  ? 4.304   11.265  12.007  1.00 31.66 ? 71  PHE A CZ  1 
ATOM   512  N N   . PHE A 1 72  ? -2.893  12.574  10.998  1.00 27.82 ? 72  PHE A N   1 
ATOM   513  C CA  . PHE A 1 72  ? -4.289  12.328  10.651  1.00 28.81 ? 72  PHE A CA  1 
ATOM   514  C C   . PHE A 1 72  ? -4.761  12.732  9.252   1.00 27.88 ? 72  PHE A C   1 
ATOM   515  O O   . PHE A 1 72  ? -5.354  11.922  8.536   1.00 27.94 ? 72  PHE A O   1 
ATOM   516  C CB  . PHE A 1 72  ? -5.216  12.959  11.686  1.00 27.59 ? 72  PHE A CB  1 
ATOM   517  C CG  . PHE A 1 72  ? -6.651  12.585  11.499  1.00 27.45 ? 72  PHE A CG  1 
ATOM   518  C CD1 . PHE A 1 72  ? -7.049  11.258  11.587  1.00 27.64 ? 72  PHE A CD1 1 
ATOM   519  C CD2 . PHE A 1 72  ? -7.608  13.555  11.228  1.00 27.62 ? 72  PHE A CD2 1 
ATOM   520  C CE1 . PHE A 1 72  ? -8.380  10.900  11.412  1.00 29.19 ? 72  PHE A CE1 1 
ATOM   521  C CE2 . PHE A 1 72  ? -8.940  13.214  11.051  1.00 26.19 ? 72  PHE A CE2 1 
ATOM   522  C CZ  . PHE A 1 72  ? -9.332  11.884  11.144  1.00 28.77 ? 72  PHE A CZ  1 
ATOM   523  N N   . GLY A 1 73  ? -4.513  13.979  8.868   1.00 27.99 ? 73  GLY A N   1 
ATOM   524  C CA  . GLY A 1 73  ? -4.941  14.442  7.560   1.00 26.06 ? 73  GLY A CA  1 
ATOM   525  C C   . GLY A 1 73  ? -4.319  13.631  6.443   1.00 26.76 ? 73  GLY A C   1 
ATOM   526  O O   . GLY A 1 73  ? -4.993  13.249  5.494   1.00 26.90 ? 73  GLY A O   1 
ATOM   527  N N   . LYS A 1 74  ? -3.027  13.355  6.568   1.00 26.09 ? 74  LYS A N   1 
ATOM   528  C CA  . LYS A 1 74  ? -2.322  12.586  5.558   1.00 26.66 ? 74  LYS A CA  1 
ATOM   529  C C   . LYS A 1 74  ? -2.788  11.134  5.506   1.00 25.00 ? 74  LYS A C   1 
ATOM   530  O O   . LYS A 1 74  ? -2.888  10.562  4.429   1.00 24.36 ? 74  LYS A O   1 
ATOM   531  C CB  . LYS A 1 74  ? -0.815  12.683  5.807   1.00 27.90 ? 74  LYS A CB  1 
ATOM   532  C CG  . LYS A 1 74  ? -0.322  14.128  5.742   1.00 32.27 ? 74  LYS A CG  1 
ATOM   533  C CD  . LYS A 1 74  ? 1.155   14.283  6.109   1.00 35.46 ? 74  LYS A CD  1 
ATOM   534  C CE  . LYS A 1 74  ? 2.059   13.756  5.015   1.00 37.92 ? 74  LYS A CE  1 
ATOM   535  N NZ  . LYS A 1 74  ? 3.464   14.199  5.229   1.00 41.46 ? 74  LYS A NZ  1 
ATOM   536  N N   . LEU A 1 75  ? -3.095  10.544  6.660   1.00 24.22 ? 75  LEU A N   1 
ATOM   537  C CA  . LEU A 1 75  ? -3.557  9.158   6.680   1.00 24.25 ? 75  LEU A CA  1 
ATOM   538  C C   . LEU A 1 75  ? -4.915  9.007   6.009   1.00 23.25 ? 75  LEU A C   1 
ATOM   539  O O   . LEU A 1 75  ? -5.142  8.057   5.271   1.00 21.97 ? 75  LEU A O   1 
ATOM   540  C CB  . LEU A 1 75  ? -3.638  8.618   8.115   1.00 23.77 ? 75  LEU A CB  1 
ATOM   541  C CG  . LEU A 1 75  ? -2.305  8.405   8.841   1.00 26.77 ? 75  LEU A CG  1 
ATOM   542  C CD1 . LEU A 1 75  ? -2.557  7.816   10.229  1.00 24.22 ? 75  LEU A CD1 1 
ATOM   543  C CD2 . LEU A 1 75  ? -1.430  7.469   8.023   1.00 25.17 ? 75  LEU A CD2 1 
ATOM   544  N N   . VAL A 1 76  ? -5.820  9.945   6.273   1.00 23.83 ? 76  VAL A N   1 
ATOM   545  C CA  . VAL A 1 76  ? -7.155  9.895   5.689   1.00 25.21 ? 76  VAL A CA  1 
ATOM   546  C C   . VAL A 1 76  ? -7.093  10.025  4.170   1.00 25.84 ? 76  VAL A C   1 
ATOM   547  O O   . VAL A 1 76  ? -7.857  9.393   3.447   1.00 25.39 ? 76  VAL A O   1 
ATOM   548  C CB  . VAL A 1 76  ? -8.048  11.018  6.266   1.00 26.44 ? 76  VAL A CB  1 
ATOM   549  C CG1 . VAL A 1 76  ? -9.312  11.174  5.432   1.00 28.06 ? 76  VAL A CG1 1 
ATOM   550  C CG2 . VAL A 1 76  ? -8.415  10.689  7.709   1.00 27.73 ? 76  VAL A CG2 1 
ATOM   551  N N   . GLU A 1 77  ? -6.160  10.830  3.685   1.00 25.91 ? 77  GLU A N   1 
ATOM   552  C CA  . GLU A 1 77  ? -6.038  11.026  2.255   1.00 27.90 ? 77  GLU A CA  1 
ATOM   553  C C   . GLU A 1 77  ? -5.212  9.938   1.557   1.00 26.33 ? 77  GLU A C   1 
ATOM   554  O O   . GLU A 1 77  ? -5.598  9.444   0.500   1.00 23.66 ? 77  GLU A O   1 
ATOM   555  C CB  . GLU A 1 77  ? -5.408  12.388  1.966   1.00 30.57 ? 77  GLU A CB  1 
ATOM   556  C CG  . GLU A 1 77  ? -5.762  12.928  0.588   1.00 36.44 ? 77  GLU A CG  1 
ATOM   557  C CD  . GLU A 1 77  ? -4.720  13.885  0.050   1.00 38.23 ? 77  GLU A CD  1 
ATOM   558  O OE1 . GLU A 1 77  ? -4.272  14.780  0.805   1.00 40.00 ? 77  GLU A OE1 1 
ATOM   559  O OE2 . GLU A 1 77  ? -4.358  13.737  -1.138  1.00 40.86 ? 77  GLU A OE2 1 
ATOM   560  N N   . TYR A 1 78  ? -4.089  9.555   2.155   1.00 23.52 ? 78  TYR A N   1 
ATOM   561  C CA  . TYR A 1 78  ? -3.214  8.566   1.526   1.00 23.36 ? 78  TYR A CA  1 
ATOM   562  C C   . TYR A 1 78  ? -3.275  7.134   2.034   1.00 22.03 ? 78  TYR A C   1 
ATOM   563  O O   . TYR A 1 78  ? -2.735  6.230   1.398   1.00 20.91 ? 78  TYR A O   1 
ATOM   564  C CB  . TYR A 1 78  ? -1.774  9.062   1.607   1.00 25.57 ? 78  TYR A CB  1 
ATOM   565  C CG  . TYR A 1 78  ? -1.573  10.380  0.911   1.00 26.97 ? 78  TYR A CG  1 
ATOM   566  C CD1 . TYR A 1 78  ? -1.129  11.496  1.609   1.00 28.56 ? 78  TYR A CD1 1 
ATOM   567  C CD2 . TYR A 1 78  ? -1.824  10.508  -0.452  1.00 28.81 ? 78  TYR A CD2 1 
ATOM   568  C CE1 . TYR A 1 78  ? -0.934  12.713  0.971   1.00 30.74 ? 78  TYR A CE1 1 
ATOM   569  C CE2 . TYR A 1 78  ? -1.633  11.723  -1.103  1.00 31.92 ? 78  TYR A CE2 1 
ATOM   570  C CZ  . TYR A 1 78  ? -1.187  12.820  -0.382  1.00 32.94 ? 78  TYR A CZ  1 
ATOM   571  O OH  . TYR A 1 78  ? -0.995  14.027  -1.018  1.00 36.74 ? 78  TYR A OH  1 
ATOM   572  N N   . TRP A 1 79  ? -3.940  6.920   3.164   1.00 20.66 ? 79  TRP A N   1 
ATOM   573  C CA  . TRP A 1 79  ? -4.027  5.587   3.744   1.00 20.16 ? 79  TRP A CA  1 
ATOM   574  C C   . TRP A 1 79  ? -5.474  5.228   4.107   1.00 20.75 ? 79  TRP A C   1 
ATOM   575  O O   . TRP A 1 79  ? -5.737  4.739   5.200   1.00 20.17 ? 79  TRP A O   1 
ATOM   576  C CB  . TRP A 1 79  ? -3.145  5.544   4.992   1.00 19.01 ? 79  TRP A CB  1 
ATOM   577  C CG  . TRP A 1 79  ? -2.690  4.185   5.427   1.00 16.82 ? 79  TRP A CG  1 
ATOM   578  C CD1 . TRP A 1 79  ? -3.381  3.013   5.336   1.00 17.72 ? 79  TRP A CD1 1 
ATOM   579  C CD2 . TRP A 1 79  ? -1.483  3.885   6.124   1.00 17.14 ? 79  TRP A CD2 1 
ATOM   580  N NE1 . TRP A 1 79  ? -2.679  1.998   5.941   1.00 17.70 ? 79  TRP A NE1 1 
ATOM   581  C CE2 . TRP A 1 79  ? -1.508  2.508   6.434   1.00 18.75 ? 79  TRP A CE2 1 
ATOM   582  C CE3 . TRP A 1 79  ? -0.379  4.648   6.522   1.00 16.70 ? 79  TRP A CE3 1 
ATOM   583  C CZ2 . TRP A 1 79  ? -0.470  1.879   7.122   1.00 18.81 ? 79  TRP A CZ2 1 
ATOM   584  C CZ3 . TRP A 1 79  ? 0.647   4.025   7.202   1.00 18.38 ? 79  TRP A CZ3 1 
ATOM   585  C CH2 . TRP A 1 79  ? 0.597   2.653   7.497   1.00 19.02 ? 79  TRP A CH2 1 
ATOM   586  N N   . PRO A 1 80  ? -6.431  5.467   3.190   1.00 21.14 ? 80  PRO A N   1 
ATOM   587  C CA  . PRO A 1 80  ? -7.828  5.144   3.492   1.00 21.79 ? 80  PRO A CA  1 
ATOM   588  C C   . PRO A 1 80  ? -8.068  3.644   3.510   1.00 24.08 ? 80  PRO A C   1 
ATOM   589  O O   . PRO A 1 80  ? -7.190  2.866   3.147   1.00 24.40 ? 80  PRO A O   1 
ATOM   590  C CB  . PRO A 1 80  ? -8.580  5.810   2.352   1.00 21.66 ? 80  PRO A CB  1 
ATOM   591  C CG  . PRO A 1 80  ? -7.649  5.554   1.191   1.00 20.76 ? 80  PRO A CG  1 
ATOM   592  C CD  . PRO A 1 80  ? -6.289  5.905   1.787   1.00 20.55 ? 80  PRO A CD  1 
ATOM   593  N N   . THR A 1 81  ? -9.257  3.241   3.942   1.00 25.28 ? 81  THR A N   1 
ATOM   594  C CA  . THR A 1 81  ? -9.601  1.830   3.961   1.00 27.81 ? 81  THR A CA  1 
ATOM   595  C C   . THR A 1 81  ? -10.574 1.619   2.805   1.00 27.50 ? 81  THR A C   1 
ATOM   596  O O   . THR A 1 81  ? -11.166 2.574   2.314   1.00 27.38 ? 81  THR A O   1 
ATOM   597  C CB  . THR A 1 81  ? -10.266 1.412   5.299   1.00 29.50 ? 81  THR A CB  1 
ATOM   598  O OG1 . THR A 1 81  ? -10.505 -0.004  5.285   1.00 32.83 ? 81  THR A OG1 1 
ATOM   599  C CG2 . THR A 1 81  ? -11.594 2.126   5.493   1.00 30.39 ? 81  THR A CG2 1 
ATOM   600  N N   . TYR A 1 82  ? -10.723 0.382   2.354   1.00 29.19 ? 82  TYR A N   1 
ATOM   601  C CA  . TYR A 1 82  ? -11.622 0.102   1.246   1.00 31.67 ? 82  TYR A CA  1 
ATOM   602  C C   . TYR A 1 82  ? -12.732 -0.860  1.650   1.00 33.83 ? 82  TYR A C   1 
ATOM   603  O O   . TYR A 1 82  ? -13.413 -1.430  0.799   1.00 35.32 ? 82  TYR A O   1 
ATOM   604  C CB  . TYR A 1 82  ? -10.825 -0.433  0.044   1.00 29.77 ? 82  TYR A CB  1 
ATOM   605  C CG  . TYR A 1 82  ? -9.948  0.632   -0.595  1.00 28.43 ? 82  TYR A CG  1 
ATOM   606  C CD1 . TYR A 1 82  ? -10.515 1.722   -1.254  1.00 26.83 ? 82  TYR A CD1 1 
ATOM   607  C CD2 . TYR A 1 82  ? -8.559  0.586   -0.483  1.00 27.72 ? 82  TYR A CD2 1 
ATOM   608  C CE1 . TYR A 1 82  ? -9.722  2.740   -1.783  1.00 26.54 ? 82  TYR A CE1 1 
ATOM   609  C CE2 . TYR A 1 82  ? -7.757  1.601   -1.007  1.00 25.72 ? 82  TYR A CE2 1 
ATOM   610  C CZ  . TYR A 1 82  ? -8.346  2.672   -1.653  1.00 26.25 ? 82  TYR A CZ  1 
ATOM   611  O OH  . TYR A 1 82  ? -7.562  3.683   -2.157  1.00 26.86 ? 82  TYR A OH  1 
ATOM   612  N N   . ARG A 1 83  ? -12.906 -1.014  2.960   1.00 36.77 ? 83  ARG A N   1 
ATOM   613  C CA  . ARG A 1 83  ? -13.936 -1.874  3.542   1.00 39.56 ? 83  ARG A CA  1 
ATOM   614  C C   . ARG A 1 83  ? -14.736 -1.004  4.502   1.00 39.91 ? 83  ARG A C   1 
ATOM   615  O O   . ARG A 1 83  ? -14.255 0.029   4.960   1.00 40.19 ? 83  ARG A O   1 
ATOM   616  C CB  . ARG A 1 83  ? -13.312 -3.014  4.348   1.00 41.56 ? 83  ARG A CB  1 
ATOM   617  C CG  . ARG A 1 83  ? -12.214 -3.762  3.637   1.00 47.04 ? 83  ARG A CG  1 
ATOM   618  C CD  . ARG A 1 83  ? -11.609 -4.836  4.526   1.00 51.01 ? 83  ARG A CD  1 
ATOM   619  N NE  . ARG A 1 83  ? -10.316 -5.285  4.015   1.00 55.79 ? 83  ARG A NE  1 
ATOM   620  C CZ  . ARG A 1 83  ? -9.558  -6.216  4.590   1.00 57.87 ? 83  ARG A CZ  1 
ATOM   621  N NH1 . ARG A 1 83  ? -9.965  -6.814  5.705   1.00 58.72 ? 83  ARG A NH1 1 
ATOM   622  N NH2 . ARG A 1 83  ? -8.380  -6.535  4.065   1.00 58.73 ? 83  ARG A NH2 1 
ATOM   623  N N   . CYS A 1 84  ? -15.952 -1.425  4.818   1.00 40.33 ? 84  CYS A N   1 
ATOM   624  C CA  . CYS A 1 84  ? -16.775 -0.663  5.741   1.00 40.82 ? 84  CYS A CA  1 
ATOM   625  C C   . CYS A 1 84  ? -16.822 -1.308  7.108   1.00 41.50 ? 84  CYS A C   1 
ATOM   626  O O   . CYS A 1 84  ? -17.499 -0.818  8.007   1.00 42.91 ? 84  CYS A O   1 
ATOM   627  C CB  . CYS A 1 84  ? -18.187 -0.500  5.193   1.00 39.55 ? 84  CYS A CB  1 
ATOM   628  S SG  . CYS A 1 84  ? -18.256 0.818   3.954   1.00 38.69 ? 84  CYS A SG  1 
ATOM   629  N N   . ALA A 1 85  ? -16.094 -2.405  7.261   1.00 42.24 ? 85  ALA A N   1 
ATOM   630  C CA  . ALA A 1 85  ? -16.047 -3.118  8.527   1.00 43.31 ? 85  ALA A CA  1 
ATOM   631  C C   . ALA A 1 85  ? -14.676 -2.921  9.161   1.00 43.69 ? 85  ALA A C   1 
ATOM   632  O O   . ALA A 1 85  ? -13.730 -2.525  8.484   1.00 44.44 ? 85  ALA A O   1 
ATOM   633  C CB  . ALA A 1 85  ? -16.314 -4.603  8.293   1.00 42.46 ? 85  ALA A CB  1 
ATOM   634  N N   . LEU A 1 86  ? -14.566 -3.179  10.460  1.00 44.09 ? 86  LEU A N   1 
ATOM   635  C CA  . LEU A 1 86  ? -13.278 -3.052  11.131  1.00 44.80 ? 86  LEU A CA  1 
ATOM   636  C C   . LEU A 1 86  ? -12.441 -4.253  10.695  1.00 44.69 ? 86  LEU A C   1 
ATOM   637  O O   . LEU A 1 86  ? -12.983 -5.276  10.273  1.00 44.28 ? 86  LEU A O   1 
ATOM   638  C CB  . LEU A 1 86  ? -13.442 -3.046  12.655  1.00 44.74 ? 86  LEU A CB  1 
ATOM   639  C CG  . LEU A 1 86  ? -14.097 -1.811  13.282  1.00 45.56 ? 86  LEU A CG  1 
ATOM   640  C CD1 . LEU A 1 86  ? -14.241 -2.023  14.783  1.00 46.00 ? 86  LEU A CD1 1 
ATOM   641  C CD2 . LEU A 1 86  ? -13.259 -0.573  13.000  1.00 44.63 ? 86  LEU A CD2 1 
ATOM   642  N N   . GLU A 1 87  ? -11.127 -4.128  10.796  1.00 44.46 ? 87  GLU A N   1 
ATOM   643  C CA  . GLU A 1 87  ? -10.233 -5.198  10.379  1.00 44.46 ? 87  GLU A CA  1 
ATOM   644  C C   . GLU A 1 87  ? -9.887  -6.147  11.524  1.00 45.07 ? 87  GLU A C   1 
ATOM   645  O O   . GLU A 1 87  ? -9.660  -5.724  12.659  1.00 44.12 ? 87  GLU A O   1 
ATOM   646  C CB  . GLU A 1 87  ? -8.946  -4.599  9.798   1.00 43.99 ? 87  GLU A CB  1 
ATOM   647  C CG  . GLU A 1 87  ? -9.170  -3.458  8.806   1.00 43.63 ? 87  GLU A CG  1 
ATOM   648  C CD  . GLU A 1 87  ? -8.865  -3.846  7.368   1.00 43.56 ? 87  GLU A CD  1 
ATOM   649  O OE1 . GLU A 1 87  ? -9.014  -2.988  6.472   1.00 42.48 ? 87  GLU A OE1 1 
ATOM   650  O OE2 . GLU A 1 87  ? -8.473  -5.007  7.132   1.00 44.40 ? 87  GLU A OE2 1 
ATOM   651  N N   . GLN A 1 88  ? -9.854  -7.437  11.209  1.00 46.23 ? 88  GLN A N   1 
ATOM   652  C CA  . GLN A 1 88  ? -9.503  -8.454  12.190  1.00 47.12 ? 88  GLN A CA  1 
ATOM   653  C C   . GLN A 1 88  ? -8.035  -8.220  12.543  1.00 46.96 ? 88  GLN A C   1 
ATOM   654  O O   . GLN A 1 88  ? -7.163  -8.285  11.672  1.00 47.02 ? 88  GLN A O   1 
ATOM   655  C CB  . GLN A 1 88  ? -9.689  -9.848  11.581  1.00 48.72 ? 88  GLN A CB  1 
ATOM   656  C CG  . GLN A 1 88  ? -9.367  -10.984 12.533  1.00 51.25 ? 88  GLN A CG  1 
ATOM   657  C CD  . GLN A 1 88  ? -10.331 -11.061 13.701  1.00 53.25 ? 88  GLN A CD  1 
ATOM   658  O OE1 . GLN A 1 88  ? -10.071 -11.754 14.689  1.00 54.55 ? 88  GLN A OE1 1 
ATOM   659  N NE2 . GLN A 1 88  ? -11.458 -10.358 13.592  1.00 52.95 ? 88  GLN A NE2 1 
ATOM   660  N N   . SER A 1 89  ? -7.759  -7.939  13.811  1.00 46.65 ? 89  SER A N   1 
ATOM   661  C CA  . SER A 1 89  ? -6.390  -7.678  14.237  1.00 46.68 ? 89  SER A CA  1 
ATOM   662  C C   . SER A 1 89  ? -5.885  -8.710  15.247  1.00 47.11 ? 89  SER A C   1 
ATOM   663  O O   . SER A 1 89  ? -6.404  -9.825  15.321  1.00 46.77 ? 89  SER A O   1 
ATOM   664  C CB  . SER A 1 89  ? -6.296  -6.264  14.824  1.00 46.60 ? 89  SER A CB  1 
ATOM   665  O OG  . SER A 1 89  ? -4.951  -5.873  15.033  1.00 46.22 ? 89  SER A OG  1 
ATOM   666  N N   . CYS A 1 90  ? -4.870  -8.334  16.021  1.00 47.28 ? 90  CYS A N   1 
ATOM   667  C CA  . CYS A 1 90  ? -4.283  -9.226  17.016  1.00 48.40 ? 90  CYS A CA  1 
ATOM   668  C C   . CYS A 1 90  ? -5.220  -9.470  18.204  1.00 50.08 ? 90  CYS A C   1 
ATOM   669  O O   . CYS A 1 90  ? -5.891  -8.551  18.676  1.00 50.42 ? 90  CYS A O   1 
ATOM   670  C CB  . CYS A 1 90  ? -2.957  -8.639  17.521  1.00 47.42 ? 90  CYS A CB  1 
ATOM   671  S SG  . CYS A 1 90  ? -1.757  -8.194  16.216  1.00 46.31 ? 90  CYS A SG  1 
ATOM   672  N N   . ASN A 1 91  ? -5.263  -10.712 18.682  1.00 51.83 ? 91  ASN A N   1 
ATOM   673  C CA  . ASN A 1 91  ? -6.100  -11.071 19.829  1.00 53.62 ? 91  ASN A CA  1 
ATOM   674  C C   . ASN A 1 91  ? -7.587  -10.903 19.549  1.00 54.77 ? 91  ASN A C   1 
ATOM   675  O O   . ASN A 1 91  ? -8.327  -10.411 20.398  1.00 55.40 ? 91  ASN A O   1 
ATOM   676  C CB  . ASN A 1 91  ? -5.736  -10.210 21.041  1.00 54.20 ? 91  ASN A CB  1 
ATOM   677  C CG  . ASN A 1 91  ? -4.264  -10.264 21.376  1.00 55.69 ? 91  ASN A CG  1 
ATOM   678  O OD1 . ASN A 1 91  ? -3.789  -9.540  22.254  1.00 56.28 ? 91  ASN A OD1 1 
ATOM   679  N ND2 . ASN A 1 91  ? -3.527  -11.127 20.681  1.00 56.41 ? 91  ASN A ND2 1 
ATOM   680  N N   . ASN A 1 92  ? -8.025  -11.303 18.361  1.00 55.70 ? 92  ASN A N   1 
ATOM   681  C CA  . ASN A 1 92  ? -9.433  -11.183 18.003  1.00 56.46 ? 92  ASN A CA  1 
ATOM   682  C C   . ASN A 1 92  ? -9.958  -9.758  18.196  1.00 56.39 ? 92  ASN A C   1 
ATOM   683  O O   . ASN A 1 92  ? -11.168 -9.539  18.277  1.00 56.52 ? 92  ASN A O   1 
ATOM   684  C CB  . ASN A 1 92  ? -10.265 -12.159 18.839  1.00 57.31 ? 92  ASN A CB  1 
ATOM   685  C CG  . ASN A 1 92  ? -9.986  -13.608 18.487  1.00 58.30 ? 92  ASN A CG  1 
ATOM   686  O OD1 . ASN A 1 92  ? -10.102 -14.007 17.326  1.00 58.18 ? 92  ASN A OD1 1 
ATOM   687  N ND2 . ASN A 1 92  ? -9.621  -14.408 19.487  1.00 58.13 ? 92  ASN A ND2 1 
ATOM   688  N N   . ARG A 1 93  ? -9.045  -8.795  18.275  1.00 55.23 ? 93  ARG A N   1 
ATOM   689  C CA  . ARG A 1 93  ? -9.425  -7.400  18.445  1.00 54.38 ? 93  ARG A CA  1 
ATOM   690  C C   . ARG A 1 93  ? -9.747  -6.759  17.101  1.00 53.18 ? 93  ARG A C   1 
ATOM   691  O O   . ARG A 1 93  ? -8.980  -6.883  16.148  1.00 53.08 ? 93  ARG A O   1 
ATOM   692  C CB  . ARG A 1 93  ? -8.296  -6.609  19.109  1.00 55.47 ? 93  ARG A CB  1 
ATOM   693  C CG  . ARG A 1 93  ? -8.036  -6.960  20.560  1.00 57.04 ? 93  ARG A CG  1 
ATOM   694  C CD  . ARG A 1 93  ? -6.917  -6.097  21.137  1.00 58.87 ? 93  ARG A CD  1 
ATOM   695  N NE  . ARG A 1 93  ? -6.759  -6.284  22.578  1.00 60.06 ? 93  ARG A NE  1 
ATOM   696  C CZ  . ARG A 1 93  ? -7.696  -5.997  23.479  1.00 61.20 ? 93  ARG A CZ  1 
ATOM   697  N NH1 . ARG A 1 93  ? -8.867  -5.507  23.090  1.00 60.74 ? 93  ARG A NH1 1 
ATOM   698  N NH2 . ARG A 1 93  ? -7.464  -6.199  24.770  1.00 61.65 ? 93  ARG A NH2 1 
ATOM   699  N N   . LYS A 1 94  ? -10.891 -6.089  17.029  1.00 51.72 ? 94  LYS A N   1 
ATOM   700  C CA  . LYS A 1 94  ? -11.295 -5.399  15.815  1.00 50.13 ? 94  LYS A CA  1 
ATOM   701  C C   . LYS A 1 94  ? -10.496 -4.102  15.818  1.00 48.52 ? 94  LYS A C   1 
ATOM   702  O O   . LYS A 1 94  ? -10.277 -3.514  16.872  1.00 48.37 ? 94  LYS A O   1 
ATOM   703  C CB  . LYS A 1 94  ? -12.786 -5.082  15.854  1.00 51.24 ? 94  LYS A CB  1 
ATOM   704  C CG  . LYS A 1 94  ? -13.673 -6.300  15.996  1.00 52.88 ? 94  LYS A CG  1 
ATOM   705  C CD  . LYS A 1 94  ? -13.536 -7.218  14.794  1.00 54.73 ? 94  LYS A CD  1 
ATOM   706  C CE  . LYS A 1 94  ? -14.458 -8.414  14.917  1.00 55.39 ? 94  LYS A CE  1 
ATOM   707  N NZ  . LYS A 1 94  ? -14.347 -9.296  13.726  1.00 57.34 ? 94  LYS A NZ  1 
ATOM   708  N N   . GLU A 1 95  ? -10.058 -3.658  14.646  1.00 46.26 ? 95  GLU A N   1 
ATOM   709  C CA  . GLU A 1 95  ? -9.271  -2.438  14.559  1.00 43.94 ? 95  GLU A CA  1 
ATOM   710  C C   . GLU A 1 95  ? -9.435  -1.762  13.212  1.00 41.52 ? 95  GLU A C   1 
ATOM   711  O O   . GLU A 1 95  ? -9.881  -2.384  12.249  1.00 40.60 ? 95  GLU A O   1 
ATOM   712  C CB  . GLU A 1 95  ? -7.791  -2.762  14.758  1.00 45.52 ? 95  GLU A CB  1 
ATOM   713  C CG  . GLU A 1 95  ? -7.410  -3.152  16.164  1.00 48.57 ? 95  GLU A CG  1 
ATOM   714  C CD  . GLU A 1 95  ? -6.799  -1.999  16.921  1.00 51.23 ? 95  GLU A CD  1 
ATOM   715  O OE1 . GLU A 1 95  ? -7.376  -0.890  16.863  1.00 53.30 ? 95  GLU A OE1 1 
ATOM   716  O OE2 . GLU A 1 95  ? -5.748  -2.200  17.572  1.00 51.52 ? 95  GLU A OE2 1 
ATOM   717  N N   . ILE A 1 96  ? -9.087  -0.484  13.152  1.00 39.40 ? 96  ILE A N   1 
ATOM   718  C CA  . ILE A 1 96  ? -9.136  0.240   11.890  1.00 38.01 ? 96  ILE A CA  1 
ATOM   719  C C   . ILE A 1 96  ? -7.832  -0.144  11.198  1.00 35.49 ? 96  ILE A C   1 
ATOM   720  O O   . ILE A 1 96  ? -6.852  -0.482  11.864  1.00 35.18 ? 96  ILE A O   1 
ATOM   721  C CB  . ILE A 1 96  ? -9.153  1.767   12.094  1.00 38.97 ? 96  ILE A CB  1 
ATOM   722  C CG1 . ILE A 1 96  ? -8.085  2.160   13.114  1.00 39.80 ? 96  ILE A CG1 1 
ATOM   723  C CG2 . ILE A 1 96  ? -10.532 2.219   12.528  1.00 41.89 ? 96  ILE A CG2 1 
ATOM   724  C CD1 . ILE A 1 96  ? -7.963  3.644   13.333  1.00 40.88 ? 96  ILE A CD1 1 
ATOM   725  N N   . LEU A 1 97  ? -7.828  -0.084  9.872   1.00 32.99 ? 97  LEU A N   1 
ATOM   726  C CA  . LEU A 1 97  ? -6.664  -0.435  9.071   1.00 30.27 ? 97  LEU A CA  1 
ATOM   727  C C   . LEU A 1 97  ? -5.325  -0.011  9.674   1.00 29.37 ? 97  LEU A C   1 
ATOM   728  O O   . LEU A 1 97  ? -4.444  -0.846  9.861   1.00 29.54 ? 97  LEU A O   1 
ATOM   729  C CB  . LEU A 1 97  ? -6.803  0.156   7.667   1.00 30.24 ? 97  LEU A CB  1 
ATOM   730  C CG  . LEU A 1 97  ? -5.688  -0.175  6.673   1.00 29.63 ? 97  LEU A CG  1 
ATOM   731  C CD1 . LEU A 1 97  ? -5.664  -1.682  6.393   1.00 29.93 ? 97  LEU A CD1 1 
ATOM   732  C CD2 . LEU A 1 97  ? -5.910  0.607   5.389   1.00 29.57 ? 97  LEU A CD2 1 
ATOM   733  N N   . TRP A 1 98  ? -5.171  1.271   9.985   1.00 27.49 ? 98  TRP A N   1 
ATOM   734  C CA  . TRP A 1 98  ? -3.917  1.763   10.547  1.00 26.90 ? 98  TRP A CA  1 
ATOM   735  C C   . TRP A 1 98  ? -3.501  0.978   11.786  1.00 27.25 ? 98  TRP A C   1 
ATOM   736  O O   . TRP A 1 98  ? -2.320  0.668   11.970  1.00 26.49 ? 98  TRP A O   1 
ATOM   737  C CB  . TRP A 1 98  ? -4.026  3.247   10.910  1.00 26.87 ? 98  TRP A CB  1 
ATOM   738  C CG  . TRP A 1 98  ? -4.670  4.090   9.853   1.00 26.27 ? 98  TRP A CG  1 
ATOM   739  C CD1 . TRP A 1 98  ? -4.597  3.913   8.497   1.00 27.22 ? 98  TRP A CD1 1 
ATOM   740  C CD2 . TRP A 1 98  ? -5.496  5.240   10.062  1.00 25.66 ? 98  TRP A CD2 1 
ATOM   741  N NE1 . TRP A 1 98  ? -5.330  4.877   7.854   1.00 25.37 ? 98  TRP A NE1 1 
ATOM   742  C CE2 . TRP A 1 98  ? -5.893  5.706   8.789   1.00 25.17 ? 98  TRP A CE2 1 
ATOM   743  C CE3 . TRP A 1 98  ? -5.938  5.923   11.203  1.00 25.05 ? 98  TRP A CE3 1 
ATOM   744  C CZ2 . TRP A 1 98  ? -6.717  6.825   8.623   1.00 25.09 ? 98  TRP A CZ2 1 
ATOM   745  C CZ3 . TRP A 1 98  ? -6.757  7.040   11.037  1.00 23.83 ? 98  TRP A CZ3 1 
ATOM   746  C CH2 . TRP A 1 98  ? -7.136  7.477   9.758   1.00 24.92 ? 98  TRP A CH2 1 
ATOM   747  N N   . GLY A 1 99  ? -4.480  0.665   12.631  1.00 27.68 ? 99  GLY A N   1 
ATOM   748  C CA  . GLY A 1 99  ? -4.203  -0.075  13.847  1.00 27.22 ? 99  GLY A CA  1 
ATOM   749  C C   . GLY A 1 99  ? -3.778  -1.498  13.557  1.00 27.45 ? 99  GLY A C   1 
ATOM   750  O O   . GLY A 1 99  ? -2.779  -1.975  14.101  1.00 27.34 ? 99  GLY A O   1 
ATOM   751  N N   . GLN A 1 100 ? -4.540  -2.177  12.704  1.00 26.60 ? 100 GLN A N   1 
ATOM   752  C CA  . GLN A 1 100 ? -4.236  -3.548  12.343  1.00 26.48 ? 100 GLN A CA  1 
ATOM   753  C C   . GLN A 1 100 ? -2.839  -3.671  11.732  1.00 26.72 ? 100 GLN A C   1 
ATOM   754  O O   . GLN A 1 100 ? -2.082  -4.576  12.092  1.00 24.98 ? 100 GLN A O   1 
ATOM   755  C CB  . GLN A 1 100 ? -5.253  -4.082  11.346  1.00 26.48 ? 100 GLN A CB  1 
ATOM   756  C CG  . GLN A 1 100 ? -4.915  -5.480  10.867  1.00 29.83 ? 100 GLN A CG  1 
ATOM   757  C CD  . GLN A 1 100 ? -5.221  -5.677  9.406   1.00 30.75 ? 100 GLN A CD  1 
ATOM   758  O OE1 . GLN A 1 100 ? -4.800  -4.883  8.568   1.00 33.82 ? 100 GLN A OE1 1 
ATOM   759  N NE2 . GLN A 1 100 ? -5.957  -6.734  9.086   1.00 32.28 ? 100 GLN A NE2 1 
ATOM   760  N N   . GLN A 1 101 ? -2.501  -2.763  10.814  1.00 25.21 ? 101 GLN A N   1 
ATOM   761  C CA  . GLN A 1 101 ? -1.190  -2.799  10.171  1.00 25.23 ? 101 GLN A CA  1 
ATOM   762  C C   . GLN A 1 101 ? -0.084  -2.603  11.185  1.00 25.56 ? 101 GLN A C   1 
ATOM   763  O O   . GLN A 1 101 ? 0.936   -3.296  11.144  1.00 24.20 ? 101 GLN A O   1 
ATOM   764  C CB  . GLN A 1 101 ? -1.082  -1.734  9.079   1.00 24.21 ? 101 GLN A CB  1 
ATOM   765  C CG  . GLN A 1 101 ? -1.885  -2.069  7.842   1.00 24.29 ? 101 GLN A CG  1 
ATOM   766  C CD  . GLN A 1 101 ? -1.424  -3.364  7.203   1.00 24.60 ? 101 GLN A CD  1 
ATOM   767  O OE1 . GLN A 1 101 ? -0.268  -3.499  6.827   1.00 23.90 ? 101 GLN A OE1 1 
ATOM   768  N NE2 . GLN A 1 101 ? -2.330  -4.325  7.084   1.00 24.56 ? 101 GLN A NE2 1 
ATOM   769  N N   . TYR A 1 102 ? -0.286  -1.664  12.103  1.00 26.64 ? 102 TYR A N   1 
ATOM   770  C CA  . TYR A 1 102 ? 0.722   -1.413  13.120  1.00 27.89 ? 102 TYR A CA  1 
ATOM   771  C C   . TYR A 1 102 ? 0.933   -2.601  14.064  1.00 29.21 ? 102 TYR A C   1 
ATOM   772  O O   . TYR A 1 102 ? 2.068   -3.001  14.318  1.00 29.43 ? 102 TYR A O   1 
ATOM   773  C CB  . TYR A 1 102 ? 0.367   -0.199  13.971  1.00 27.52 ? 102 TYR A CB  1 
ATOM   774  C CG  . TYR A 1 102 ? 1.335   -0.057  15.120  1.00 29.12 ? 102 TYR A CG  1 
ATOM   775  C CD1 . TYR A 1 102 ? 2.665   0.282   14.883  1.00 27.99 ? 102 TYR A CD1 1 
ATOM   776  C CD2 . TYR A 1 102 ? 0.951   -0.360  16.434  1.00 27.65 ? 102 TYR A CD2 1 
ATOM   777  C CE1 . TYR A 1 102 ? 3.593   0.313   15.912  1.00 28.64 ? 102 TYR A CE1 1 
ATOM   778  C CE2 . TYR A 1 102 ? 1.880   -0.337  17.475  1.00 28.10 ? 102 TYR A CE2 1 
ATOM   779  C CZ  . TYR A 1 102 ? 3.200   0.001   17.203  1.00 29.08 ? 102 TYR A CZ  1 
ATOM   780  O OH  . TYR A 1 102 ? 4.146   0.027   18.203  1.00 30.29 ? 102 TYR A OH  1 
ATOM   781  N N   . GLU A 1 103 ? -0.157  -3.148  14.595  1.00 30.16 ? 103 GLU A N   1 
ATOM   782  C CA  . GLU A 1 103 ? -0.061  -4.266  15.528  1.00 31.83 ? 103 GLU A CA  1 
ATOM   783  C C   . GLU A 1 103 ? 0.430   -5.559  14.865  1.00 31.57 ? 103 GLU A C   1 
ATOM   784  O O   . GLU A 1 103 ? 1.300   -6.250  15.389  1.00 29.92 ? 103 GLU A O   1 
ATOM   785  C CB  . GLU A 1 103 ? -1.416  -4.525  16.188  1.00 33.46 ? 103 GLU A CB  1 
ATOM   786  C CG  . GLU A 1 103 ? -1.965  -3.373  17.024  1.00 38.12 ? 103 GLU A CG  1 
ATOM   787  C CD  . GLU A 1 103 ? -3.226  -3.768  17.792  1.00 41.98 ? 103 GLU A CD  1 
ATOM   788  O OE1 . GLU A 1 103 ? -4.093  -4.462  17.211  1.00 44.00 ? 103 GLU A OE1 1 
ATOM   789  O OE2 . GLU A 1 103 ? -3.357  -3.384  18.974  1.00 44.17 ? 103 GLU A OE2 1 
ATOM   790  N N   . LYS A 1 104 ? -0.131  -5.877  13.710  1.00 32.11 ? 104 LYS A N   1 
ATOM   791  C CA  . LYS A 1 104 ? 0.238   -7.096  13.010  1.00 33.83 ? 104 LYS A CA  1 
ATOM   792  C C   . LYS A 1 104 ? 1.639   -7.080  12.389  1.00 33.77 ? 104 LYS A C   1 
ATOM   793  O O   . LYS A 1 104 ? 2.320   -8.108  12.373  1.00 34.25 ? 104 LYS A O   1 
ATOM   794  C CB  . LYS A 1 104 ? -0.803  -7.397  11.930  1.00 34.58 ? 104 LYS A CB  1 
ATOM   795  C CG  . LYS A 1 104 ? -0.721  -8.795  11.352  1.00 38.26 ? 104 LYS A CG  1 
ATOM   796  C CD  . LYS A 1 104 ? -1.806  -9.019  10.311  1.00 39.41 ? 104 LYS A CD  1 
ATOM   797  C CE  . LYS A 1 104 ? -1.686  -10.396 9.682   1.00 41.19 ? 104 LYS A CE  1 
ATOM   798  N NZ  . LYS A 1 104 ? -2.677  -10.578 8.579   1.00 44.39 ? 104 LYS A NZ  1 
ATOM   799  N N   . HIS A 1 105 ? 2.086   -5.922  11.906  1.00 31.67 ? 105 HIS A N   1 
ATOM   800  C CA  . HIS A 1 105 ? 3.392   -5.850  11.253  1.00 30.86 ? 105 HIS A CA  1 
ATOM   801  C C   . HIS A 1 105 ? 4.407   -4.877  11.843  1.00 31.21 ? 105 HIS A C   1 
ATOM   802  O O   . HIS A 1 105 ? 5.588   -5.210  11.978  1.00 31.82 ? 105 HIS A O   1 
ATOM   803  C CB  . HIS A 1 105 ? 3.204   -5.516  9.770   1.00 29.59 ? 105 HIS A CB  1 
ATOM   804  C CG  . HIS A 1 105 ? 2.267   -6.437  9.056   1.00 26.74 ? 105 HIS A CG  1 
ATOM   805  N ND1 . HIS A 1 105 ? 2.475   -7.796  8.980   1.00 27.55 ? 105 HIS A ND1 1 
ATOM   806  C CD2 . HIS A 1 105 ? 1.121   -6.191  8.378   1.00 26.54 ? 105 HIS A CD2 1 
ATOM   807  C CE1 . HIS A 1 105 ? 1.496   -8.351  8.285   1.00 26.47 ? 105 HIS A CE1 1 
ATOM   808  N NE2 . HIS A 1 105 ? 0.662   -7.399  7.908   1.00 26.36 ? 105 HIS A NE2 1 
ATOM   809  N N   . GLY A 1 106 ? 3.956   -3.672  12.172  1.00 30.96 ? 106 GLY A N   1 
ATOM   810  C CA  . GLY A 1 106 ? 4.861   -2.676  12.716  1.00 30.76 ? 106 GLY A CA  1 
ATOM   811  C C   . GLY A 1 106 ? 5.587   -3.120  13.969  1.00 31.74 ? 106 GLY A C   1 
ATOM   812  O O   . GLY A 1 106 ? 6.739   -2.754  14.190  1.00 32.14 ? 106 GLY A O   1 
ATOM   813  N N   . THR A 1 107 ? 4.913   -3.905  14.800  1.00 32.10 ? 107 THR A N   1 
ATOM   814  C CA  . THR A 1 107 ? 5.512   -4.384  16.041  1.00 33.19 ? 107 THR A CA  1 
ATOM   815  C C   . THR A 1 107 ? 6.666   -5.342  15.745  1.00 34.94 ? 107 THR A C   1 
ATOM   816  O O   . THR A 1 107 ? 7.638   -5.405  16.494  1.00 35.18 ? 107 THR A O   1 
ATOM   817  C CB  . THR A 1 107 ? 4.463   -5.097  16.920  1.00 31.09 ? 107 THR A CB  1 
ATOM   818  O OG1 . THR A 1 107 ? 3.860   -6.160  16.177  1.00 30.18 ? 107 THR A OG1 1 
ATOM   819  C CG2 . THR A 1 107 ? 3.375   -4.121  17.348  1.00 31.14 ? 107 THR A CG2 1 
ATOM   820  N N   . CYS A 1 108 ? 6.554   -6.068  14.638  1.00 36.53 ? 108 CYS A N   1 
ATOM   821  C CA  . CYS A 1 108 ? 7.578   -7.018  14.225  1.00 38.99 ? 108 CYS A CA  1 
ATOM   822  C C   . CYS A 1 108 ? 8.747   -6.346  13.499  1.00 40.26 ? 108 CYS A C   1 
ATOM   823  O O   . CYS A 1 108 ? 9.678   -7.023  13.052  1.00 39.84 ? 108 CYS A O   1 
ATOM   824  C CB  . CYS A 1 108 ? 6.961   -8.084  13.315  1.00 40.46 ? 108 CYS A CB  1 
ATOM   825  S SG  . CYS A 1 108 ? 5.656   -9.094  14.095  1.00 41.90 ? 108 CYS A SG  1 
ATOM   826  N N   . ALA A 1 109 ? 8.696   -5.021  13.380  1.00 40.51 ? 109 ALA A N   1 
ATOM   827  C CA  . ALA A 1 109 ? 9.750   -4.273  12.699  1.00 42.01 ? 109 ALA A CA  1 
ATOM   828  C C   . ALA A 1 109 ? 10.766  -3.696  13.678  1.00 43.06 ? 109 ALA A C   1 
ATOM   829  O O   . ALA A 1 109 ? 11.763  -3.092  13.271  1.00 43.84 ? 109 ALA A O   1 
ATOM   830  C CB  . ALA A 1 109 ? 9.140   -3.151  11.858  1.00 40.66 ? 109 ALA A CB  1 
ATOM   831  N N   . SER A 1 110 ? 10.510  -3.869  14.969  1.00 43.88 ? 110 SER A N   1 
ATOM   832  C CA  . SER A 1 110 ? 11.433  -3.377  15.984  1.00 44.85 ? 110 SER A CA  1 
ATOM   833  C C   . SER A 1 110 ? 12.698  -4.221  15.883  1.00 45.08 ? 110 SER A C   1 
ATOM   834  O O   . SER A 1 110 ? 12.627  -5.410  15.568  1.00 45.49 ? 110 SER A O   1 
ATOM   835  C CB  . SER A 1 110 ? 10.821  -3.529  17.377  1.00 45.53 ? 110 SER A CB  1 
ATOM   836  O OG  . SER A 1 110 ? 11.738  -3.110  18.372  1.00 47.76 ? 110 SER A OG  1 
ATOM   837  N N   . PRO A 1 111 ? 13.872  -3.631  16.168  1.00 44.80 ? 111 PRO A N   1 
ATOM   838  C CA  . PRO A 1 111 ? 14.143  -2.250  16.581  1.00 44.40 ? 111 PRO A CA  1 
ATOM   839  C C   . PRO A 1 111 ? 14.439  -1.266  15.444  1.00 42.90 ? 111 PRO A C   1 
ATOM   840  O O   . PRO A 1 111 ? 14.836  -0.130  15.698  1.00 43.25 ? 111 PRO A O   1 
ATOM   841  C CB  . PRO A 1 111 ? 15.345  -2.417  17.490  1.00 44.92 ? 111 PRO A CB  1 
ATOM   842  C CG  . PRO A 1 111 ? 16.140  -3.430  16.716  1.00 45.00 ? 111 PRO A CG  1 
ATOM   843  C CD  . PRO A 1 111 ? 15.083  -4.458  16.328  1.00 44.93 ? 111 PRO A CD  1 
ATOM   844  N N   . VAL A 1 112 ? 14.271  -1.691  14.197  1.00 42.50 ? 112 VAL A N   1 
ATOM   845  C CA  . VAL A 1 112 ? 14.529  -0.789  13.077  1.00 40.78 ? 112 VAL A CA  1 
ATOM   846  C C   . VAL A 1 112 ? 13.495  0.329   13.154  1.00 39.52 ? 112 VAL A C   1 
ATOM   847  O O   . VAL A 1 112 ? 13.797  1.492   12.902  1.00 38.83 ? 112 VAL A O   1 
ATOM   848  C CB  . VAL A 1 112 ? 14.404  -1.512  11.717  1.00 41.66 ? 112 VAL A CB  1 
ATOM   849  C CG1 . VAL A 1 112 ? 14.860  -0.590  10.605  1.00 41.08 ? 112 VAL A CG1 1 
ATOM   850  C CG2 . VAL A 1 112 ? 15.230  -2.793  11.727  1.00 40.08 ? 112 VAL A CG2 1 
ATOM   851  N N   . ILE A 1 113 ? 12.269  -0.046  13.497  1.00 38.82 ? 113 ILE A N   1 
ATOM   852  C CA  . ILE A 1 113 ? 11.173  0.899   13.660  1.00 38.90 ? 113 ILE A CA  1 
ATOM   853  C C   . ILE A 1 113 ? 10.692  0.710   15.092  1.00 39.26 ? 113 ILE A C   1 
ATOM   854  O O   . ILE A 1 113 ? 10.294  -0.389  15.472  1.00 38.49 ? 113 ILE A O   1 
ATOM   855  C CB  . ILE A 1 113 ? 9.997   0.601   12.698  1.00 38.75 ? 113 ILE A CB  1 
ATOM   856  C CG1 . ILE A 1 113 ? 10.438  0.834   11.249  1.00 38.75 ? 113 ILE A CG1 1 
ATOM   857  C CG2 . ILE A 1 113 ? 8.798   1.480   13.053  1.00 38.13 ? 113 ILE A CG2 1 
ATOM   858  C CD1 . ILE A 1 113 ? 9.354   0.586   10.227  1.00 37.51 ? 113 ILE A CD1 1 
ATOM   859  N N   . LYS A 1 114 ? 10.740  1.768   15.889  1.00 41.21 ? 114 LYS A N   1 
ATOM   860  C CA  . LYS A 1 114 ? 10.316  1.668   17.282  1.00 42.72 ? 114 LYS A CA  1 
ATOM   861  C C   . LYS A 1 114 ? 9.090   2.507   17.607  1.00 41.89 ? 114 LYS A C   1 
ATOM   862  O O   . LYS A 1 114 ? 9.171   3.727   17.692  1.00 42.51 ? 114 LYS A O   1 
ATOM   863  C CB  . LYS A 1 114 ? 11.458  2.084   18.214  1.00 45.19 ? 114 LYS A CB  1 
ATOM   864  C CG  . LYS A 1 114 ? 12.706  1.220   18.111  1.00 48.47 ? 114 LYS A CG  1 
ATOM   865  C CD  . LYS A 1 114 ? 13.770  1.681   19.099  1.00 50.25 ? 114 LYS A CD  1 
ATOM   866  C CE  . LYS A 1 114 ? 15.050  0.868   18.966  1.00 51.46 ? 114 LYS A CE  1 
ATOM   867  N NZ  . LYS A 1 114 ? 16.054  1.255   20.001  1.00 52.68 ? 114 LYS A NZ  1 
ATOM   868  N N   . GLY A 1 115 ? 7.955   1.846   17.786  1.00 40.90 ? 115 GLY A N   1 
ATOM   869  C CA  . GLY A 1 115 ? 6.745   2.563   18.136  1.00 40.43 ? 115 GLY A CA  1 
ATOM   870  C C   . GLY A 1 115 ? 5.872   3.072   17.007  1.00 39.84 ? 115 GLY A C   1 
ATOM   871  O O   . GLY A 1 115 ? 6.319   3.243   15.868  1.00 39.32 ? 115 GLY A O   1 
ATOM   872  N N   . GLU A 1 116 ? 4.613   3.325   17.354  1.00 39.37 ? 116 GLU A N   1 
ATOM   873  C CA  . GLU A 1 116 ? 3.606   3.821   16.425  1.00 38.94 ? 116 GLU A CA  1 
ATOM   874  C C   . GLU A 1 116 ? 4.035   5.018   15.606  1.00 37.73 ? 116 GLU A C   1 
ATOM   875  O O   . GLU A 1 116 ? 4.026   4.978   14.381  1.00 36.87 ? 116 GLU A O   1 
ATOM   876  C CB  . GLU A 1 116 ? 2.340   4.205   17.179  1.00 38.61 ? 116 GLU A CB  1 
ATOM   877  C CG  . GLU A 1 116 ? 1.454   3.057   17.522  1.00 40.55 ? 116 GLU A CG  1 
ATOM   878  C CD  . GLU A 1 116 ? 0.180   3.517   18.186  1.00 41.23 ? 116 GLU A CD  1 
ATOM   879  O OE1 . GLU A 1 116 ? -0.532  4.349   17.587  1.00 41.64 ? 116 GLU A OE1 1 
ATOM   880  O OE2 . GLU A 1 116 ? -0.105  3.046   19.303  1.00 42.31 ? 116 GLU A OE2 1 
ATOM   881  N N   . TRP A 1 117 ? 4.386   6.091   16.300  1.00 37.52 ? 117 TRP A N   1 
ATOM   882  C CA  . TRP A 1 117 ? 4.786   7.327   15.654  1.00 39.64 ? 117 TRP A CA  1 
ATOM   883  C C   . TRP A 1 117 ? 5.757   7.129   14.498  1.00 38.48 ? 117 TRP A C   1 
ATOM   884  O O   . TRP A 1 117 ? 5.491   7.547   13.372  1.00 39.13 ? 117 TRP A O   1 
ATOM   885  C CB  . TRP A 1 117 ? 5.417   8.270   16.671  1.00 41.29 ? 117 TRP A CB  1 
ATOM   886  C CG  . TRP A 1 117 ? 5.401   9.670   16.202  1.00 43.32 ? 117 TRP A CG  1 
ATOM   887  C CD1 . TRP A 1 117 ? 4.307   10.476  16.084  1.00 44.54 ? 117 TRP A CD1 1 
ATOM   888  C CD2 . TRP A 1 117 ? 6.519   10.433  15.746  1.00 44.70 ? 117 TRP A CD2 1 
ATOM   889  N NE1 . TRP A 1 117 ? 4.676   11.699  15.580  1.00 45.56 ? 117 TRP A NE1 1 
ATOM   890  C CE2 . TRP A 1 117 ? 6.029   11.700  15.364  1.00 45.60 ? 117 TRP A CE2 1 
ATOM   891  C CE3 . TRP A 1 117 ? 7.890   10.169  15.620  1.00 46.10 ? 117 TRP A CE3 1 
ATOM   892  C CZ2 . TRP A 1 117 ? 6.863   12.709  14.861  1.00 47.05 ? 117 TRP A CZ2 1 
ATOM   893  C CZ3 . TRP A 1 117 ? 8.722   11.173  15.120  1.00 47.97 ? 117 TRP A CZ3 1 
ATOM   894  C CH2 . TRP A 1 117 ? 8.202   12.429  14.746  1.00 47.89 ? 117 TRP A CH2 1 
ATOM   895  N N   . ASN A 1 118 ? 6.884   6.496   14.798  1.00 37.04 ? 118 ASN A N   1 
ATOM   896  C CA  . ASN A 1 118 ? 7.922   6.236   13.817  1.00 34.96 ? 118 ASN A CA  1 
ATOM   897  C C   . ASN A 1 118 ? 7.423   5.344   12.682  1.00 32.93 ? 118 ASN A C   1 
ATOM   898  O O   . ASN A 1 118 ? 7.861   5.480   11.544  1.00 32.60 ? 118 ASN A O   1 
ATOM   899  C CB  . ASN A 1 118 ? 9.127   5.596   14.515  1.00 36.83 ? 118 ASN A CB  1 
ATOM   900  C CG  . ASN A 1 118 ? 10.321  5.441   13.596  1.00 39.04 ? 118 ASN A CG  1 
ATOM   901  O OD1 . ASN A 1 118 ? 10.724  6.385   12.913  1.00 40.65 ? 118 ASN A OD1 1 
ATOM   902  N ND2 . ASN A 1 118 ? 10.904  4.248   13.584  1.00 39.25 ? 118 ASN A ND2 1 
ATOM   903  N N   . TYR A 1 119 ? 6.506   4.433   12.992  1.00 29.96 ? 119 TYR A N   1 
ATOM   904  C CA  . TYR A 1 119 ? 5.962   3.544   11.977  1.00 28.32 ? 119 TYR A CA  1 
ATOM   905  C C   . TYR A 1 119 ? 5.185   4.345   10.925  1.00 27.89 ? 119 TYR A C   1 
ATOM   906  O O   . TYR A 1 119 ? 5.443   4.220   9.730   1.00 27.20 ? 119 TYR A O   1 
ATOM   907  C CB  . TYR A 1 119 ? 5.047   2.503   12.615  1.00 25.32 ? 119 TYR A CB  1 
ATOM   908  C CG  . TYR A 1 119 ? 4.411   1.555   11.623  1.00 25.38 ? 119 TYR A CG  1 
ATOM   909  C CD1 . TYR A 1 119 ? 5.181   0.635   10.902  1.00 24.38 ? 119 TYR A CD1 1 
ATOM   910  C CD2 . TYR A 1 119 ? 3.033   1.574   11.407  1.00 23.89 ? 119 TYR A CD2 1 
ATOM   911  C CE1 . TYR A 1 119 ? 4.583   -0.246  9.989   1.00 23.19 ? 119 TYR A CE1 1 
ATOM   912  C CE2 . TYR A 1 119 ? 2.431   0.711   10.511  1.00 22.71 ? 119 TYR A CE2 1 
ATOM   913  C CZ  . TYR A 1 119 ? 3.203   -0.200  9.803   1.00 25.33 ? 119 TYR A CZ  1 
ATOM   914  O OH  . TYR A 1 119 ? 2.574   -1.058  8.925   1.00 24.55 ? 119 TYR A OH  1 
ATOM   915  N N   . PHE A 1 120 ? 4.244   5.170   11.369  1.00 26.53 ? 120 PHE A N   1 
ATOM   916  C CA  . PHE A 1 120 ? 3.465   5.971   10.434  1.00 26.46 ? 120 PHE A CA  1 
ATOM   917  C C   . PHE A 1 120 ? 4.316   7.036   9.765   1.00 26.07 ? 120 PHE A C   1 
ATOM   918  O O   . PHE A 1 120 ? 4.157   7.307   8.578   1.00 25.35 ? 120 PHE A O   1 
ATOM   919  C CB  . PHE A 1 120 ? 2.267   6.604   11.144  1.00 25.22 ? 120 PHE A CB  1 
ATOM   920  C CG  . PHE A 1 120 ? 1.281   5.597   11.634  1.00 25.13 ? 120 PHE A CG  1 
ATOM   921  C CD1 . PHE A 1 120 ? 0.606   4.778   10.734  1.00 24.56 ? 120 PHE A CD1 1 
ATOM   922  C CD2 . PHE A 1 120 ? 1.077   5.407   12.994  1.00 26.56 ? 120 PHE A CD2 1 
ATOM   923  C CE1 . PHE A 1 120 ? -0.252  3.775   11.181  1.00 24.07 ? 120 PHE A CE1 1 
ATOM   924  C CE2 . PHE A 1 120 ? 0.219   4.405   13.455  1.00 25.77 ? 120 PHE A CE2 1 
ATOM   925  C CZ  . PHE A 1 120 ? -0.444  3.589   12.546  1.00 24.93 ? 120 PHE A CZ  1 
ATOM   926  N N   . LYS A 1 121 ? 5.225   7.631   10.528  1.00 26.72 ? 121 LYS A N   1 
ATOM   927  C CA  . LYS A 1 121 ? 6.102   8.656   9.984   1.00 27.19 ? 121 LYS A CA  1 
ATOM   928  C C   . LYS A 1 121 ? 6.953   8.083   8.853   1.00 26.84 ? 121 LYS A C   1 
ATOM   929  O O   . LYS A 1 121 ? 7.049   8.673   7.781   1.00 25.32 ? 121 LYS A O   1 
ATOM   930  C CB  . LYS A 1 121 ? 7.025   9.191   11.070  1.00 29.48 ? 121 LYS A CB  1 
ATOM   931  C CG  . LYS A 1 121 ? 8.022   10.211  10.571  1.00 31.52 ? 121 LYS A CG  1 
ATOM   932  C CD  . LYS A 1 121 ? 8.923   10.670  11.706  1.00 35.58 ? 121 LYS A CD  1 
ATOM   933  C CE  . LYS A 1 121 ? 9.895   11.742  11.240  1.00 36.58 ? 121 LYS A CE  1 
ATOM   934  N NZ  . LYS A 1 121 ? 10.767  12.213  12.353  1.00 38.86 ? 121 LYS A NZ  1 
ATOM   935  N N   . LYS A 1 122 ? 7.571   6.932   9.099   1.00 25.66 ? 122 LYS A N   1 
ATOM   936  C CA  . LYS A 1 122 ? 8.422   6.299   8.095   1.00 26.14 ? 122 LYS A CA  1 
ATOM   937  C C   . LYS A 1 122 ? 7.635   5.831   6.879   1.00 24.58 ? 122 LYS A C   1 
ATOM   938  O O   . LYS A 1 122 ? 8.074   5.991   5.743   1.00 24.12 ? 122 LYS A O   1 
ATOM   939  C CB  . LYS A 1 122 ? 9.155   5.097   8.686   1.00 27.91 ? 122 LYS A CB  1 
ATOM   940  C CG  . LYS A 1 122 ? 10.550  4.939   8.125   1.00 32.19 ? 122 LYS A CG  1 
ATOM   941  C CD  . LYS A 1 122 ? 11.427  6.068   8.653   1.00 35.46 ? 122 LYS A CD  1 
ATOM   942  C CE  . LYS A 1 122 ? 12.671  6.264   7.810   1.00 37.48 ? 122 LYS A CE  1 
ATOM   943  N NZ  . LYS A 1 122 ? 12.318  6.735   6.442   1.00 40.26 ? 122 LYS A NZ  1 
ATOM   944  N N   . THR A 1 123 ? 6.478   5.233   7.119   1.00 23.07 ? 123 THR A N   1 
ATOM   945  C CA  . THR A 1 123 ? 5.665   4.749   6.021   1.00 21.90 ? 123 THR A CA  1 
ATOM   946  C C   . THR A 1 123 ? 5.233   5.900   5.109   1.00 21.17 ? 123 THR A C   1 
ATOM   947  O O   . THR A 1 123 ? 5.292   5.783   3.888   1.00 19.76 ? 123 THR A O   1 
ATOM   948  C CB  . THR A 1 123 ? 4.435   3.994   6.543   1.00 21.53 ? 123 THR A CB  1 
ATOM   949  O OG1 . THR A 1 123 ? 4.867   2.854   7.306   1.00 20.98 ? 123 THR A OG1 1 
ATOM   950  C CG2 . THR A 1 123 ? 3.568   3.522   5.378   1.00 20.61 ? 123 THR A CG2 1 
ATOM   951  N N   . LEU A 1 124 ? 4.819   7.016   5.702   1.00 22.05 ? 124 LEU A N   1 
ATOM   952  C CA  . LEU A 1 124 ? 4.397   8.174   4.917   1.00 23.33 ? 124 LEU A CA  1 
ATOM   953  C C   . LEU A 1 124 ? 5.571   8.823   4.177   1.00 24.02 ? 124 LEU A C   1 
ATOM   954  O O   . LEU A 1 124 ? 5.429   9.252   3.029   1.00 23.29 ? 124 LEU A O   1 
ATOM   955  C CB  . LEU A 1 124 ? 3.712   9.202   5.823   1.00 23.37 ? 124 LEU A CB  1 
ATOM   956  C CG  . LEU A 1 124 ? 2.302   8.791   6.267   1.00 23.46 ? 124 LEU A CG  1 
ATOM   957  C CD1 . LEU A 1 124 ? 1.784   9.747   7.330   1.00 24.42 ? 124 LEU A CD1 1 
ATOM   958  C CD2 . LEU A 1 124 ? 1.373   8.788   5.056   1.00 22.21 ? 124 LEU A CD2 1 
ATOM   959  N N   . LYS A 1 125 ? 6.728   8.892   4.828   1.00 24.04 ? 125 LYS A N   1 
ATOM   960  C CA  . LYS A 1 125 ? 7.905   9.481   4.197   1.00 26.40 ? 125 LYS A CA  1 
ATOM   961  C C   . LYS A 1 125 ? 8.277   8.705   2.944   1.00 25.16 ? 125 LYS A C   1 
ATOM   962  O O   . LYS A 1 125 ? 8.554   9.296   1.905   1.00 25.91 ? 125 LYS A O   1 
ATOM   963  C CB  . LYS A 1 125 ? 9.100   9.481   5.156   1.00 29.07 ? 125 LYS A CB  1 
ATOM   964  C CG  . LYS A 1 125 ? 9.011   10.503  6.277   1.00 34.08 ? 125 LYS A CG  1 
ATOM   965  C CD  . LYS A 1 125 ? 10.168  10.355  7.281   1.00 37.86 ? 125 LYS A CD  1 
ATOM   966  C CE  . LYS A 1 125 ? 11.530  10.629  6.644   1.00 41.15 ? 125 LYS A CE  1 
ATOM   967  N NZ  . LYS A 1 125 ? 11.878  9.696   5.528   1.00 43.13 ? 125 LYS A NZ  1 
ATOM   968  N N   . LEU A 1 126 ? 8.288   7.378   3.049   1.00 24.09 ? 126 LEU A N   1 
ATOM   969  C CA  . LEU A 1 126 ? 8.637   6.542   1.909   1.00 24.17 ? 126 LEU A CA  1 
ATOM   970  C C   . LEU A 1 126 ? 7.646   6.701   0.768   1.00 22.83 ? 126 LEU A C   1 
ATOM   971  O O   . LEU A 1 126 ? 8.039   6.746   -0.390  1.00 22.21 ? 126 LEU A O   1 
ATOM   972  C CB  . LEU A 1 126 ? 8.712   5.069   2.320   1.00 23.96 ? 126 LEU A CB  1 
ATOM   973  C CG  . LEU A 1 126 ? 9.898   4.700   3.213   1.00 25.31 ? 126 LEU A CG  1 
ATOM   974  C CD1 . LEU A 1 126 ? 9.836   3.219   3.555   1.00 25.37 ? 126 LEU A CD1 1 
ATOM   975  C CD2 . LEU A 1 126 ? 11.193  5.030   2.497   1.00 25.32 ? 126 LEU A CD2 1 
ATOM   976  N N   . PHE A 1 127 ? 6.361   6.785   1.097   1.00 22.73 ? 127 PHE A N   1 
ATOM   977  C CA  . PHE A 1 127 ? 5.332   6.942   0.079   1.00 24.02 ? 127 PHE A CA  1 
ATOM   978  C C   . PHE A 1 127 ? 5.516   8.250   -0.693  1.00 24.88 ? 127 PHE A C   1 
ATOM   979  O O   . PHE A 1 127 ? 5.407   8.268   -1.919  1.00 25.12 ? 127 PHE A O   1 
ATOM   980  C CB  . PHE A 1 127 ? 3.944   6.930   0.722   1.00 23.82 ? 127 PHE A CB  1 
ATOM   981  C CG  . PHE A 1 127 ? 2.815   7.146   -0.252  1.00 23.71 ? 127 PHE A CG  1 
ATOM   982  C CD1 . PHE A 1 127 ? 2.374   6.111   -1.070  1.00 23.56 ? 127 PHE A CD1 1 
ATOM   983  C CD2 . PHE A 1 127 ? 2.184   8.386   -0.339  1.00 23.46 ? 127 PHE A CD2 1 
ATOM   984  C CE1 . PHE A 1 127 ? 1.318   6.302   -1.959  1.00 23.95 ? 127 PHE A CE1 1 
ATOM   985  C CE2 . PHE A 1 127 ? 1.127   8.591   -1.226  1.00 23.88 ? 127 PHE A CE2 1 
ATOM   986  C CZ  . PHE A 1 127 ? 0.691   7.546   -2.039  1.00 23.68 ? 127 PHE A CZ  1 
ATOM   987  N N   . MET A 1 128 ? 5.797   9.332   0.030   1.00 25.38 ? 128 MET A N   1 
ATOM   988  C CA  . MET A 1 128 ? 5.973   10.640  -0.591  1.00 27.96 ? 128 MET A CA  1 
ATOM   989  C C   . MET A 1 128 ? 7.299   10.801  -1.315  1.00 27.27 ? 128 MET A C   1 
ATOM   990  O O   . MET A 1 128 ? 7.340   11.381  -2.396  1.00 27.15 ? 128 MET A O   1 
ATOM   991  C CB  . MET A 1 128 ? 5.810   11.757  0.452   1.00 31.46 ? 128 MET A CB  1 
ATOM   992  C CG  . MET A 1 128 ? 4.402   11.828  1.053   1.00 36.51 ? 128 MET A CG  1 
ATOM   993  S SD  . MET A 1 128 ? 4.179   13.116  2.317   1.00 44.58 ? 128 MET A SD  1 
ATOM   994  C CE  . MET A 1 128 ? 5.251   12.511  3.620   1.00 41.97 ? 128 MET A CE  1 
ATOM   995  N N   . LYS A 1 129 ? 8.372   10.272  -0.736  1.00 27.15 ? 129 LYS A N   1 
ATOM   996  C CA  . LYS A 1 129 ? 9.691   10.383  -1.344  1.00 28.15 ? 129 LYS A CA  1 
ATOM   997  C C   . LYS A 1 129 ? 9.841   9.563   -2.632  1.00 27.79 ? 129 LYS A C   1 
ATOM   998  O O   . LYS A 1 129 ? 10.464  10.019  -3.589  1.00 27.31 ? 129 LYS A O   1 
ATOM   999  C CB  . LYS A 1 129 ? 10.777  9.966   -0.352  1.00 29.76 ? 129 LYS A CB  1 
ATOM   1000 C CG  . LYS A 1 129 ? 12.176  10.180  -0.894  1.00 32.54 ? 129 LYS A CG  1 
ATOM   1001 C CD  . LYS A 1 129 ? 13.249  9.812   0.111   1.00 36.11 ? 129 LYS A CD  1 
ATOM   1002 C CE  . LYS A 1 129 ? 14.633  10.125  -0.459  1.00 38.32 ? 129 LYS A CE  1 
ATOM   1003 N NZ  . LYS A 1 129 ? 15.741  9.668   0.428   1.00 40.91 ? 129 LYS A NZ  1 
ATOM   1004 N N   . TYR A 1 130 ? 9.286   8.356   -2.643  1.00 25.80 ? 130 TYR A N   1 
ATOM   1005 C CA  . TYR A 1 130 ? 9.345   7.491   -3.817  1.00 24.63 ? 130 TYR A CA  1 
ATOM   1006 C C   . TYR A 1 130 ? 7.914   7.346   -4.309  1.00 25.02 ? 130 TYR A C   1 
ATOM   1007 O O   . TYR A 1 130 ? 7.347   6.260   -4.313  1.00 24.17 ? 130 TYR A O   1 
ATOM   1008 C CB  . TYR A 1 130 ? 9.925   6.125   -3.439  1.00 22.61 ? 130 TYR A CB  1 
ATOM   1009 C CG  . TYR A 1 130 ? 11.310  6.214   -2.831  1.00 22.73 ? 130 TYR A CG  1 
ATOM   1010 C CD1 . TYR A 1 130 ? 11.510  6.004   -1.470  1.00 21.64 ? 130 TYR A CD1 1 
ATOM   1011 C CD2 . TYR A 1 130 ? 12.418  6.533   -3.617  1.00 23.23 ? 130 TYR A CD2 1 
ATOM   1012 C CE1 . TYR A 1 130 ? 12.772  6.104   -0.903  1.00 21.35 ? 130 TYR A CE1 1 
ATOM   1013 C CE2 . TYR A 1 130 ? 13.693  6.637   -3.058  1.00 22.90 ? 130 TYR A CE2 1 
ATOM   1014 C CZ  . TYR A 1 130 ? 13.857  6.420   -1.702  1.00 23.17 ? 130 TYR A CZ  1 
ATOM   1015 O OH  . TYR A 1 130 ? 15.106  6.509   -1.144  1.00 25.17 ? 130 TYR A OH  1 
ATOM   1016 N N   . ASN A 1 131 ? 7.339   8.463   -4.737  1.00 26.14 ? 131 ASN A N   1 
ATOM   1017 C CA  . ASN A 1 131 ? 5.953   8.488   -5.171  1.00 26.71 ? 131 ASN A CA  1 
ATOM   1018 C C   . ASN A 1 131 ? 5.659   7.877   -6.539  1.00 26.31 ? 131 ASN A C   1 
ATOM   1019 O O   . ASN A 1 131 ? 5.951   8.471   -7.583  1.00 25.55 ? 131 ASN A O   1 
ATOM   1020 C CB  . ASN A 1 131 ? 5.436   9.922   -5.130  1.00 30.08 ? 131 ASN A CB  1 
ATOM   1021 C CG  . ASN A 1 131 ? 3.933   9.986   -5.144  1.00 32.51 ? 131 ASN A CG  1 
ATOM   1022 O OD1 . ASN A 1 131 ? 3.288   9.458   -6.047  1.00 34.86 ? 131 ASN A OD1 1 
ATOM   1023 N ND2 . ASN A 1 131 ? 3.358   10.627  -4.133  1.00 35.33 ? 131 ASN A ND2 1 
ATOM   1024 N N   . VAL A 1 132 ? 5.040   6.701   -6.524  1.00 24.48 ? 132 VAL A N   1 
ATOM   1025 C CA  . VAL A 1 132 ? 4.713   6.029   -7.763  1.00 24.95 ? 132 VAL A CA  1 
ATOM   1026 C C   . VAL A 1 132 ? 3.637   6.768   -8.558  1.00 24.37 ? 132 VAL A C   1 
ATOM   1027 O O   . VAL A 1 132 ? 3.672   6.758   -9.784  1.00 24.15 ? 132 VAL A O   1 
ATOM   1028 C CB  . VAL A 1 132 ? 4.268   4.569   -7.516  1.00 24.66 ? 132 VAL A CB  1 
ATOM   1029 C CG1 . VAL A 1 132 ? 5.368   3.818   -6.764  1.00 24.94 ? 132 VAL A CG1 1 
ATOM   1030 C CG2 . VAL A 1 132 ? 2.966   4.542   -6.730  1.00 26.86 ? 132 VAL A CG2 1 
ATOM   1031 N N   . ASP A 1 133 ? 2.694   7.419   -7.876  1.00 22.64 ? 133 ASP A N   1 
ATOM   1032 C CA  . ASP A 1 133 ? 1.641   8.132   -8.594  1.00 21.88 ? 133 ASP A CA  1 
ATOM   1033 C C   . ASP A 1 133 ? 2.239   9.216   -9.495  1.00 22.56 ? 133 ASP A C   1 
ATOM   1034 O O   . ASP A 1 133 ? 1.848   9.356   -10.660 1.00 20.76 ? 133 ASP A O   1 
ATOM   1035 C CB  . ASP A 1 133 ? 0.637   8.751   -7.619  1.00 21.83 ? 133 ASP A CB  1 
ATOM   1036 C CG  . ASP A 1 133 ? -0.160  7.698   -6.858  1.00 21.99 ? 133 ASP A CG  1 
ATOM   1037 O OD1 . ASP A 1 133 ? -0.779  6.827   -7.506  1.00 20.87 ? 133 ASP A OD1 1 
ATOM   1038 O OD2 . ASP A 1 133 ? -0.164  7.743   -5.611  1.00 20.89 ? 133 ASP A OD2 1 
ATOM   1039 N N   . LYS A 1 134 ? 3.200   9.961   -8.955  1.00 22.53 ? 134 LYS A N   1 
ATOM   1040 C CA  . LYS A 1 134 ? 3.865   11.025  -9.701  1.00 25.09 ? 134 LYS A CA  1 
ATOM   1041 C C   . LYS A 1 134 ? 4.652   10.455  -10.891 1.00 24.12 ? 134 LYS A C   1 
ATOM   1042 O O   . LYS A 1 134 ? 4.664   11.037  -11.975 1.00 25.83 ? 134 LYS A O   1 
ATOM   1043 C CB  . LYS A 1 134 ? 4.803   11.800  -8.776  1.00 26.91 ? 134 LYS A CB  1 
ATOM   1044 C CG  . LYS A 1 134 ? 5.332   13.091  -9.376  1.00 33.66 ? 134 LYS A CG  1 
ATOM   1045 C CD  . LYS A 1 134 ? 4.227   14.135  -9.518  1.00 37.86 ? 134 LYS A CD  1 
ATOM   1046 C CE  . LYS A 1 134 ? 4.802   15.520  -9.829  1.00 41.47 ? 134 LYS A CE  1 
ATOM   1047 N NZ  . LYS A 1 134 ? 3.782   16.613  -9.666  1.00 43.05 ? 134 LYS A NZ  1 
ATOM   1048 N N   . ALA A 1 135 ? 5.303   9.316   -10.686 1.00 22.60 ? 135 ALA A N   1 
ATOM   1049 C CA  . ALA A 1 135 ? 6.062   8.677   -11.752 1.00 21.35 ? 135 ALA A CA  1 
ATOM   1050 C C   . ALA A 1 135 ? 5.142   8.307   -12.913 1.00 21.76 ? 135 ALA A C   1 
ATOM   1051 O O   . ALA A 1 135 ? 5.424   8.639   -14.068 1.00 21.87 ? 135 ALA A O   1 
ATOM   1052 C CB  . ALA A 1 135 ? 6.754   7.438   -11.230 1.00 20.49 ? 135 ALA A CB  1 
ATOM   1053 N N   . LEU A 1 136 ? 4.039   7.632   -12.609 1.00 22.12 ? 136 LEU A N   1 
ATOM   1054 C CA  . LEU A 1 136 ? 3.103   7.220   -13.650 1.00 24.01 ? 136 LEU A CA  1 
ATOM   1055 C C   . LEU A 1 136 ? 2.501   8.405   -14.382 1.00 25.89 ? 136 LEU A C   1 
ATOM   1056 O O   . LEU A 1 136 ? 2.411   8.396   -15.604 1.00 26.21 ? 136 LEU A O   1 
ATOM   1057 C CB  . LEU A 1 136 ? 1.981   6.363   -13.067 1.00 24.59 ? 136 LEU A CB  1 
ATOM   1058 C CG  . LEU A 1 136 ? 2.366   5.011   -12.463 1.00 26.49 ? 136 LEU A CG  1 
ATOM   1059 C CD1 . LEU A 1 136 ? 1.082   4.245   -12.140 1.00 27.67 ? 136 LEU A CD1 1 
ATOM   1060 C CD2 . LEU A 1 136 ? 3.234   4.211   -13.433 1.00 25.86 ? 136 LEU A CD2 1 
ATOM   1061 N N   . GLU A 1 137 ? 2.081   9.419   -13.634 1.00 28.65 ? 137 GLU A N   1 
ATOM   1062 C CA  . GLU A 1 137 ? 1.501   10.606  -14.242 1.00 31.64 ? 137 GLU A CA  1 
ATOM   1063 C C   . GLU A 1 137 ? 2.501   11.256  -15.203 1.00 31.64 ? 137 GLU A C   1 
ATOM   1064 O O   . GLU A 1 137 ? 2.127   11.691  -16.290 1.00 31.59 ? 137 GLU A O   1 
ATOM   1065 C CB  . GLU A 1 137 ? 1.086   11.609  -13.163 1.00 34.34 ? 137 GLU A CB  1 
ATOM   1066 C CG  . GLU A 1 137 ? -0.411  11.661  -12.881 1.00 40.63 ? 137 GLU A CG  1 
ATOM   1067 C CD  . GLU A 1 137 ? -0.969  10.380  -12.265 1.00 44.55 ? 137 GLU A CD  1 
ATOM   1068 O OE1 . GLU A 1 137 ? -1.016  9.332   -12.961 1.00 46.32 ? 137 GLU A OE1 1 
ATOM   1069 O OE2 . GLU A 1 137 ? -1.368  10.429  -11.075 1.00 47.05 ? 137 GLU A OE2 1 
ATOM   1070 N N   . ASP A 1 138 ? 3.769   11.315  -14.801 1.00 31.57 ? 138 ASP A N   1 
ATOM   1071 C CA  . ASP A 1 138 ? 4.816   11.905  -15.635 1.00 31.92 ? 138 ASP A CA  1 
ATOM   1072 C C   . ASP A 1 138 ? 4.971   11.165  -16.956 1.00 31.56 ? 138 ASP A C   1 
ATOM   1073 O O   . ASP A 1 138 ? 5.277   11.774  -17.984 1.00 31.40 ? 138 ASP A O   1 
ATOM   1074 C CB  . ASP A 1 138 ? 6.164   11.886  -14.915 1.00 33.59 ? 138 ASP A CB  1 
ATOM   1075 C CG  . ASP A 1 138 ? 6.273   12.955  -13.860 1.00 36.78 ? 138 ASP A CG  1 
ATOM   1076 O OD1 . ASP A 1 138 ? 5.280   13.677  -13.631 1.00 37.90 ? 138 ASP A OD1 1 
ATOM   1077 O OD2 . ASP A 1 138 ? 7.357   13.073  -13.254 1.00 38.31 ? 138 ASP A OD2 1 
ATOM   1078 N N   . ALA A 1 139 ? 4.772   9.851   -16.920 1.00 29.97 ? 139 ALA A N   1 
ATOM   1079 C CA  . ALA A 1 139 ? 4.899   9.039   -18.118 1.00 29.40 ? 139 ALA A CA  1 
ATOM   1080 C C   . ALA A 1 139 ? 3.619   9.045   -18.941 1.00 28.62 ? 139 ALA A C   1 
ATOM   1081 O O   . ALA A 1 139 ? 3.599   8.536   -20.052 1.00 30.00 ? 139 ALA A O   1 
ATOM   1082 C CB  . ALA A 1 139 ? 5.268   7.615   -17.745 1.00 29.07 ? 139 ALA A CB  1 
ATOM   1083 N N   . GLY A 1 140 ? 2.553   9.624   -18.404 1.00 27.70 ? 140 GLY A N   1 
ATOM   1084 C CA  . GLY A 1 140 ? 1.298   9.643   -19.137 1.00 27.38 ? 140 GLY A CA  1 
ATOM   1085 C C   . GLY A 1 140 ? 0.435   8.417   -18.863 1.00 26.97 ? 140 GLY A C   1 
ATOM   1086 O O   . GLY A 1 140 ? -0.470  8.094   -19.629 1.00 26.03 ? 140 GLY A O   1 
ATOM   1087 N N   . ILE A 1 141 ? 0.728   7.712   -17.776 1.00 26.27 ? 141 ILE A N   1 
ATOM   1088 C CA  . ILE A 1 141 ? -0.053  6.541   -17.413 1.00 25.89 ? 141 ILE A CA  1 
ATOM   1089 C C   . ILE A 1 141 ? -1.053  7.013   -16.355 1.00 26.68 ? 141 ILE A C   1 
ATOM   1090 O O   . ILE A 1 141 ? -0.688  7.310   -15.214 1.00 28.36 ? 141 ILE A O   1 
ATOM   1091 C CB  . ILE A 1 141 ? 0.859   5.421   -16.868 1.00 24.23 ? 141 ILE A CB  1 
ATOM   1092 C CG1 . ILE A 1 141 ? 1.862   5.015   -17.957 1.00 22.93 ? 141 ILE A CG1 1 
ATOM   1093 C CG2 . ILE A 1 141 ? 0.022   4.203   -16.458 1.00 23.12 ? 141 ILE A CG2 1 
ATOM   1094 C CD1 . ILE A 1 141 ? 2.822   3.923   -17.544 1.00 22.03 ? 141 ILE A CD1 1 
ATOM   1095 N N   . VAL A 1 142 ? -2.316  7.106   -16.748 1.00 27.19 ? 142 VAL A N   1 
ATOM   1096 C CA  . VAL A 1 142 ? -3.353  7.578   -15.843 1.00 27.53 ? 142 VAL A CA  1 
ATOM   1097 C C   . VAL A 1 142 ? -4.581  6.676   -15.827 1.00 28.03 ? 142 VAL A C   1 
ATOM   1098 O O   . VAL A 1 142 ? -4.807  5.905   -16.757 1.00 27.18 ? 142 VAL A O   1 
ATOM   1099 C CB  . VAL A 1 142 ? -3.790  8.998   -16.232 1.00 28.29 ? 142 VAL A CB  1 
ATOM   1100 C CG1 . VAL A 1 142 ? -2.602  9.949   -16.133 1.00 29.74 ? 142 VAL A CG1 1 
ATOM   1101 C CG2 . VAL A 1 142 ? -4.328  8.999   -17.648 1.00 27.97 ? 142 VAL A CG2 1 
ATOM   1102 N N   . ALA A 1 143 ? -5.368  6.786   -14.762 1.00 26.92 ? 143 ALA A N   1 
ATOM   1103 C CA  . ALA A 1 143 ? -6.577  5.984   -14.607 1.00 28.58 ? 143 ALA A CA  1 
ATOM   1104 C C   . ALA A 1 143 ? -7.450  6.126   -15.845 1.00 29.29 ? 143 ALA A C   1 
ATOM   1105 O O   . ALA A 1 143 ? -7.633  7.223   -16.361 1.00 28.54 ? 143 ALA A O   1 
ATOM   1106 C CB  . ALA A 1 143 ? -7.345  6.425   -13.363 1.00 29.00 ? 143 ALA A CB  1 
ATOM   1107 N N   . SER A 1 144 ? -7.995  5.010   -16.310 1.00 30.57 ? 144 SER A N   1 
ATOM   1108 C CA  . SER A 1 144 ? -8.826  5.004   -17.501 1.00 32.28 ? 144 SER A CA  1 
ATOM   1109 C C   . SER A 1 144 ? -9.649  3.729   -17.581 1.00 33.12 ? 144 SER A C   1 
ATOM   1110 O O   . SER A 1 144 ? -9.159  2.644   -17.280 1.00 32.85 ? 144 SER A O   1 
ATOM   1111 C CB  . SER A 1 144 ? -7.944  5.112   -18.746 1.00 32.79 ? 144 SER A CB  1 
ATOM   1112 O OG  . SER A 1 144 ? -8.689  4.851   -19.921 1.00 33.73 ? 144 SER A OG  1 
ATOM   1113 N N   . ASN A 1 145 ? -10.900 3.861   -18.002 1.00 35.84 ? 145 ASN A N   1 
ATOM   1114 C CA  . ASN A 1 145 ? -11.780 2.709   -18.122 1.00 37.81 ? 145 ASN A CA  1 
ATOM   1115 C C   . ASN A 1 145 ? -11.839 2.205   -19.560 1.00 38.83 ? 145 ASN A C   1 
ATOM   1116 O O   . ASN A 1 145 ? -12.370 1.127   -19.826 1.00 39.33 ? 145 ASN A O   1 
ATOM   1117 C CB  . ASN A 1 145 ? -13.187 3.074   -17.642 1.00 38.21 ? 145 ASN A CB  1 
ATOM   1118 C CG  . ASN A 1 145 ? -13.204 3.543   -16.201 1.00 38.84 ? 145 ASN A CG  1 
ATOM   1119 O OD1 . ASN A 1 145 ? -12.595 2.924   -15.332 1.00 39.86 ? 145 ASN A OD1 1 
ATOM   1120 N ND2 . ASN A 1 145 ? -13.907 4.635   -15.938 1.00 39.30 ? 145 ASN A ND2 1 
ATOM   1121 N N   . SER A 1 146 ? -11.275 2.973   -20.486 1.00 39.51 ? 146 SER A N   1 
ATOM   1122 C CA  . SER A 1 146 ? -11.307 2.592   -21.892 1.00 40.67 ? 146 SER A CA  1 
ATOM   1123 C C   . SER A 1 146 ? -9.979  2.129   -22.480 1.00 41.35 ? 146 SER A C   1 
ATOM   1124 O O   . SER A 1 146 ? -9.961  1.471   -23.517 1.00 42.85 ? 146 SER A O   1 
ATOM   1125 C CB  . SER A 1 146 ? -11.858 3.750   -22.731 1.00 40.94 ? 146 SER A CB  1 
ATOM   1126 O OG  . SER A 1 146 ? -11.026 4.890   -22.643 1.00 42.31 ? 146 SER A OG  1 
ATOM   1127 N N   . LYS A 1 147 ? -8.866  2.461   -21.840 1.00 41.07 ? 147 LYS A N   1 
ATOM   1128 C CA  . LYS A 1 147 ? -7.586  2.031   -22.376 1.00 40.67 ? 147 LYS A CA  1 
ATOM   1129 C C   . LYS A 1 147 ? -6.799  1.105   -21.462 1.00 38.65 ? 147 LYS A C   1 
ATOM   1130 O O   . LYS A 1 147 ? -6.841  1.216   -20.241 1.00 38.82 ? 147 LYS A O   1 
ATOM   1131 C CB  . LYS A 1 147 ? -6.726  3.244   -22.757 1.00 42.79 ? 147 LYS A CB  1 
ATOM   1132 C CG  . LYS A 1 147 ? -6.431  4.199   -21.625 1.00 45.59 ? 147 LYS A CG  1 
ATOM   1133 C CD  . LYS A 1 147 ? -5.751  5.474   -22.130 1.00 48.31 ? 147 LYS A CD  1 
ATOM   1134 C CE  . LYS A 1 147 ? -5.718  6.551   -21.039 1.00 49.02 ? 147 LYS A CE  1 
ATOM   1135 N NZ  . LYS A 1 147 ? -5.043  7.814   -21.462 1.00 49.40 ? 147 LYS A NZ  1 
ATOM   1136 N N   . MET A 1 148 ? -6.095  0.170   -22.076 1.00 36.96 ? 148 MET A N   1 
ATOM   1137 C CA  . MET A 1 148 ? -5.264  -0.763  -21.344 1.00 35.29 ? 148 MET A CA  1 
ATOM   1138 C C   . MET A 1 148 ? -3.823  -0.308  -21.550 1.00 32.74 ? 148 MET A C   1 
ATOM   1139 O O   . MET A 1 148 ? -3.537  0.431   -22.494 1.00 31.64 ? 148 MET A O   1 
ATOM   1140 C CB  . MET A 1 148 ? -5.464  -2.177  -21.884 1.00 37.10 ? 148 MET A CB  1 
ATOM   1141 C CG  . MET A 1 148 ? -6.866  -2.702  -21.676 1.00 39.25 ? 148 MET A CG  1 
ATOM   1142 S SD  . MET A 1 148 ? -7.027  -4.381  -22.266 1.00 45.63 ? 148 MET A SD  1 
ATOM   1143 C CE  . MET A 1 148 ? -6.567  -5.310  -20.792 1.00 42.74 ? 148 MET A CE  1 
ATOM   1144 N N   . TYR A 1 149 ? -2.926  -0.738  -20.669 1.00 29.24 ? 149 TYR A N   1 
ATOM   1145 C CA  . TYR A 1 149 ? -1.526  -0.355  -20.768 1.00 26.69 ? 149 TYR A CA  1 
ATOM   1146 C C   . TYR A 1 149 ? -0.592  -1.544  -20.845 1.00 26.50 ? 149 TYR A C   1 
ATOM   1147 O O   . TYR A 1 149 ? -0.861  -2.609  -20.290 1.00 25.47 ? 149 TYR A O   1 
ATOM   1148 C CB  . TYR A 1 149 ? -1.103  0.487   -19.564 1.00 25.32 ? 149 TYR A CB  1 
ATOM   1149 C CG  . TYR A 1 149 ? -1.799  1.812   -19.448 1.00 25.03 ? 149 TYR A CG  1 
ATOM   1150 C CD1 . TYR A 1 149 ? -2.928  1.960   -18.647 1.00 24.98 ? 149 TYR A CD1 1 
ATOM   1151 C CD2 . TYR A 1 149 ? -1.340  2.922   -20.154 1.00 24.80 ? 149 TYR A CD2 1 
ATOM   1152 C CE1 . TYR A 1 149 ? -3.578  3.180   -18.553 1.00 24.96 ? 149 TYR A CE1 1 
ATOM   1153 C CE2 . TYR A 1 149 ? -1.985  4.143   -20.066 1.00 24.12 ? 149 TYR A CE2 1 
ATOM   1154 C CZ  . TYR A 1 149 ? -3.101  4.267   -19.263 1.00 24.25 ? 149 TYR A CZ  1 
ATOM   1155 O OH  . TYR A 1 149 ? -3.729  5.485   -19.157 1.00 25.81 ? 149 TYR A OH  1 
ATOM   1156 N N   . ASP A 1 150 ? 0.527   -1.344  -21.526 1.00 27.76 ? 150 ASP A N   1 
ATOM   1157 C CA  . ASP A 1 150 ? 1.530   -2.387  -21.650 1.00 29.29 ? 150 ASP A CA  1 
ATOM   1158 C C   . ASP A 1 150 ? 2.140   -2.507  -20.250 1.00 27.96 ? 150 ASP A C   1 
ATOM   1159 O O   . ASP A 1 150 ? 2.553   -1.509  -19.658 1.00 27.15 ? 150 ASP A O   1 
ATOM   1160 C CB  . ASP A 1 150 ? 2.595   -1.968  -22.671 1.00 32.17 ? 150 ASP A CB  1 
ATOM   1161 C CG  . ASP A 1 150 ? 3.138   -3.143  -23.464 1.00 36.80 ? 150 ASP A CG  1 
ATOM   1162 O OD1 . ASP A 1 150 ? 3.840   -3.998  -22.885 1.00 39.28 ? 150 ASP A OD1 1 
ATOM   1163 O OD2 . ASP A 1 150 ? 2.852   -3.216  -24.675 1.00 39.25 ? 150 ASP A OD2 1 
ATOM   1164 N N   . LEU A 1 151 ? 2.164   -3.716  -19.709 1.00 26.79 ? 151 LEU A N   1 
ATOM   1165 C CA  . LEU A 1 151 ? 2.713   -3.924  -18.378 1.00 27.21 ? 151 LEU A CA  1 
ATOM   1166 C C   . LEU A 1 151 ? 4.090   -3.267  -18.268 1.00 27.10 ? 151 LEU A C   1 
ATOM   1167 O O   . LEU A 1 151 ? 4.378   -2.552  -17.303 1.00 25.02 ? 151 LEU A O   1 
ATOM   1168 C CB  . LEU A 1 151 ? 2.830   -5.420  -18.084 1.00 27.07 ? 151 LEU A CB  1 
ATOM   1169 C CG  . LEU A 1 151 ? 3.416   -5.764  -16.713 1.00 28.23 ? 151 LEU A CG  1 
ATOM   1170 C CD1 . LEU A 1 151 ? 2.532   -5.174  -15.626 1.00 27.68 ? 151 LEU A CD1 1 
ATOM   1171 C CD2 . LEU A 1 151 ? 3.531   -7.278  -16.564 1.00 27.27 ? 151 LEU A CD2 1 
ATOM   1172 N N   . LYS A 1 152 ? 4.919   -3.512  -19.279 1.00 25.81 ? 152 LYS A N   1 
ATOM   1173 C CA  . LYS A 1 152 ? 6.275   -2.987  -19.349 1.00 26.94 ? 152 LYS A CA  1 
ATOM   1174 C C   . LYS A 1 152 ? 6.381   -1.471  -19.178 1.00 25.54 ? 152 LYS A C   1 
ATOM   1175 O O   . LYS A 1 152 ? 7.329   -0.981  -18.573 1.00 24.94 ? 152 LYS A O   1 
ATOM   1176 C CB  . LYS A 1 152 ? 6.914   -3.401  -20.680 1.00 29.90 ? 152 LYS A CB  1 
ATOM   1177 C CG  . LYS A 1 152 ? 8.345   -2.946  -20.856 1.00 34.04 ? 152 LYS A CG  1 
ATOM   1178 C CD  . LYS A 1 152 ? 9.368   -3.973  -20.372 1.00 37.72 ? 152 LYS A CD  1 
ATOM   1179 C CE  . LYS A 1 152 ? 9.266   -4.259  -18.881 1.00 38.38 ? 152 LYS A CE  1 
ATOM   1180 N NZ  . LYS A 1 152 ? 8.096   -5.124  -18.574 1.00 40.74 ? 152 LYS A NZ  1 
ATOM   1181 N N   . ASP A 1 153 ? 5.420   -0.725  -19.715 1.00 25.20 ? 153 ASP A N   1 
ATOM   1182 C CA  . ASP A 1 153 ? 5.445   0.728   -19.592 1.00 25.91 ? 153 ASP A CA  1 
ATOM   1183 C C   . ASP A 1 153 ? 5.359   1.147   -18.130 1.00 25.93 ? 153 ASP A C   1 
ATOM   1184 O O   . ASP A 1 153 ? 6.025   2.092   -17.704 1.00 25.75 ? 153 ASP A O   1 
ATOM   1185 C CB  . ASP A 1 153 ? 4.280   1.366   -20.356 1.00 26.96 ? 153 ASP A CB  1 
ATOM   1186 C CG  . ASP A 1 153 ? 4.557   1.509   -21.839 1.00 29.24 ? 153 ASP A CG  1 
ATOM   1187 O OD1 . ASP A 1 153 ? 5.603   1.022   -22.308 1.00 32.37 ? 153 ASP A OD1 1 
ATOM   1188 O OD2 . ASP A 1 153 ? 3.727   2.115   -22.543 1.00 30.74 ? 153 ASP A OD2 1 
ATOM   1189 N N   . ILE A 1 154 ? 4.524   0.445   -17.370 1.00 25.28 ? 154 ILE A N   1 
ATOM   1190 C CA  . ILE A 1 154 ? 4.343   0.751   -15.959 1.00 23.97 ? 154 ILE A CA  1 
ATOM   1191 C C   . ILE A 1 154 ? 5.589   0.381   -15.154 1.00 23.50 ? 154 ILE A C   1 
ATOM   1192 O O   . ILE A 1 154 ? 6.062   1.173   -14.343 1.00 22.71 ? 154 ILE A O   1 
ATOM   1193 C CB  . ILE A 1 154 ? 3.106   0.021   -15.402 1.00 24.87 ? 154 ILE A CB  1 
ATOM   1194 C CG1 . ILE A 1 154 ? 1.870   0.463   -16.190 1.00 25.27 ? 154 ILE A CG1 1 
ATOM   1195 C CG2 . ILE A 1 154 ? 2.941   0.314   -13.912 1.00 23.79 ? 154 ILE A CG2 1 
ATOM   1196 C CD1 . ILE A 1 154 ? 0.578   -0.189  -15.754 1.00 28.34 ? 154 ILE A CD1 1 
ATOM   1197 N N   . VAL A 1 155 ? 6.135   -0.806  -15.396 1.00 22.99 ? 155 VAL A N   1 
ATOM   1198 C CA  . VAL A 1 155 ? 7.325   -1.228  -14.671 1.00 23.82 ? 155 VAL A CA  1 
ATOM   1199 C C   . VAL A 1 155 ? 8.491   -0.276  -14.925 1.00 24.06 ? 155 VAL A C   1 
ATOM   1200 O O   . VAL A 1 155 ? 9.180   0.140   -13.996 1.00 24.08 ? 155 VAL A O   1 
ATOM   1201 C CB  . VAL A 1 155 ? 7.742   -2.652  -15.070 1.00 24.44 ? 155 VAL A CB  1 
ATOM   1202 C CG1 . VAL A 1 155 ? 9.024   -3.048  -14.349 1.00 24.45 ? 155 VAL A CG1 1 
ATOM   1203 C CG2 . VAL A 1 155 ? 6.635   -3.625  -14.727 1.00 24.60 ? 155 VAL A CG2 1 
ATOM   1204 N N   . VAL A 1 156 ? 8.698   0.086   -16.184 1.00 24.37 ? 156 VAL A N   1 
ATOM   1205 C CA  . VAL A 1 156 ? 9.791   0.984   -16.535 1.00 24.66 ? 156 VAL A CA  1 
ATOM   1206 C C   . VAL A 1 156 ? 9.641   2.355   -15.887 1.00 24.30 ? 156 VAL A C   1 
ATOM   1207 O O   . VAL A 1 156 ? 10.627  2.979   -15.485 1.00 24.33 ? 156 VAL A O   1 
ATOM   1208 C CB  . VAL A 1 156 ? 9.902   1.147   -18.073 1.00 24.85 ? 156 VAL A CB  1 
ATOM   1209 C CG1 . VAL A 1 156 ? 10.904  2.252   -18.415 1.00 25.98 ? 156 VAL A CG1 1 
ATOM   1210 C CG2 . VAL A 1 156 ? 10.363  -0.164  -18.690 1.00 24.28 ? 156 VAL A CG2 1 
ATOM   1211 N N   . ALA A 1 157 ? 8.404   2.824   -15.786 1.00 23.05 ? 157 ALA A N   1 
ATOM   1212 C CA  . ALA A 1 157 ? 8.148   4.116   -15.183 1.00 23.70 ? 157 ALA A CA  1 
ATOM   1213 C C   . ALA A 1 157 ? 8.558   4.106   -13.704 1.00 24.33 ? 157 ALA A C   1 
ATOM   1214 O O   . ALA A 1 157 ? 9.251   5.013   -13.233 1.00 23.09 ? 157 ALA A O   1 
ATOM   1215 C CB  . ALA A 1 157 ? 6.672   4.468   -15.326 1.00 23.34 ? 157 ALA A CB  1 
ATOM   1216 N N   . VAL A 1 158 ? 8.137   3.073   -12.975 1.00 24.29 ? 158 VAL A N   1 
ATOM   1217 C CA  . VAL A 1 158 ? 8.470   2.970   -11.558 1.00 23.40 ? 158 VAL A CA  1 
ATOM   1218 C C   . VAL A 1 158 ? 9.962   2.770   -11.331 1.00 22.95 ? 158 VAL A C   1 
ATOM   1219 O O   . VAL A 1 158 ? 10.556  3.452   -10.506 1.00 23.21 ? 158 VAL A O   1 
ATOM   1220 C CB  . VAL A 1 158 ? 7.701   1.819   -10.874 1.00 23.37 ? 158 VAL A CB  1 
ATOM   1221 C CG1 . VAL A 1 158 ? 8.214   1.624   -9.447  1.00 22.56 ? 158 VAL A CG1 1 
ATOM   1222 C CG2 . VAL A 1 158 ? 6.220   2.137   -10.868 1.00 20.71 ? 158 VAL A CG2 1 
ATOM   1223 N N   . GLU A 1 159 ? 10.572  1.844   -12.064 1.00 23.55 ? 159 GLU A N   1 
ATOM   1224 C CA  . GLU A 1 159 ? 12.001  1.608   -11.906 1.00 24.78 ? 159 GLU A CA  1 
ATOM   1225 C C   . GLU A 1 159 ? 12.814  2.856   -12.217 1.00 25.46 ? 159 GLU A C   1 
ATOM   1226 O O   . GLU A 1 159 ? 13.763  3.171   -11.500 1.00 26.32 ? 159 GLU A O   1 
ATOM   1227 C CB  . GLU A 1 159 ? 12.484  0.485   -12.819 1.00 26.07 ? 159 GLU A CB  1 
ATOM   1228 C CG  . GLU A 1 159 ? 11.946  -0.884  -12.487 1.00 28.48 ? 159 GLU A CG  1 
ATOM   1229 C CD  . GLU A 1 159 ? 12.368  -1.904  -13.515 1.00 30.15 ? 159 GLU A CD  1 
ATOM   1230 O OE1 . GLU A 1 159 ? 12.435  -1.534  -14.704 1.00 33.14 ? 159 GLU A OE1 1 
ATOM   1231 O OE2 . GLU A 1 159 ? 12.617  -3.074  -13.153 1.00 31.79 ? 159 GLU A OE2 1 
ATOM   1232 N N   . SER A 1 160 ? 12.454  3.557   -13.291 1.00 23.69 ? 160 SER A N   1 
ATOM   1233 C CA  . SER A 1 160 ? 13.184  4.759   -13.682 1.00 24.17 ? 160 SER A CA  1 
ATOM   1234 C C   . SER A 1 160 ? 13.071  5.848   -12.634 1.00 24.33 ? 160 SER A C   1 
ATOM   1235 O O   . SER A 1 160 ? 14.024  6.581   -12.397 1.00 25.96 ? 160 SER A O   1 
ATOM   1236 C CB  . SER A 1 160 ? 12.667  5.313   -15.014 1.00 22.62 ? 160 SER A CB  1 
ATOM   1237 O OG  . SER A 1 160 ? 12.984  4.442   -16.080 1.00 24.41 ? 160 SER A OG  1 
ATOM   1238 N N   . ALA A 1 161 ? 11.906  5.948   -12.007 1.00 23.48 ? 161 ALA A N   1 
ATOM   1239 C CA  . ALA A 1 161 ? 11.675  6.977   -11.006 1.00 24.30 ? 161 ALA A CA  1 
ATOM   1240 C C   . ALA A 1 161 ? 12.147  6.628   -9.588  1.00 24.25 ? 161 ALA A C   1 
ATOM   1241 O O   . ALA A 1 161 ? 12.676  7.482   -8.881  1.00 24.16 ? 161 ALA A O   1 
ATOM   1242 C CB  . ALA A 1 161 ? 10.193  7.342   -10.987 1.00 24.65 ? 161 ALA A CB  1 
ATOM   1243 N N   . VAL A 1 162 ? 11.960  5.379   -9.182  1.00 23.29 ? 162 VAL A N   1 
ATOM   1244 C CA  . VAL A 1 162 ? 12.339  4.936   -7.844  1.00 23.27 ? 162 VAL A CA  1 
ATOM   1245 C C   . VAL A 1 162 ? 13.745  4.345   -7.784  1.00 23.53 ? 162 VAL A C   1 
ATOM   1246 O O   . VAL A 1 162 ? 14.399  4.384   -6.736  1.00 22.18 ? 162 VAL A O   1 
ATOM   1247 C CB  . VAL A 1 162 ? 11.330  3.881   -7.322  1.00 23.25 ? 162 VAL A CB  1 
ATOM   1248 C CG1 . VAL A 1 162 ? 11.789  3.318   -5.987  1.00 24.28 ? 162 VAL A CG1 1 
ATOM   1249 C CG2 . VAL A 1 162 ? 9.950   4.515   -7.187  1.00 22.75 ? 162 VAL A CG2 1 
ATOM   1250 N N   . GLY A 1 163 ? 14.207  3.798   -8.906  1.00 22.03 ? 163 GLY A N   1 
ATOM   1251 C CA  . GLY A 1 163 ? 15.528  3.199   -8.938  1.00 21.59 ? 163 GLY A CA  1 
ATOM   1252 C C   . GLY A 1 163 ? 15.552  1.722   -8.557  1.00 21.02 ? 163 GLY A C   1 
ATOM   1253 O O   . GLY A 1 163 ? 16.618  1.172   -8.309  1.00 20.78 ? 163 GLY A O   1 
ATOM   1254 N N   . ALA A 1 164 ? 14.388  1.080   -8.502  1.00 20.30 ? 164 ALA A N   1 
ATOM   1255 C CA  . ALA A 1 164 ? 14.311  -0.337  -8.155  1.00 19.51 ? 164 ALA A CA  1 
ATOM   1256 C C   . ALA A 1 164 ? 13.046  -0.961  -8.720  1.00 19.45 ? 164 ALA A C   1 
ATOM   1257 O O   . ALA A 1 164 ? 12.018  -0.292  -8.867  1.00 19.97 ? 164 ALA A O   1 
ATOM   1258 C CB  . ALA A 1 164 ? 14.351  -0.520  -6.627  1.00 21.02 ? 164 ALA A CB  1 
ATOM   1259 N N   . ARG A 1 165 ? 13.126  -2.248  -9.026  1.00 18.52 ? 165 ARG A N   1 
ATOM   1260 C CA  . ARG A 1 165 ? 12.004  -2.984  -9.585  1.00 19.02 ? 165 ARG A CA  1 
ATOM   1261 C C   . ARG A 1 165 ? 10.866  -3.272  -8.594  1.00 18.11 ? 165 ARG A C   1 
ATOM   1262 O O   . ARG A 1 165 ? 11.088  -3.851  -7.536  1.00 18.83 ? 165 ARG A O   1 
ATOM   1263 C CB  . ARG A 1 165 ? 12.507  -4.310  -10.164 1.00 20.54 ? 165 ARG A CB  1 
ATOM   1264 C CG  . ARG A 1 165 ? 11.397  -5.216  -10.689 1.00 23.76 ? 165 ARG A CG  1 
ATOM   1265 C CD  . ARG A 1 165 ? 11.970  -6.446  -11.392 1.00 27.56 ? 165 ARG A CD  1 
ATOM   1266 N NE  . ARG A 1 165 ? 12.653  -7.317  -10.446 1.00 31.43 ? 165 ARG A NE  1 
ATOM   1267 C CZ  . ARG A 1 165 ? 13.901  -7.749  -10.590 1.00 33.25 ? 165 ARG A CZ  1 
ATOM   1268 N NH1 . ARG A 1 165 ? 14.613  -7.392  -11.653 1.00 35.57 ? 165 ARG A NH1 1 
ATOM   1269 N NH2 . ARG A 1 165 ? 14.442  -8.522  -9.659  1.00 32.21 ? 165 ARG A NH2 1 
ATOM   1270 N N   . PRO A 1 166 ? 9.628   -2.885  -8.937  1.00 17.92 ? 166 PRO A N   1 
ATOM   1271 C CA  . PRO A 1 166 ? 8.492   -3.137  -8.040  1.00 17.49 ? 166 PRO A CA  1 
ATOM   1272 C C   . PRO A 1 166 ? 7.883   -4.507  -8.337  1.00 18.71 ? 166 PRO A C   1 
ATOM   1273 O O   . PRO A 1 166 ? 8.266   -5.172  -9.288  1.00 19.57 ? 166 PRO A O   1 
ATOM   1274 C CB  . PRO A 1 166 ? 7.518   -2.036  -8.412  1.00 17.17 ? 166 PRO A CB  1 
ATOM   1275 C CG  . PRO A 1 166 ? 7.667   -2.013  -9.911  1.00 18.33 ? 166 PRO A CG  1 
ATOM   1276 C CD  . PRO A 1 166 ? 9.195   -2.097  -10.107 1.00 17.02 ? 166 PRO A CD  1 
ATOM   1277 N N   . LYS A 1 167 ? 6.912   -4.894  -7.525  1.00 20.60 ? 167 LYS A N   1 
ATOM   1278 C CA  . LYS A 1 167 ? 6.199   -6.147  -7.683  1.00 21.76 ? 167 LYS A CA  1 
ATOM   1279 C C   . LYS A 1 167 ? 4.734   -5.786  -7.978  1.00 21.72 ? 167 LYS A C   1 
ATOM   1280 O O   . LYS A 1 167 ? 4.086   -5.111  -7.185  1.00 21.48 ? 167 LYS A O   1 
ATOM   1281 C CB  . LYS A 1 167 ? 6.320   -6.959  -6.388  1.00 24.70 ? 167 LYS A CB  1 
ATOM   1282 C CG  . LYS A 1 167 ? 5.544   -8.260  -6.376  1.00 28.03 ? 167 LYS A CG  1 
ATOM   1283 C CD  . LYS A 1 167 ? 6.089   -9.229  -5.327  1.00 31.73 ? 167 LYS A CD  1 
ATOM   1284 C CE  . LYS A 1 167 ? 6.133   -8.611  -3.936  1.00 34.08 ? 167 LYS A CE  1 
ATOM   1285 N NZ  . LYS A 1 167 ? 6.567   -9.590  -2.892  1.00 36.84 ? 167 LYS A NZ  1 
ATOM   1286 N N   . LEU A 1 168 ? 4.223   -6.205  -9.132  1.00 22.21 ? 168 LEU A N   1 
ATOM   1287 C CA  . LEU A 1 168 ? 2.840   -5.914  -9.504  1.00 23.66 ? 168 LEU A CA  1 
ATOM   1288 C C   . LEU A 1 168 ? 1.970   -7.150  -9.361  1.00 24.27 ? 168 LEU A C   1 
ATOM   1289 O O   . LEU A 1 168 ? 2.410   -8.268  -9.644  1.00 25.45 ? 168 LEU A O   1 
ATOM   1290 C CB  . LEU A 1 168 ? 2.750   -5.425  -10.947 1.00 25.03 ? 168 LEU A CB  1 
ATOM   1291 C CG  . LEU A 1 168 ? 2.889   -3.936  -11.274 1.00 27.55 ? 168 LEU A CG  1 
ATOM   1292 C CD1 . LEU A 1 168 ? 1.655   -3.192  -10.783 1.00 28.56 ? 168 LEU A CD1 1 
ATOM   1293 C CD2 . LEU A 1 168 ? 4.159   -3.378  -10.661 1.00 27.03 ? 168 LEU A CD2 1 
ATOM   1294 N N   . ARG A 1 169 ? 0.736   -6.942  -8.918  1.00 23.95 ? 169 ARG A N   1 
ATOM   1295 C CA  . ARG A 1 169 ? -0.215  -8.024  -8.744  1.00 24.84 ? 169 ARG A CA  1 
ATOM   1296 C C   . ARG A 1 169 ? -1.551  -7.591  -9.356  1.00 24.04 ? 169 ARG A C   1 
ATOM   1297 O O   . ARG A 1 169 ? -2.062  -6.515  -9.046  1.00 23.33 ? 169 ARG A O   1 
ATOM   1298 C CB  . ARG A 1 169 ? -0.374  -8.333  -7.261  1.00 27.83 ? 169 ARG A CB  1 
ATOM   1299 C CG  . ARG A 1 169 ? -0.993  -9.692  -6.987  1.00 35.52 ? 169 ARG A CG  1 
ATOM   1300 C CD  . ARG A 1 169 ? -0.236  -10.402 -5.861  1.00 39.82 ? 169 ARG A CD  1 
ATOM   1301 N NE  . ARG A 1 169 ? -0.633  -11.798 -5.727  1.00 43.52 ? 169 ARG A NE  1 
ATOM   1302 C CZ  . ARG A 1 169 ? -0.057  -12.662 -4.897  1.00 45.84 ? 169 ARG A CZ  1 
ATOM   1303 N NH1 . ARG A 1 169 ? 0.947   -12.273 -4.118  1.00 46.20 ? 169 ARG A NH1 1 
ATOM   1304 N NH2 . ARG A 1 169 ? -0.483  -13.919 -4.851  1.00 47.66 ? 169 ARG A NH2 1 
ATOM   1305 N N   . CYS A 1 170 ? -2.090  -8.428  -10.238 1.00 23.25 ? 170 CYS A N   1 
ATOM   1306 C CA  . CYS A 1 170 ? -3.351  -8.164  -10.935 1.00 22.36 ? 170 CYS A CA  1 
ATOM   1307 C C   . CYS A 1 170 ? -4.405  -9.202  -10.568 1.00 22.81 ? 170 CYS A C   1 
ATOM   1308 O O   . CYS A 1 170 ? -4.069  -10.279 -10.086 1.00 22.26 ? 170 CYS A O   1 
ATOM   1309 C CB  . CYS A 1 170 ? -3.146  -8.236  -12.456 1.00 21.90 ? 170 CYS A CB  1 
ATOM   1310 S SG  . CYS A 1 170 ? -2.207  -6.857  -13.178 1.00 23.27 ? 170 CYS A SG  1 
ATOM   1311 N N   . ASP A 1 171 ? -5.680  -8.880  -10.778 1.00 22.34 ? 171 ASP A N   1 
ATOM   1312 C CA  . ASP A 1 171 ? -6.702  -9.879  -10.520 1.00 23.66 ? 171 ASP A CA  1 
ATOM   1313 C C   . ASP A 1 171 ? -6.739  -10.723 -11.805 1.00 23.36 ? 171 ASP A C   1 
ATOM   1314 O O   . ASP A 1 171 ? -5.913  -10.525 -12.699 1.00 23.35 ? 171 ASP A O   1 
ATOM   1315 C CB  . ASP A 1 171 ? -8.075  -9.251  -10.207 1.00 23.10 ? 171 ASP A CB  1 
ATOM   1316 C CG  . ASP A 1 171 ? -8.571  -8.312  -11.291 1.00 24.38 ? 171 ASP A CG  1 
ATOM   1317 O OD1 . ASP A 1 171 ? -8.137  -8.416  -12.456 1.00 22.27 ? 171 ASP A OD1 1 
ATOM   1318 O OD2 . ASP A 1 171 ? -9.428  -7.468  -10.963 1.00 26.01 ? 171 ASP A OD2 1 
ATOM   1319 N N   . GLU A 1 172 ? -7.678  -11.653 -11.907 1.00 23.65 ? 172 GLU A N   1 
ATOM   1320 C CA  . GLU A 1 172 ? -7.735  -12.519 -13.083 1.00 24.26 ? 172 GLU A CA  1 
ATOM   1321 C C   . GLU A 1 172 ? -8.320  -11.913 -14.360 1.00 23.77 ? 172 GLU A C   1 
ATOM   1322 O O   . GLU A 1 172 ? -8.239  -12.519 -15.432 1.00 23.25 ? 172 GLU A O   1 
ATOM   1323 C CB  . GLU A 1 172 ? -8.446  -13.823 -12.711 1.00 25.68 ? 172 GLU A CB  1 
ATOM   1324 C CG  . GLU A 1 172 ? -7.642  -14.634 -11.693 1.00 26.75 ? 172 GLU A CG  1 
ATOM   1325 C CD  . GLU A 1 172 ? -8.249  -15.989 -11.383 1.00 29.09 ? 172 GLU A CD  1 
ATOM   1326 O OE1 . GLU A 1 172 ? -9.007  -16.513 -12.223 1.00 28.79 ? 172 GLU A OE1 1 
ATOM   1327 O OE2 . GLU A 1 172 ? -7.949  -16.537 -10.305 1.00 29.22 ? 172 GLU A OE2 1 
ATOM   1328 N N   . GLU A 1 173 ? -8.893  -10.719 -14.254 1.00 23.72 ? 173 GLU A N   1 
ATOM   1329 C CA  . GLU A 1 173 ? -9.443  -10.039 -15.419 1.00 24.67 ? 173 GLU A CA  1 
ATOM   1330 C C   . GLU A 1 173 ? -8.425  -9.038  -15.972 1.00 23.26 ? 173 GLU A C   1 
ATOM   1331 O O   . GLU A 1 173 ? -8.725  -8.268  -16.888 1.00 21.87 ? 173 GLU A O   1 
ATOM   1332 C CB  . GLU A 1 173 ? -10.728 -9.296  -15.065 1.00 27.68 ? 173 GLU A CB  1 
ATOM   1333 C CG  . GLU A 1 173 ? -11.900 -10.202 -14.751 1.00 33.83 ? 173 GLU A CG  1 
ATOM   1334 C CD  . GLU A 1 173 ? -12.063 -10.461 -13.266 1.00 36.74 ? 173 GLU A CD  1 
ATOM   1335 O OE1 . GLU A 1 173 ? -11.072 -10.828 -12.594 1.00 38.79 ? 173 GLU A OE1 1 
ATOM   1336 O OE2 . GLU A 1 173 ? -13.197 -10.302 -12.774 1.00 39.13 ? 173 GLU A OE2 1 
ATOM   1337 N N   . GLY A 1 174 ? -7.226  -9.049  -15.402 1.00 22.35 ? 174 GLY A N   1 
ATOM   1338 C CA  . GLY A 1 174 ? -6.183  -8.146  -15.850 1.00 22.89 ? 174 GLY A CA  1 
ATOM   1339 C C   . GLY A 1 174 ? -6.181  -6.755  -15.222 1.00 23.43 ? 174 GLY A C   1 
ATOM   1340 O O   . GLY A 1 174 ? -5.598  -5.827  -15.787 1.00 24.00 ? 174 GLY A O   1 
ATOM   1341 N N   . LEU A 1 175 ? -6.836  -6.589  -14.078 1.00 22.65 ? 175 LEU A N   1 
ATOM   1342 C CA  . LEU A 1 175 ? -6.852  -5.290  -13.410 1.00 23.39 ? 175 LEU A CA  1 
ATOM   1343 C C   . LEU A 1 175 ? -5.740  -5.249  -12.382 1.00 22.24 ? 175 LEU A C   1 
ATOM   1344 O O   . LEU A 1 175 ? -5.531  -6.212  -11.646 1.00 20.71 ? 175 LEU A O   1 
ATOM   1345 C CB  . LEU A 1 175 ? -8.193  -5.033  -12.711 1.00 23.24 ? 175 LEU A CB  1 
ATOM   1346 C CG  . LEU A 1 175 ? -9.343  -4.456  -13.552 1.00 26.74 ? 175 LEU A CG  1 
ATOM   1347 C CD1 . LEU A 1 175 ? -9.665  -5.378  -14.722 1.00 27.35 ? 175 LEU A CD1 1 
ATOM   1348 C CD2 . LEU A 1 175 ? -10.577 -4.275  -12.674 1.00 26.23 ? 175 LEU A CD2 1 
ATOM   1349 N N   . VAL A 1 176 ? -5.018  -4.134  -12.348 1.00 22.86 ? 176 VAL A N   1 
ATOM   1350 C CA  . VAL A 1 176 ? -3.934  -3.953  -11.390 1.00 21.96 ? 176 VAL A CA  1 
ATOM   1351 C C   . VAL A 1 176 ? -4.550  -3.791  -10.004 1.00 22.32 ? 176 VAL A C   1 
ATOM   1352 O O   . VAL A 1 176 ? -5.423  -2.944  -9.797  1.00 21.86 ? 176 VAL A O   1 
ATOM   1353 C CB  . VAL A 1 176 ? -3.102  -2.690  -11.712 1.00 22.46 ? 176 VAL A CB  1 
ATOM   1354 C CG1 . VAL A 1 176 ? -2.127  -2.407  -10.572 1.00 22.03 ? 176 VAL A CG1 1 
ATOM   1355 C CG2 . VAL A 1 176 ? -2.345  -2.879  -13.025 1.00 21.52 ? 176 VAL A CG2 1 
ATOM   1356 N N   . GLN A 1 177 ? -4.111  -4.609  -9.056  1.00 21.98 ? 177 GLN A N   1 
ATOM   1357 C CA  . GLN A 1 177 ? -4.644  -4.516  -7.706  1.00 23.08 ? 177 GLN A CA  1 
ATOM   1358 C C   . GLN A 1 177 ? -3.673  -3.878  -6.741  1.00 21.89 ? 177 GLN A C   1 
ATOM   1359 O O   . GLN A 1 177 ? -4.042  -3.000  -5.970  1.00 22.78 ? 177 GLN A O   1 
ATOM   1360 C CB  . GLN A 1 177 ? -5.001  -5.893  -7.142  1.00 23.55 ? 177 GLN A CB  1 
ATOM   1361 C CG  . GLN A 1 177 ? -6.177  -6.575  -7.782  1.00 28.58 ? 177 GLN A CG  1 
ATOM   1362 C CD  . GLN A 1 177 ? -6.465  -7.918  -7.132  1.00 29.90 ? 177 GLN A CD  1 
ATOM   1363 O OE1 . GLN A 1 177 ? -5.569  -8.749  -6.970  1.00 30.79 ? 177 GLN A OE1 1 
ATOM   1364 N NE2 . GLN A 1 177 ? -7.718  -8.135  -6.760  1.00 32.13 ? 177 GLN A NE2 1 
ATOM   1365 N N   . LYS A 1 178 ? -2.432  -4.340  -6.781  1.00 21.95 ? 178 LYS A N   1 
ATOM   1366 C CA  . LYS A 1 178 ? -1.423  -3.862  -5.860  1.00 23.08 ? 178 LYS A CA  1 
ATOM   1367 C C   . LYS A 1 178 ? -0.066  -3.672  -6.518  1.00 21.71 ? 178 LYS A C   1 
ATOM   1368 O O   . LYS A 1 178 ? 0.259   -4.310  -7.518  1.00 21.15 ? 178 LYS A O   1 
ATOM   1369 C CB  . LYS A 1 178 ? -1.282  -4.870  -4.715  1.00 25.85 ? 178 LYS A CB  1 
ATOM   1370 C CG  . LYS A 1 178 ? -2.614  -5.323  -4.135  1.00 31.92 ? 178 LYS A CG  1 
ATOM   1371 C CD  . LYS A 1 178 ? -2.508  -6.648  -3.368  1.00 35.25 ? 178 LYS A CD  1 
ATOM   1372 C CE  . LYS A 1 178 ? -1.705  -6.517  -2.079  1.00 37.78 ? 178 LYS A CE  1 
ATOM   1373 N NZ  . LYS A 1 178 ? -0.271  -6.224  -2.324  1.00 40.48 ? 178 LYS A NZ  1 
ATOM   1374 N N   . LEU A 1 179 ? 0.723   -2.788  -5.933  1.00 20.61 ? 179 LEU A N   1 
ATOM   1375 C CA  . LEU A 1 179 ? 2.063   -2.517  -6.405  1.00 20.25 ? 179 LEU A CA  1 
ATOM   1376 C C   . LEU A 1 179 ? 2.877   -2.391  -5.135  1.00 19.88 ? 179 LEU A C   1 
ATOM   1377 O O   . LEU A 1 179 ? 2.539   -1.600  -4.254  1.00 19.18 ? 179 LEU A O   1 
ATOM   1378 C CB  . LEU A 1 179 ? 2.110   -1.219  -7.218  1.00 20.88 ? 179 LEU A CB  1 
ATOM   1379 C CG  . LEU A 1 179 ? 3.476   -0.886  -7.833  1.00 22.92 ? 179 LEU A CG  1 
ATOM   1380 C CD1 . LEU A 1 179 ? 3.298   0.095   -8.987  1.00 24.70 ? 179 LEU A CD1 1 
ATOM   1381 C CD2 . LEU A 1 179 ? 4.407   -0.313  -6.767  1.00 21.06 ? 179 LEU A CD2 1 
ATOM   1382 N N   . SER A 1 180 ? 3.937   -3.187  -5.031  1.00 18.15 ? 180 SER A N   1 
ATOM   1383 C CA  . SER A 1 180 ? 4.780   -3.160  -3.851  1.00 18.93 ? 180 SER A CA  1 
ATOM   1384 C C   . SER A 1 180 ? 6.206   -2.730  -4.151  1.00 18.31 ? 180 SER A C   1 
ATOM   1385 O O   . SER A 1 180 ? 6.753   -3.062  -5.203  1.00 19.04 ? 180 SER A O   1 
ATOM   1386 C CB  . SER A 1 180 ? 4.809   -4.545  -3.202  1.00 17.66 ? 180 SER A CB  1 
ATOM   1387 O OG  . SER A 1 180 ? 3.495   -5.002  -2.919  1.00 20.58 ? 180 SER A OG  1 
ATOM   1388 N N   . LEU A 1 181 ? 6.796   -1.983  -3.225  1.00 17.69 ? 181 LEU A N   1 
ATOM   1389 C CA  . LEU A 1 181 ? 8.179   -1.549  -3.360  1.00 18.81 ? 181 LEU A CA  1 
ATOM   1390 C C   . LEU A 1 181 ? 8.957   -2.214  -2.230  1.00 17.58 ? 181 LEU A C   1 
ATOM   1391 O O   . LEU A 1 181 ? 8.440   -2.396  -1.123  1.00 16.33 ? 181 LEU A O   1 
ATOM   1392 C CB  . LEU A 1 181 ? 8.310   -0.021  -3.252  1.00 18.06 ? 181 LEU A CB  1 
ATOM   1393 C CG  . LEU A 1 181 ? 7.632   0.852   -4.314  1.00 19.31 ? 181 LEU A CG  1 
ATOM   1394 C CD1 . LEU A 1 181 ? 7.840   2.318   -3.970  1.00 22.38 ? 181 LEU A CD1 1 
ATOM   1395 C CD2 . LEU A 1 181 ? 8.196   0.545   -5.685  1.00 21.49 ? 181 LEU A CD2 1 
ATOM   1396 N N   . CYS A 1 182 ? 10.197  -2.584  -2.508  1.00 17.22 ? 182 CYS A N   1 
ATOM   1397 C CA  . CYS A 1 182 ? 11.023  -3.229  -1.502  1.00 17.82 ? 182 CYS A CA  1 
ATOM   1398 C C   . CYS A 1 182 ? 12.143  -2.282  -1.059  1.00 18.00 ? 182 CYS A C   1 
ATOM   1399 O O   . CYS A 1 182 ? 12.629  -1.474  -1.852  1.00 19.42 ? 182 CYS A O   1 
ATOM   1400 C CB  . CYS A 1 182 ? 11.547  -4.558  -2.070  1.00 17.66 ? 182 CYS A CB  1 
ATOM   1401 S SG  . CYS A 1 182 ? 10.136  -5.673  -2.418  1.00 22.37 ? 182 CYS A SG  1 
ATOM   1402 N N   . PHE A 1 183 ? 12.513  -2.355  0.216   1.00 18.72 ? 183 PHE A N   1 
ATOM   1403 C CA  . PHE A 1 183 ? 13.560  -1.494  0.779   1.00 19.89 ? 183 PHE A CA  1 
ATOM   1404 C C   . PHE A 1 183 ? 14.452  -2.273  1.751   1.00 21.43 ? 183 PHE A C   1 
ATOM   1405 O O   . PHE A 1 183 ? 13.995  -3.239  2.370   1.00 21.07 ? 183 PHE A O   1 
ATOM   1406 C CB  . PHE A 1 183 ? 12.937  -0.325  1.567   1.00 18.81 ? 183 PHE A CB  1 
ATOM   1407 C CG  . PHE A 1 183 ? 12.031  0.560   0.758   1.00 18.27 ? 183 PHE A CG  1 
ATOM   1408 C CD1 . PHE A 1 183 ? 10.685  0.246   0.602   1.00 17.71 ? 183 PHE A CD1 1 
ATOM   1409 C CD2 . PHE A 1 183 ? 12.522  1.721   0.167   1.00 17.13 ? 183 PHE A CD2 1 
ATOM   1410 C CE1 . PHE A 1 183 ? 9.833   1.078   -0.129  1.00 16.43 ? 183 PHE A CE1 1 
ATOM   1411 C CE2 . PHE A 1 183 ? 11.686  2.559   -0.566  1.00 17.57 ? 183 PHE A CE2 1 
ATOM   1412 C CZ  . PHE A 1 183 ? 10.337  2.239   -0.713  1.00 18.37 ? 183 PHE A CZ  1 
ATOM   1413 N N   . ASP A 1 184 ? 15.710  -1.857  1.905   1.00 22.48 ? 184 ASP A N   1 
ATOM   1414 C CA  . ASP A 1 184 ? 16.574  -2.539  2.868   1.00 25.04 ? 184 ASP A CA  1 
ATOM   1415 C C   . ASP A 1 184 ? 16.400  -1.895  4.247   1.00 26.09 ? 184 ASP A C   1 
ATOM   1416 O O   . ASP A 1 184 ? 15.588  -0.981  4.404   1.00 24.89 ? 184 ASP A O   1 
ATOM   1417 C CB  . ASP A 1 184 ? 18.055  -2.521  2.447   1.00 25.21 ? 184 ASP A CB  1 
ATOM   1418 C CG  . ASP A 1 184 ? 18.609  -1.130  2.249   1.00 25.68 ? 184 ASP A CG  1 
ATOM   1419 O OD1 . ASP A 1 184 ? 18.169  -0.176  2.918   1.00 26.65 ? 184 ASP A OD1 1 
ATOM   1420 O OD2 . ASP A 1 184 ? 19.521  -0.996  1.415   1.00 29.04 ? 184 ASP A OD2 1 
ATOM   1421 N N   . LYS A 1 185 ? 17.139  -2.383  5.241   1.00 27.49 ? 185 LYS A N   1 
ATOM   1422 C CA  . LYS A 1 185 ? 17.038  -1.853  6.601   1.00 28.95 ? 185 LYS A CA  1 
ATOM   1423 C C   . LYS A 1 185 ? 17.315  -0.359  6.663   1.00 29.35 ? 185 LYS A C   1 
ATOM   1424 O O   . LYS A 1 185 ? 16.844  0.316   7.572   1.00 30.41 ? 185 LYS A O   1 
ATOM   1425 C CB  . LYS A 1 185 ? 18.010  -2.564  7.542   1.00 31.14 ? 185 LYS A CB  1 
ATOM   1426 C CG  . LYS A 1 185 ? 17.827  -4.065  7.650   1.00 34.51 ? 185 LYS A CG  1 
ATOM   1427 C CD  . LYS A 1 185 ? 16.521  -4.429  8.309   1.00 35.94 ? 185 LYS A CD  1 
ATOM   1428 C CE  . LYS A 1 185 ? 16.415  -5.935  8.509   1.00 38.24 ? 185 LYS A CE  1 
ATOM   1429 N NZ  . LYS A 1 185 ? 17.413  -6.467  9.481   1.00 40.37 ? 185 LYS A NZ  1 
ATOM   1430 N N   . ASP A 1 186 ? 18.093  0.152   5.713   1.00 29.60 ? 186 ASP A N   1 
ATOM   1431 C CA  . ASP A 1 186 ? 18.409  1.579   5.672   1.00 30.71 ? 186 ASP A CA  1 
ATOM   1432 C C   . ASP A 1 186 ? 17.374  2.346   4.846   1.00 30.01 ? 186 ASP A C   1 
ATOM   1433 O O   . ASP A 1 186 ? 17.553  3.517   4.526   1.00 29.73 ? 186 ASP A O   1 
ATOM   1434 C CB  . ASP A 1 186 ? 19.811  1.808   5.092   1.00 33.65 ? 186 ASP A CB  1 
ATOM   1435 C CG  . ASP A 1 186 ? 20.918  1.488   6.085   1.00 37.03 ? 186 ASP A CG  1 
ATOM   1436 O OD1 . ASP A 1 186 ? 22.103  1.631   5.719   1.00 40.84 ? 186 ASP A OD1 1 
ATOM   1437 O OD2 . ASP A 1 186 ? 20.609  1.098   7.233   1.00 38.13 ? 186 ASP A OD2 1 
ATOM   1438 N N   . PHE A 1 187 ? 16.294  1.664   4.496   1.00 29.19 ? 187 PHE A N   1 
ATOM   1439 C CA  . PHE A 1 187 ? 15.219  2.271   3.734   1.00 28.57 ? 187 PHE A CA  1 
ATOM   1440 C C   . PHE A 1 187 ? 15.610  2.766   2.356   1.00 27.87 ? 187 PHE A C   1 
ATOM   1441 O O   . PHE A 1 187 ? 15.057  3.739   1.863   1.00 28.01 ? 187 PHE A O   1 
ATOM   1442 C CB  . PHE A 1 187 ? 14.583  3.389   4.557   1.00 29.55 ? 187 PHE A CB  1 
ATOM   1443 C CG  . PHE A 1 187 ? 13.900  2.891   5.796   1.00 31.27 ? 187 PHE A CG  1 
ATOM   1444 C CD1 . PHE A 1 187 ? 12.700  2.191   5.708   1.00 31.47 ? 187 PHE A CD1 1 
ATOM   1445 C CD2 . PHE A 1 187 ? 14.488  3.052   7.044   1.00 32.58 ? 187 PHE A CD2 1 
ATOM   1446 C CE1 . PHE A 1 187 ? 12.099  1.653   6.848   1.00 33.52 ? 187 PHE A CE1 1 
ATOM   1447 C CE2 . PHE A 1 187 ? 13.895  2.519   8.192   1.00 33.40 ? 187 PHE A CE2 1 
ATOM   1448 C CZ  . PHE A 1 187 ? 12.699  1.817   8.093   1.00 33.32 ? 187 PHE A CZ  1 
ATOM   1449 N N   . LYS A 1 188 ? 16.584  2.107   1.745   1.00 26.61 ? 188 LYS A N   1 
ATOM   1450 C CA  . LYS A 1 188 ? 16.974  2.451   0.387   1.00 26.22 ? 188 LYS A CA  1 
ATOM   1451 C C   . LYS A 1 188 ? 16.264  1.432   -0.500  1.00 24.69 ? 188 LYS A C   1 
ATOM   1452 O O   . LYS A 1 188 ? 16.131  0.263   -0.129  1.00 24.11 ? 188 LYS A O   1 
ATOM   1453 C CB  . LYS A 1 188 ? 18.490  2.343   0.194   1.00 28.37 ? 188 LYS A CB  1 
ATOM   1454 C CG  . LYS A 1 188 ? 19.252  3.612   0.551   1.00 34.36 ? 188 LYS A CG  1 
ATOM   1455 C CD  . LYS A 1 188 ? 19.046  4.013   2.005   1.00 38.11 ? 188 LYS A CD  1 
ATOM   1456 C CE  . LYS A 1 188 ? 19.665  5.382   2.291   1.00 41.65 ? 188 LYS A CE  1 
ATOM   1457 N NZ  . LYS A 1 188 ? 19.503  5.790   3.717   1.00 42.55 ? 188 LYS A NZ  1 
ATOM   1458 N N   . PRO A 1 189 ? 15.791  1.861   -1.677  1.00 23.62 ? 189 PRO A N   1 
ATOM   1459 C CA  . PRO A 1 189 ? 15.094  0.949   -2.591  1.00 23.33 ? 189 PRO A CA  1 
ATOM   1460 C C   . PRO A 1 189 ? 15.931  -0.245  -3.042  1.00 22.69 ? 189 PRO A C   1 
ATOM   1461 O O   . PRO A 1 189 ? 17.137  -0.139  -3.253  1.00 20.15 ? 189 PRO A O   1 
ATOM   1462 C CB  . PRO A 1 189 ? 14.705  1.859   -3.758  1.00 23.39 ? 189 PRO A CB  1 
ATOM   1463 C CG  . PRO A 1 189 ? 14.511  3.200   -3.076  1.00 23.47 ? 189 PRO A CG  1 
ATOM   1464 C CD  . PRO A 1 189 ? 15.707  3.252   -2.157  1.00 22.63 ? 189 PRO A CD  1 
ATOM   1465 N N   . ARG A 1 190 ? 15.260  -1.379  -3.192  1.00 22.20 ? 190 ARG A N   1 
ATOM   1466 C CA  . ARG A 1 190 ? 15.880  -2.623  -3.621  1.00 22.18 ? 190 ARG A CA  1 
ATOM   1467 C C   . ARG A 1 190 ? 14.899  -3.345  -4.536  1.00 21.59 ? 190 ARG A C   1 
ATOM   1468 O O   . ARG A 1 190 ? 13.689  -3.303  -4.308  1.00 21.39 ? 190 ARG A O   1 
ATOM   1469 C CB  . ARG A 1 190 ? 16.177  -3.502  -2.399  1.00 23.80 ? 190 ARG A CB  1 
ATOM   1470 C CG  . ARG A 1 190 ? 17.355  -3.031  -1.578  1.00 26.21 ? 190 ARG A CG  1 
ATOM   1471 C CD  . ARG A 1 190 ? 18.655  -3.274  -2.334  1.00 28.71 ? 190 ARG A CD  1 
ATOM   1472 N NE  . ARG A 1 190 ? 19.827  -2.810  -1.602  1.00 31.99 ? 190 ARG A NE  1 
ATOM   1473 C CZ  . ARG A 1 190 ? 20.230  -1.546  -1.562  1.00 34.62 ? 190 ARG A CZ  1 
ATOM   1474 N NH1 . ARG A 1 190 ? 19.554  -0.615  -2.217  1.00 37.53 ? 190 ARG A NH1 1 
ATOM   1475 N NH2 . ARG A 1 190 ? 21.309  -1.211  -0.863  1.00 36.41 ? 190 ARG A NH2 1 
ATOM   1476 N N   . ASP A 1 191 ? 15.402  -4.007  -5.569  1.00 21.56 ? 191 ASP A N   1 
ATOM   1477 C CA  . ASP A 1 191 ? 14.510  -4.730  -6.465  1.00 23.17 ? 191 ASP A CA  1 
ATOM   1478 C C   . ASP A 1 191 ? 13.717  -5.750  -5.657  1.00 24.56 ? 191 ASP A C   1 
ATOM   1479 O O   . ASP A 1 191 ? 14.261  -6.401  -4.763  1.00 23.11 ? 191 ASP A O   1 
ATOM   1480 C CB  . ASP A 1 191 ? 15.279  -5.510  -7.535  1.00 24.48 ? 191 ASP A CB  1 
ATOM   1481 C CG  . ASP A 1 191 ? 16.076  -4.625  -8.462  1.00 26.77 ? 191 ASP A CG  1 
ATOM   1482 O OD1 . ASP A 1 191 ? 15.596  -3.541  -8.849  1.00 26.38 ? 191 ASP A OD1 1 
ATOM   1483 O OD2 . ASP A 1 191 ? 17.195  -5.039  -8.821  1.00 31.18 ? 191 ASP A OD2 1 
ATOM   1484 N N   . CYS A 1 192 ? 12.435  -5.888  -5.974  1.00 24.10 ? 192 CYS A N   1 
ATOM   1485 C CA  . CYS A 1 192 ? 11.604  -6.879  -5.313  1.00 25.45 ? 192 CYS A CA  1 
ATOM   1486 C C   . CYS A 1 192 ? 11.771  -8.176  -6.111  1.00 27.33 ? 192 CYS A C   1 
ATOM   1487 O O   . CYS A 1 192 ? 12.153  -8.150  -7.287  1.00 26.27 ? 192 CYS A O   1 
ATOM   1488 C CB  . CYS A 1 192 ? 10.131  -6.489  -5.365  1.00 22.97 ? 192 CYS A CB  1 
ATOM   1489 S SG  . CYS A 1 192 ? 9.517   -5.154  -4.289  1.00 18.99 ? 192 CYS A SG  1 
ATOM   1490 N N   . VAL A 1 193 ? 11.475  -9.305  -5.480  1.00 31.21 ? 193 VAL A N   1 
ATOM   1491 C CA  . VAL A 1 193 ? 11.573  -10.594 -6.160  1.00 34.89 ? 193 VAL A CA  1 
ATOM   1492 C C   . VAL A 1 193 ? 10.559  -10.636 -7.302  1.00 36.44 ? 193 VAL A C   1 
ATOM   1493 O O   . VAL A 1 193 ? 9.418   -10.204 -7.142  1.00 36.34 ? 193 VAL A O   1 
ATOM   1494 C CB  . VAL A 1 193 ? 11.290  -11.763 -5.187  1.00 35.44 ? 193 VAL A CB  1 
ATOM   1495 C CG1 . VAL A 1 193 ? 11.145  -13.066 -5.960  1.00 37.86 ? 193 VAL A CG1 1 
ATOM   1496 C CG2 . VAL A 1 193 ? 12.424  -11.880 -4.173  1.00 35.70 ? 193 VAL A CG2 1 
ATOM   1497 N N   . GLN A 1 194 ? 10.984  -11.153 -8.451  1.00 39.34 ? 194 GLN A N   1 
ATOM   1498 C CA  . GLN A 1 194 ? 10.122  -11.257 -9.628  1.00 41.73 ? 194 GLN A CA  1 
ATOM   1499 C C   . GLN A 1 194 ? 8.914   -12.149 -9.351  1.00 41.66 ? 194 GLN A C   1 
ATOM   1500 O O   . GLN A 1 194 ? 9.026   -13.152 -8.648  1.00 41.91 ? 194 GLN A O   1 
ATOM   1501 C CB  . GLN A 1 194 ? 10.904  -11.842 -10.805 1.00 43.90 ? 194 GLN A CB  1 
ATOM   1502 C CG  . GLN A 1 194 ? 10.197  -11.684 -12.142 1.00 47.89 ? 194 GLN A CG  1 
ATOM   1503 C CD  . GLN A 1 194 ? 10.391  -10.298 -12.736 1.00 49.88 ? 194 GLN A CD  1 
ATOM   1504 O OE1 . GLN A 1 194 ? 9.648   -9.874  -13.627 1.00 51.50 ? 194 GLN A OE1 1 
ATOM   1505 N NE2 . GLN A 1 194 ? 11.405  -9.589  -12.253 1.00 51.87 ? 194 GLN A NE2 1 
ATOM   1506 N N   . VAL A 1 195 ? 7.764   -11.784 -9.907  1.00 41.12 ? 195 VAL A N   1 
ATOM   1507 C CA  . VAL A 1 195 ? 6.545   -12.567 -9.724  1.00 41.55 ? 195 VAL A CA  1 
ATOM   1508 C C   . VAL A 1 195 ? 5.706   -12.589 -11.005 1.00 41.44 ? 195 VAL A C   1 
ATOM   1509 O O   . VAL A 1 195 ? 5.744   -11.654 -11.803 1.00 41.91 ? 195 VAL A O   1 
ATOM   1510 C CB  . VAL A 1 195 ? 5.667   -11.992 -8.591  1.00 42.17 ? 195 VAL A CB  1 
ATOM   1511 C CG1 . VAL A 1 195 ? 5.099   -10.634 -9.007  1.00 42.51 ? 195 VAL A CG1 1 
ATOM   1512 C CG2 . VAL A 1 195 ? 4.542   -12.955 -8.268  1.00 42.34 ? 195 VAL A CG2 1 
ATOM   1513 N N   . GLY A 1 196 ? 4.953   -13.665 -11.196 1.00 40.63 ? 196 GLY A N   1 
ATOM   1514 C CA  . GLY A 1 196 ? 4.108   -13.771 -12.370 1.00 39.66 ? 196 GLY A CA  1 
ATOM   1515 C C   . GLY A 1 196 ? 2.659   -13.604 -11.959 1.00 38.15 ? 196 GLY A C   1 
ATOM   1516 O O   . GLY A 1 196 ? 2.096   -14.472 -11.292 1.00 39.04 ? 196 GLY A O   1 
ATOM   1517 N N   . SER A 1 197 ? 2.052   -12.485 -12.331 1.00 35.92 ? 197 SER A N   1 
ATOM   1518 C CA  . SER A 1 197 ? 0.660   -12.250 -11.969 1.00 33.66 ? 197 SER A CA  1 
ATOM   1519 C C   . SER A 1 197 ? -0.114  -11.533 -13.056 1.00 31.88 ? 197 SER A C   1 
ATOM   1520 O O   . SER A 1 197 ? -1.182  -11.974 -13.473 1.00 31.84 ? 197 SER A O   1 
ATOM   1521 C CB  . SER A 1 197 ? 0.574   -11.427 -10.679 1.00 33.46 ? 197 SER A CB  1 
ATOM   1522 O OG  . SER A 1 197 ? -0.759  -10.997 -10.438 1.00 31.08 ? 197 SER A OG  1 
ATOM   1523 N N   . CYS A 1 198 ? 0.437   -10.420 -13.511 1.00 29.19 ? 198 CYS A N   1 
ATOM   1524 C CA  . CYS A 1 198 ? -0.214  -9.615  -14.522 1.00 27.58 ? 198 CYS A CA  1 
ATOM   1525 C C   . CYS A 1 198 ? 0.055   -10.055 -15.951 1.00 27.81 ? 198 CYS A C   1 
ATOM   1526 O O   . CYS A 1 198 ? 1.150   -10.501 -16.274 1.00 27.57 ? 198 CYS A O   1 
ATOM   1527 C CB  . CYS A 1 198 ? 0.219   -8.165  -14.367 1.00 25.64 ? 198 CYS A CB  1 
ATOM   1528 S SG  . CYS A 1 198 ? -0.283  -7.374  -12.812 1.00 22.66 ? 198 CYS A SG  1 
ATOM   1529 N N   . PRO A 1 199 ? -0.956  -9.936  -16.825 1.00 27.13 ? 199 PRO A N   1 
ATOM   1530 C CA  . PRO A 1 199 ? -0.806  -10.314 -18.231 1.00 26.67 ? 199 PRO A CA  1 
ATOM   1531 C C   . PRO A 1 199 ? -0.041  -9.176  -18.913 1.00 26.91 ? 199 PRO A C   1 
ATOM   1532 O O   . PRO A 1 199 ? 0.301   -8.193  -18.253 1.00 26.06 ? 199 PRO A O   1 
ATOM   1533 C CB  . PRO A 1 199 ? -2.245  -10.425 -18.708 1.00 26.03 ? 199 PRO A CB  1 
ATOM   1534 C CG  . PRO A 1 199 ? -2.936  -9.356  -17.905 1.00 25.45 ? 199 PRO A CG  1 
ATOM   1535 C CD  . PRO A 1 199 ? -2.349  -9.553  -16.525 1.00 26.02 ? 199 PRO A CD  1 
ATOM   1536 N N   . ARG A 1 200 ? 0.210   -9.298  -20.215 1.00 27.18 ? 200 ARG A N   1 
ATOM   1537 C CA  . ARG A 1 200 ? 0.959   -8.279  -20.954 1.00 27.74 ? 200 ARG A CA  1 
ATOM   1538 C C   . ARG A 1 200 ? 0.259   -6.923  -20.991 1.00 26.70 ? 200 ARG A C   1 
ATOM   1539 O O   . ARG A 1 200 ? 0.913   -5.886  -21.002 1.00 25.85 ? 200 ARG A O   1 
ATOM   1540 C CB  . ARG A 1 200 ? 1.238   -8.738  -22.394 1.00 28.83 ? 200 ARG A CB  1 
ATOM   1541 C CG  . ARG A 1 200 ? 2.214   -7.820  -23.140 1.00 32.39 ? 200 ARG A CG  1 
ATOM   1542 C CD  . ARG A 1 200 ? 2.414   -8.239  -24.594 1.00 33.25 ? 200 ARG A CD  1 
ATOM   1543 N NE  . ARG A 1 200 ? 2.382   -9.686  -24.718 1.00 36.55 ? 200 ARG A NE  1 
ATOM   1544 C CZ  . ARG A 1 200 ? 3.199   -10.513 -24.073 1.00 39.65 ? 200 ARG A CZ  1 
ATOM   1545 N NH1 . ARG A 1 200 ? 4.132   -10.032 -23.257 1.00 41.01 ? 200 ARG A NH1 1 
ATOM   1546 N NH2 . ARG A 1 200 ? 3.052   -11.825 -24.214 1.00 41.56 ? 200 ARG A NH2 1 
ATOM   1547 N N   . TYR A 1 201 ? -1.065  -6.925  -21.036 1.00 26.23 ? 201 TYR A N   1 
ATOM   1548 C CA  . TYR A 1 201 ? -1.797  -5.667  -21.047 1.00 26.71 ? 201 TYR A CA  1 
ATOM   1549 C C   . TYR A 1 201 ? -2.650  -5.596  -19.789 1.00 25.80 ? 201 TYR A C   1 
ATOM   1550 O O   . TYR A 1 201 ? -3.295  -6.571  -19.413 1.00 25.31 ? 201 TYR A O   1 
ATOM   1551 C CB  . TYR A 1 201 ? -2.655  -5.553  -22.306 1.00 29.20 ? 201 TYR A CB  1 
ATOM   1552 C CG  . TYR A 1 201 ? -1.822  -5.562  -23.567 1.00 32.70 ? 201 TYR A CG  1 
ATOM   1553 C CD1 . TYR A 1 201 ? -1.472  -6.757  -24.186 1.00 34.42 ? 201 TYR A CD1 1 
ATOM   1554 C CD2 . TYR A 1 201 ? -1.331  -4.375  -24.108 1.00 34.82 ? 201 TYR A CD2 1 
ATOM   1555 C CE1 . TYR A 1 201 ? -0.653  -6.775  -25.310 1.00 36.78 ? 201 TYR A CE1 1 
ATOM   1556 C CE2 . TYR A 1 201 ? -0.513  -4.383  -25.228 1.00 36.25 ? 201 TYR A CE2 1 
ATOM   1557 C CZ  . TYR A 1 201 ? -0.179  -5.588  -25.821 1.00 36.69 ? 201 TYR A CZ  1 
ATOM   1558 O OH  . TYR A 1 201 ? 0.643   -5.606  -26.920 1.00 40.83 ? 201 TYR A OH  1 
ATOM   1559 N N   . VAL A 1 202 ? -2.634  -4.445  -19.130 1.00 23.90 ? 202 VAL A N   1 
ATOM   1560 C CA  . VAL A 1 202 ? -3.386  -4.286  -17.901 1.00 22.37 ? 202 VAL A CA  1 
ATOM   1561 C C   . VAL A 1 202 ? -4.233  -3.031  -17.901 1.00 22.59 ? 202 VAL A C   1 
ATOM   1562 O O   . VAL A 1 202 ? -4.075  -2.148  -18.746 1.00 22.06 ? 202 VAL A O   1 
ATOM   1563 C CB  . VAL A 1 202 ? -2.444  -4.255  -16.671 1.00 21.91 ? 202 VAL A CB  1 
ATOM   1564 C CG1 . VAL A 1 202 ? -1.660  -5.557  -16.584 1.00 19.61 ? 202 VAL A CG1 1 
ATOM   1565 C CG2 . VAL A 1 202 ? -1.498  -3.060  -16.759 1.00 19.00 ? 202 VAL A CG2 1 
ATOM   1566 N N   . SER A 1 203 ? -5.150  -2.956  -16.951 1.00 22.91 ? 203 SER A N   1 
ATOM   1567 C CA  . SER A 1 203 ? -6.007  -1.795  -16.869 1.00 24.21 ? 203 SER A CA  1 
ATOM   1568 C C   . SER A 1 203 ? -5.931  -1.156  -15.496 1.00 23.51 ? 203 SER A C   1 
ATOM   1569 O O   . SER A 1 203 ? -5.756  -1.835  -14.485 1.00 22.99 ? 203 SER A O   1 
ATOM   1570 C CB  . SER A 1 203 ? -7.450  -2.178  -17.210 1.00 25.22 ? 203 SER A CB  1 
ATOM   1571 O OG  . SER A 1 203 ? -7.954  -3.132  -16.304 1.00 31.22 ? 203 SER A OG  1 
ATOM   1572 N N   . LEU A 1 204 ? -6.035  0.168   -15.492 1.00 23.20 ? 204 LEU A N   1 
ATOM   1573 C CA  . LEU A 1 204 ? -6.002  0.985   -14.289 1.00 23.23 ? 204 LEU A CA  1 
ATOM   1574 C C   . LEU A 1 204 ? -7.337  1.715   -14.291 1.00 23.21 ? 204 LEU A C   1 
ATOM   1575 O O   . LEU A 1 204 ? -7.420  2.876   -14.678 1.00 22.80 ? 204 LEU A O   1 
ATOM   1576 C CB  . LEU A 1 204 ? -4.850  1.995   -14.365 1.00 22.70 ? 204 LEU A CB  1 
ATOM   1577 C CG  . LEU A 1 204 ? -3.425  1.430   -14.281 1.00 24.31 ? 204 LEU A CG  1 
ATOM   1578 C CD1 . LEU A 1 204 ? -2.409  2.482   -14.713 1.00 24.09 ? 204 LEU A CD1 1 
ATOM   1579 C CD2 . LEU A 1 204 ? -3.142  0.983   -12.862 1.00 22.83 ? 204 LEU A CD2 1 
ATOM   1580 N N   . PRO A 1 205 ? -8.407  1.029   -13.870 1.00 24.84 ? 205 PRO A N   1 
ATOM   1581 C CA  . PRO A 1 205 ? -9.737  1.643   -13.843 1.00 26.10 ? 205 PRO A CA  1 
ATOM   1582 C C   . PRO A 1 205 ? -9.881  2.792   -12.850 1.00 27.90 ? 205 PRO A C   1 
ATOM   1583 O O   . PRO A 1 205 ? -9.172  2.857   -11.838 1.00 25.26 ? 205 PRO A O   1 
ATOM   1584 C CB  . PRO A 1 205 ? -10.650 0.467   -13.505 1.00 25.55 ? 205 PRO A CB  1 
ATOM   1585 C CG  . PRO A 1 205 ? -9.780  -0.381  -12.622 1.00 24.64 ? 205 PRO A CG  1 
ATOM   1586 C CD  . PRO A 1 205 ? -8.447  -0.349  -13.341 1.00 24.76 ? 205 PRO A CD  1 
ATOM   1587 N N   . GLU A 1 206 ? -10.800 3.703   -13.152 1.00 29.67 ? 206 GLU A N   1 
ATOM   1588 C CA  . GLU A 1 206 ? -11.048 4.832   -12.269 1.00 31.77 ? 206 GLU A CA  1 
ATOM   1589 C C   . GLU A 1 206 ? -12.020 4.361   -11.198 1.00 31.96 ? 206 GLU A C   1 
ATOM   1590 O O   . GLU A 1 206 ? -12.676 3.326   -11.352 1.00 30.26 ? 206 GLU A O   1 
ATOM   1591 C CB  . GLU A 1 206 ? -11.690 5.986   -13.036 1.00 34.51 ? 206 GLU A CB  1 
ATOM   1592 C CG  . GLU A 1 206 ? -11.000 6.360   -14.333 1.00 39.02 ? 206 GLU A CG  1 
ATOM   1593 C CD  . GLU A 1 206 ? -11.817 7.353   -15.141 1.00 41.77 ? 206 GLU A CD  1 
ATOM   1594 O OE1 . GLU A 1 206 ? -11.853 8.544   -14.768 1.00 44.11 ? 206 GLU A OE1 1 
ATOM   1595 O OE2 . GLU A 1 206 ? -12.440 6.939   -16.140 1.00 43.68 ? 206 GLU A OE2 1 
ATOM   1596 N N   . ILE A 1 207 ? -12.107 5.113   -10.109 1.00 33.00 ? 207 ILE A N   1 
ATOM   1597 C CA  . ILE A 1 207 ? -13.035 4.771   -9.045  1.00 36.68 ? 207 ILE A CA  1 
ATOM   1598 C C   . ILE A 1 207 ? -14.434 4.942   -9.625  1.00 39.45 ? 207 ILE A C   1 
ATOM   1599 O O   . ILE A 1 207 ? -14.727 5.951   -10.258 1.00 39.20 ? 207 ILE A O   1 
ATOM   1600 C CB  . ILE A 1 207 ? -12.869 5.705   -7.839  1.00 36.29 ? 207 ILE A CB  1 
ATOM   1601 C CG1 . ILE A 1 207 ? -11.527 5.431   -7.156  1.00 36.25 ? 207 ILE A CG1 1 
ATOM   1602 C CG2 . ILE A 1 207 ? -14.022 5.513   -6.868  1.00 37.85 ? 207 ILE A CG2 1 
ATOM   1603 C CD1 . ILE A 1 207 ? -11.160 6.445   -6.088  1.00 36.67 ? 207 ILE A CD1 1 
ATOM   1604 N N   . PRO A 1 208 ? -15.307 3.942   -9.443  1.00 42.72 ? 208 PRO A N   1 
ATOM   1605 C CA  . PRO A 1 208 ? -16.672 4.030   -9.971  1.00 45.76 ? 208 PRO A CA  1 
ATOM   1606 C C   . PRO A 1 208 ? -17.444 5.193   -9.350  1.00 48.71 ? 208 PRO A C   1 
ATOM   1607 O O   . PRO A 1 208 ? -17.335 5.444   -8.150  1.00 49.91 ? 208 PRO A O   1 
ATOM   1608 C CB  . PRO A 1 208 ? -17.276 2.680   -9.588  1.00 45.14 ? 208 PRO A CB  1 
ATOM   1609 C CG  . PRO A 1 208 ? -16.081 1.761   -9.560  1.00 44.23 ? 208 PRO A CG  1 
ATOM   1610 C CD  . PRO A 1 208 ? -15.054 2.614   -8.856  1.00 43.78 ? 208 PRO A CD  1 
ATOM   1611 N N   . ASP A 1 209 ? -18.217 5.908   -10.164 1.00 52.00 ? 209 ASP A N   1 
ATOM   1612 C CA  . ASP A 1 209 ? -19.011 7.025   -9.652  1.00 55.16 ? 209 ASP A CA  1 
ATOM   1613 C C   . ASP A 1 209 ? -20.276 6.509   -8.957  1.00 56.18 ? 209 ASP A C   1 
ATOM   1614 O O   . ASP A 1 209 ? -20.664 5.348   -9.229  1.00 56.70 ? 209 ASP A O   1 
ATOM   1615 C CB  . ASP A 1 209 ? -19.406 7.973   -10.792 1.00 56.52 ? 209 ASP A CB  1 
ATOM   1616 C CG  . ASP A 1 209 ? -18.240 8.817   -11.284 1.00 58.24 ? 209 ASP A CG  1 
ATOM   1617 O OD1 . ASP A 1 209 ? -17.667 9.573   -10.473 1.00 58.46 ? 209 ASP A OD1 1 
ATOM   1618 O OD2 . ASP A 1 209 ? -17.900 8.727   -12.484 1.00 59.96 ? 209 ASP A OD2 1 
ATOM   1619 O OXT . ASP A 1 209 ? -20.869 7.270   -8.159  1.00 56.90 ? 209 ASP A OXT 1 
HETATM 1620 S S   . SO4 B 2 .   ? -2.230  -7.758  5.603   1.00 54.25 ? 251 SO4 A S   1 
HETATM 1621 O O1  . SO4 B 2 .   ? -2.658  -9.166  5.516   1.00 55.18 ? 251 SO4 A O1  1 
HETATM 1622 O O2  . SO4 B 2 .   ? -1.822  -7.466  6.989   1.00 54.76 ? 251 SO4 A O2  1 
HETATM 1623 O O3  . SO4 B 2 .   ? -3.353  -6.887  5.224   1.00 55.68 ? 251 SO4 A O3  1 
HETATM 1624 O O4  . SO4 B 2 .   ? -1.097  -7.514  4.687   1.00 55.34 ? 251 SO4 A O4  1 
HETATM 1625 S S   . SO4 C 2 .   ? -8.569  -2.509  2.699   1.00 62.99 ? 252 SO4 A S   1 
HETATM 1626 O O1  . SO4 C 2 .   ? -7.573  -2.947  1.704   1.00 64.03 ? 252 SO4 A O1  1 
HETATM 1627 O O2  . SO4 C 2 .   ? -9.916  -2.623  2.115   1.00 63.95 ? 252 SO4 A O2  1 
HETATM 1628 O O3  . SO4 C 2 .   ? -8.319  -1.106  3.074   1.00 63.12 ? 252 SO4 A O3  1 
HETATM 1629 O O4  . SO4 C 2 .   ? -8.470  -3.362  3.894   1.00 63.08 ? 252 SO4 A O4  1 
HETATM 1630 S S   . SO4 D 2 .   ? 2.999   -9.024  -1.986  1.00 81.83 ? 253 SO4 A S   1 
HETATM 1631 O O1  . SO4 D 2 .   ? 1.771   -9.755  -1.613  1.00 81.58 ? 253 SO4 A O1  1 
HETATM 1632 O O2  . SO4 D 2 .   ? 2.961   -7.661  -1.415  1.00 80.97 ? 253 SO4 A O2  1 
HETATM 1633 O O3  . SO4 D 2 .   ? 3.073   -8.947  -3.459  1.00 81.59 ? 253 SO4 A O3  1 
HETATM 1634 O O4  . SO4 D 2 .   ? 4.179   -9.741  -1.460  1.00 81.12 ? 253 SO4 A O4  1 
HETATM 1635 S S   . SO4 E 2 .   ? -11.638 -11.523 -9.511  1.00 82.19 ? 254 SO4 A S   1 
HETATM 1636 O O1  . SO4 E 2 .   ? -12.072 -12.190 -8.265  1.00 82.35 ? 254 SO4 A O1  1 
HETATM 1637 O O2  . SO4 E 2 .   ? -12.307 -12.150 -10.667 1.00 81.83 ? 254 SO4 A O2  1 
HETATM 1638 O O3  . SO4 E 2 .   ? -10.175 -11.664 -9.661  1.00 81.40 ? 254 SO4 A O3  1 
HETATM 1639 O O4  . SO4 E 2 .   ? -12.006 -10.094 -9.445  1.00 81.65 ? 254 SO4 A O4  1 
HETATM 1640 O O   . HOH F 3 .   ? 11.345  -2.080  -5.185  1.00 13.72 ? 301 HOH A O   1 
HETATM 1641 O O   . HOH F 3 .   ? -5.227  2.442   1.184   1.00 26.47 ? 302 HOH A O   1 
HETATM 1642 O O   . HOH F 3 .   ? -6.758  1.196   -17.642 1.00 23.12 ? 303 HOH A O   1 
HETATM 1643 O O   . HOH F 3 .   ? 2.657   -9.146  -12.456 1.00 37.16 ? 304 HOH A O   1 
HETATM 1644 O O   . HOH F 3 .   ? 4.499   5.568   -3.514  1.00 29.32 ? 305 HOH A O   1 
HETATM 1645 O O   . HOH F 3 .   ? -4.619  8.359   -12.612 1.00 29.36 ? 306 HOH A O   1 
HETATM 1646 O O   . HOH F 3 .   ? 13.110  -8.787  -1.641  1.00 25.20 ? 307 HOH A O   1 
HETATM 1647 O O   . HOH F 3 .   ? 5.657   -7.327  -11.143 1.00 31.84 ? 308 HOH A O   1 
HETATM 1648 O O   . HOH F 3 .   ? -4.207  16.611  13.488  1.00 41.48 ? 309 HOH A O   1 
HETATM 1649 O O   . HOH F 3 .   ? -7.450  7.385   -5.099  1.00 30.75 ? 310 HOH A O   1 
HETATM 1650 O O   . HOH F 3 .   ? 20.394  -5.873  -0.530  1.00 31.97 ? 311 HOH A O   1 
HETATM 1651 O O   . HOH F 3 .   ? 13.641  -9.975  4.152   1.00 23.63 ? 312 HOH A O   1 
HETATM 1652 O O   . HOH F 3 .   ? 14.692  -6.928  -2.198  1.00 28.65 ? 313 HOH A O   1 
HETATM 1653 O O   . HOH F 3 .   ? -8.539  6.325   -2.750  1.00 29.50 ? 314 HOH A O   1 
HETATM 1654 O O   . HOH F 3 .   ? 4.470   -9.158  9.974   1.00 32.04 ? 315 HOH A O   1 
HETATM 1655 O O   . HOH F 3 .   ? 19.053  -4.916  4.796   1.00 38.54 ? 316 HOH A O   1 
HETATM 1656 O O   . HOH F 3 .   ? 0.932   1.415   -22.942 1.00 34.75 ? 317 HOH A O   1 
HETATM 1657 O O   . HOH F 3 .   ? 8.229   9.398   -7.939  1.00 34.09 ? 318 HOH A O   1 
HETATM 1658 O O   . HOH F 3 .   ? -1.633  15.085  8.362   1.00 35.63 ? 319 HOH A O   1 
HETATM 1659 O O   . HOH F 3 .   ? 5.354   -9.462  7.586   1.00 30.72 ? 320 HOH A O   1 
HETATM 1660 O O   . HOH F 3 .   ? 2.231   -6.232  -5.162  1.00 26.96 ? 321 HOH A O   1 
HETATM 1661 O O   . HOH F 3 .   ? 0.919   -4.722  4.565   1.00 40.47 ? 322 HOH A O   1 
HETATM 1662 O O   . HOH F 3 .   ? 21.849  -5.055  6.733   1.00 31.95 ? 323 HOH A O   1 
HETATM 1663 O O   . HOH F 3 .   ? -8.774  8.620   -18.637 1.00 43.36 ? 324 HOH A O   1 
HETATM 1664 O O   . HOH F 3 .   ? 3.327   -11.113 -14.834 1.00 47.35 ? 325 HOH A O   1 
HETATM 1665 O O   . HOH F 3 .   ? -6.847  0.604   20.366  1.00 47.12 ? 326 HOH A O   1 
HETATM 1666 O O   . HOH F 3 .   ? -3.789  -11.918 -13.637 1.00 41.62 ? 327 HOH A O   1 
HETATM 1667 O O   . HOH F 3 .   ? 2.953   -10.537 -18.257 1.00 40.29 ? 328 HOH A O   1 
HETATM 1668 O O   . HOH F 3 .   ? 2.104   -8.324  24.955  1.00 45.84 ? 329 HOH A O   1 
HETATM 1669 O O   . HOH F 3 .   ? 8.159   6.140   17.743  1.00 35.69 ? 330 HOH A O   1 
HETATM 1670 O O   . HOH F 3 .   ? 5.496   -9.384  -13.290 1.00 45.22 ? 331 HOH A O   1 
HETATM 1671 O O   . HOH F 3 .   ? 3.105   -4.666  3.162   1.00 38.73 ? 332 HOH A O   1 
HETATM 1672 O O   . HOH F 3 .   ? -17.138 -3.478  12.022  1.00 49.89 ? 333 HOH A O   1 
HETATM 1673 O O   . HOH F 3 .   ? 12.255  -5.176  -14.797 1.00 37.32 ? 334 HOH A O   1 
HETATM 1674 O O   . HOH F 3 .   ? 7.936   -5.948  -11.788 1.00 41.06 ? 335 HOH A O   1 
HETATM 1675 O O   . HOH F 3 .   ? -14.453 2.074   6.751   1.00 43.49 ? 336 HOH A O   1 
HETATM 1676 O O   . HOH F 3 .   ? -6.983  -3.240  -5.343  1.00 37.23 ? 337 HOH A O   1 
HETATM 1677 O O   . HOH F 3 .   ? 4.230   3.309   20.385  1.00 43.55 ? 338 HOH A O   1 
HETATM 1678 O O   . HOH F 3 .   ? -1.943  7.695   -10.149 1.00 50.82 ? 339 HOH A O   1 
HETATM 1679 O O   . HOH F 3 .   ? 19.116  -8.157  7.961   1.00 35.62 ? 340 HOH A O   1 
HETATM 1680 O O   . HOH F 3 .   ? -17.441 -4.375  4.093   1.00 38.39 ? 341 HOH A O   1 
HETATM 1681 O O   . HOH F 3 .   ? 10.582  -9.717  -3.027  1.00 45.36 ? 342 HOH A O   1 
HETATM 1682 O O   . HOH F 3 .   ? 4.157   -5.800  -20.764 1.00 34.55 ? 343 HOH A O   1 
HETATM 1683 O O   . HOH F 3 .   ? 3.470   -11.777 4.959   1.00 45.46 ? 344 HOH A O   1 
HETATM 1684 O O   . HOH F 3 .   ? -9.894  -7.607  -7.951  1.00 45.33 ? 345 HOH A O   1 
HETATM 1685 O O   . HOH F 3 .   ? 9.444   12.223  2.084   1.00 48.65 ? 346 HOH A O   1 
HETATM 1686 O O   . HOH F 3 .   ? 20.541  -6.811  6.424   1.00 41.19 ? 347 HOH A O   1 
HETATM 1687 O O   . HOH F 3 .   ? -6.142  -5.874  5.472   1.00 40.69 ? 348 HOH A O   1 
HETATM 1688 O O   . HOH F 3 .   ? 14.457  -12.003 1.933   1.00 38.04 ? 349 HOH A O   1 
HETATM 1689 O O   . HOH F 3 .   ? 14.603  -11.384 -1.206  1.00 46.59 ? 350 HOH A O   1 
HETATM 1690 O O   . HOH F 3 .   ? 17.288  1.982   9.550   1.00 45.07 ? 351 HOH A O   1 
HETATM 1691 O O   . HOH F 3 .   ? -5.713  -0.843  1.704   1.00 33.58 ? 352 HOH A O   1 
HETATM 1692 O O   . HOH F 3 .   ? -10.826 9.659   -1.969  1.00 40.83 ? 353 HOH A O   1 
HETATM 1693 O O   . HOH F 3 .   ? -14.360 8.830   3.605   1.00 45.19 ? 354 HOH A O   1 
HETATM 1694 O O   . HOH F 3 .   ? -12.497 9.784   5.248   1.00 39.99 ? 355 HOH A O   1 
HETATM 1695 O O   . HOH F 3 .   ? -15.392 5.684   -13.584 1.00 47.37 ? 356 HOH A O   1 
HETATM 1696 O O   . HOH F 3 .   ? 20.426  -2.034  4.928   1.00 31.24 ? 357 HOH A O   1 
HETATM 1697 O O   . HOH F 3 .   ? 21.224  -4.562  1.321   1.00 38.35 ? 358 HOH A O   1 
HETATM 1698 O O   . HOH F 3 .   ? 8.121   -1.318  15.991  1.00 45.37 ? 359 HOH A O   1 
HETATM 1699 O O   . HOH F 3 .   ? 16.741  4.949   -5.159  1.00 47.12 ? 360 HOH A O   1 
HETATM 1700 O O   . HOH F 3 .   ? -13.541 0.242   -10.967 1.00 39.60 ? 361 HOH A O   1 
HETATM 1701 O O   . HOH F 3 .   ? -9.619  1.221   15.926  1.00 38.25 ? 362 HOH A O   1 
# 
